data_6S81
#
_entry.id   6S81
#
_cell.length_a   61.108
_cell.length_b   133.900
_cell.length_c   213.100
_cell.angle_alpha   90.000
_cell.angle_beta   90.000
_cell.angle_gamma   90.000
#
_symmetry.space_group_name_H-M   'P 21 21 21'
#
loop_
_entity.id
_entity.type
_entity.pdbx_description
1 polymer 'S-adenosylmethionine synthase'
2 non-polymer 'MANGANESE (II) ION'
3 non-polymer 'CHLORIDE ION'
4 non-polymer '2-(N-MORPHOLINO)-ETHANESULFONIC ACID'
5 water water
#
_entity_poly.entity_id   1
_entity_poly.type   'polypeptide(L)'
_entity_poly.pdbx_seq_one_letter_code
;MARNIVVEEIVRTPVEMQQVELVERKGIGHPDSIADGIAEAVSRALCREYIRRYGVILHHNTDQVEVVGGRAYPRFGGGE
VVKPIYILLSGRAVELVDQELFPVHEVAIKAAKNYLKNAIRHLDVENHVIIDSRIGQGSVDLVSVFNKARENPIPLANDT
SFGVGYAPLSETERLVLETEKLLNSEKFKKEYPAVGEDIKVMGLRRGNEIDLTIAAAIVDSEVATPKEYLEVKDKIKEAV
EELAKEITSRKVNIYVNTADDPERGIYYITVTGTSAEAGDDGSVGRGNRVNGLITPNRHMSMEAAAGKNPVSHVGKIYNI
LAMLIAEDIAKTLPVEEVYVRILSQIGKPIDQPLVASIQVIPKPGHSVKEFEKDAYSIADEWLANITKVQKMILEDKISV
F
;
_entity_poly.pdbx_strand_id   A,B,C,D
#
# COMPACT_ATOMS: atom_id res chain seq x y z
N ALA A 2 -6.41 -21.62 -47.93
CA ALA A 2 -6.28 -22.95 -47.34
C ALA A 2 -5.59 -22.89 -45.99
N ARG A 3 -6.33 -23.18 -44.93
CA ARG A 3 -5.78 -23.16 -43.58
C ARG A 3 -5.03 -24.45 -43.31
N ASN A 4 -3.91 -24.34 -42.57
CA ASN A 4 -3.02 -25.48 -42.36
C ASN A 4 -3.55 -26.36 -41.23
N ILE A 5 -4.70 -26.96 -41.48
CA ILE A 5 -5.37 -27.85 -40.54
C ILE A 5 -4.96 -29.28 -40.87
N VAL A 6 -4.52 -30.03 -39.87
CA VAL A 6 -4.04 -31.39 -40.05
C VAL A 6 -4.83 -32.30 -39.13
N VAL A 7 -5.58 -33.22 -39.72
CA VAL A 7 -6.36 -34.20 -38.98
C VAL A 7 -5.63 -35.52 -39.04
N GLU A 8 -5.33 -36.10 -37.89
CA GLU A 8 -4.60 -37.36 -37.85
C GLU A 8 -5.11 -38.22 -36.71
N GLU A 9 -5.05 -39.52 -36.92
CA GLU A 9 -5.38 -40.47 -35.87
C GLU A 9 -4.19 -40.66 -34.95
N ILE A 10 -4.47 -40.77 -33.66
CA ILE A 10 -3.45 -41.13 -32.69
C ILE A 10 -3.89 -42.42 -32.00
N VAL A 11 -2.90 -43.22 -31.61
CA VAL A 11 -3.14 -44.44 -30.85
C VAL A 11 -2.56 -44.23 -29.46
N ARG A 12 -3.43 -44.25 -28.45
CA ARG A 12 -3.00 -44.10 -27.07
C ARG A 12 -4.12 -44.59 -26.17
N THR A 13 -3.74 -45.01 -24.97
CA THR A 13 -4.74 -45.41 -23.98
C THR A 13 -5.66 -44.23 -23.66
N PRO A 14 -6.96 -44.33 -23.94
CA PRO A 14 -7.89 -43.25 -23.55
C PRO A 14 -7.88 -43.04 -22.04
N VAL A 15 -8.13 -41.79 -21.64
CA VAL A 15 -8.14 -41.48 -20.21
C VAL A 15 -9.11 -42.38 -19.45
N GLU A 16 -10.28 -42.67 -20.03
CA GLU A 16 -11.26 -43.51 -19.33
C GLU A 16 -10.77 -44.93 -19.10
N MET A 17 -9.80 -45.40 -19.88
CA MET A 17 -9.25 -46.75 -19.71
CA MET A 17 -9.26 -46.75 -19.70
C MET A 17 -7.99 -46.77 -18.86
N GLN A 18 -7.43 -45.62 -18.52
CA GLN A 18 -6.31 -45.57 -17.59
C GLN A 18 -6.79 -45.95 -16.20
N GLN A 19 -5.87 -46.51 -15.40
CA GLN A 19 -6.26 -47.02 -14.09
C GLN A 19 -6.51 -45.89 -13.10
N VAL A 20 -5.69 -44.84 -13.13
CA VAL A 20 -5.78 -43.76 -12.16
C VAL A 20 -5.96 -42.42 -12.88
N GLU A 21 -6.98 -41.68 -12.47
CA GLU A 21 -7.31 -40.37 -13.03
C GLU A 21 -7.56 -39.39 -11.90
N LEU A 22 -6.98 -38.20 -12.00
CA LEU A 22 -7.07 -37.13 -11.00
C LEU A 22 -7.63 -35.88 -11.65
N VAL A 23 -8.65 -35.27 -11.03
CA VAL A 23 -9.28 -34.06 -11.55
C VAL A 23 -9.60 -33.13 -10.38
N GLU A 24 -9.37 -31.82 -10.56
CA GLU A 24 -9.64 -30.83 -9.53
C GLU A 24 -10.38 -29.64 -10.12
N ARG A 25 -11.26 -29.03 -9.32
CA ARG A 25 -11.86 -27.76 -9.70
C ARG A 25 -11.90 -26.85 -8.48
N LYS A 26 -11.43 -25.63 -8.67
CA LYS A 26 -11.55 -24.57 -7.67
C LYS A 26 -12.81 -23.76 -7.97
N GLY A 27 -13.77 -23.79 -7.05
CA GLY A 27 -15.04 -23.15 -7.27
C GLY A 27 -14.94 -21.62 -7.18
N ILE A 28 -16.09 -20.98 -7.42
CA ILE A 28 -16.13 -19.54 -7.70
C ILE A 28 -15.54 -18.74 -6.55
N GLY A 29 -15.78 -19.16 -5.31
CA GLY A 29 -15.35 -18.46 -4.12
C GLY A 29 -13.99 -18.84 -3.60
N HIS A 30 -13.29 -19.76 -4.28
CA HIS A 30 -11.92 -20.06 -3.92
C HIS A 30 -11.03 -18.85 -4.23
N PRO A 31 -10.08 -18.51 -3.35
CA PRO A 31 -9.30 -17.28 -3.58
C PRO A 31 -8.65 -17.18 -4.95
N ASP A 32 -8.12 -18.28 -5.47
CA ASP A 32 -7.53 -18.26 -6.81
C ASP A 32 -8.57 -17.97 -7.88
N SER A 33 -9.76 -18.56 -7.74
CA SER A 33 -10.82 -18.29 -8.71
C SER A 33 -11.38 -16.89 -8.53
N ILE A 34 -11.35 -16.35 -7.32
CA ILE A 34 -11.72 -14.95 -7.12
C ILE A 34 -10.77 -14.05 -7.92
N ALA A 35 -9.46 -14.31 -7.82
CA ALA A 35 -8.49 -13.55 -8.59
C ALA A 35 -8.77 -13.65 -10.09
N ASP A 36 -8.96 -14.88 -10.59
CA ASP A 36 -9.29 -15.05 -12.01
C ASP A 36 -10.54 -14.28 -12.38
N GLY A 37 -11.59 -14.42 -11.57
CA GLY A 37 -12.86 -13.80 -11.90
C GLY A 37 -12.78 -12.28 -11.93
N ILE A 38 -12.07 -11.70 -10.95
CA ILE A 38 -11.86 -10.25 -10.95
C ILE A 38 -11.07 -9.84 -12.18
N ALA A 39 -9.98 -10.54 -12.47
CA ALA A 39 -9.16 -10.21 -13.64
C ALA A 39 -10.00 -10.15 -14.90
N GLU A 40 -10.85 -11.15 -15.11
CA GLU A 40 -11.66 -11.17 -16.32
C GLU A 40 -12.76 -10.12 -16.27
N ALA A 41 -13.35 -9.92 -15.08
CA ALA A 41 -14.38 -8.90 -14.93
C ALA A 41 -13.84 -7.49 -15.22
N VAL A 42 -12.62 -7.21 -14.76
CA VAL A 42 -11.98 -5.92 -15.05
C VAL A 42 -11.75 -5.76 -16.54
N SER A 43 -11.22 -6.80 -17.19
CA SER A 43 -10.95 -6.72 -18.62
C SER A 43 -12.23 -6.42 -19.40
N ARG A 44 -13.31 -7.15 -19.11
CA ARG A 44 -14.54 -6.95 -19.86
C ARG A 44 -15.13 -5.58 -19.59
N ALA A 45 -14.99 -5.06 -18.37
CA ALA A 45 -15.48 -3.71 -18.09
C ALA A 45 -14.66 -2.67 -18.85
N LEU A 46 -13.34 -2.87 -18.94
CA LEU A 46 -12.52 -1.96 -19.72
C LEU A 46 -12.90 -2.02 -21.19
N CYS A 47 -13.09 -3.22 -21.74
CA CYS A 47 -13.52 -3.36 -23.12
C CYS A 47 -14.79 -2.56 -23.38
N ARG A 48 -15.80 -2.73 -22.54
CA ARG A 48 -17.09 -2.10 -22.77
C ARG A 48 -16.98 -0.58 -22.71
N GLU A 49 -16.16 -0.06 -21.79
CA GLU A 49 -16.04 1.38 -21.64
C GLU A 49 -15.17 2.01 -22.72
N TYR A 50 -14.13 1.31 -23.18
CA TYR A 50 -13.39 1.77 -24.36
C TYR A 50 -14.32 1.88 -25.57
N ILE A 51 -15.15 0.85 -25.79
CA ILE A 51 -16.11 0.89 -26.89
C ILE A 51 -17.06 2.06 -26.73
N ARG A 52 -17.63 2.20 -25.52
CA ARG A 52 -18.62 3.25 -25.29
C ARG A 52 -18.06 4.63 -25.60
N ARG A 53 -16.77 4.85 -25.32
CA ARG A 53 -16.19 6.17 -25.50
C ARG A 53 -15.54 6.37 -26.86
N TYR A 54 -14.96 5.33 -27.44
CA TYR A 54 -14.16 5.49 -28.66
C TYR A 54 -14.56 4.57 -29.80
N GLY A 55 -15.50 3.64 -29.59
CA GLY A 55 -15.91 2.74 -30.64
C GLY A 55 -14.97 1.59 -30.89
N VAL A 56 -13.86 1.50 -30.14
CA VAL A 56 -12.88 0.44 -30.31
C VAL A 56 -12.35 0.04 -28.94
N ILE A 57 -11.91 -1.20 -28.83
CA ILE A 57 -11.25 -1.67 -27.63
C ILE A 57 -9.78 -1.26 -27.70
N LEU A 58 -9.29 -0.63 -26.64
CA LEU A 58 -7.88 -0.26 -26.56
C LEU A 58 -7.11 -1.31 -25.77
N HIS A 59 -5.80 -1.29 -25.94
CA HIS A 59 -4.97 -2.37 -25.43
C HIS A 59 -4.95 -2.36 -23.90
N HIS A 60 -4.98 -3.55 -23.32
CA HIS A 60 -4.98 -3.71 -21.88
C HIS A 60 -4.68 -5.17 -21.57
N ASN A 61 -4.16 -5.39 -20.36
CA ASN A 61 -4.06 -6.74 -19.80
C ASN A 61 -4.22 -6.60 -18.29
N THR A 62 -5.23 -7.27 -17.73
CA THR A 62 -5.48 -7.21 -16.30
C THR A 62 -5.40 -8.61 -15.69
N ASP A 63 -4.51 -9.44 -16.24
CA ASP A 63 -4.23 -10.81 -15.78
C ASP A 63 -3.28 -10.86 -14.60
N GLN A 64 -3.41 -9.90 -13.68
CA GLN A 64 -2.59 -9.83 -12.47
C GLN A 64 -3.49 -9.29 -11.36
N VAL A 65 -3.85 -10.18 -10.44
CA VAL A 65 -4.70 -9.82 -9.31
C VAL A 65 -4.18 -10.59 -8.11
N GLU A 66 -4.01 -9.90 -7.00
CA GLU A 66 -3.52 -10.50 -5.77
C GLU A 66 -4.63 -10.37 -4.72
N VAL A 67 -5.08 -11.51 -4.21
CA VAL A 67 -6.07 -11.56 -3.13
C VAL A 67 -5.30 -11.87 -1.86
N VAL A 68 -5.24 -10.91 -0.95
CA VAL A 68 -4.53 -11.07 0.31
C VAL A 68 -5.57 -11.29 1.41
N GLY A 69 -5.51 -12.46 2.01
CA GLY A 69 -6.58 -12.86 2.92
C GLY A 69 -6.64 -11.99 4.16
N GLY A 70 -7.83 -11.93 4.74
CA GLY A 70 -8.06 -11.17 5.95
C GLY A 70 -7.95 -12.03 7.19
N ARG A 71 -8.68 -11.61 8.23
CA ARG A 71 -8.82 -12.36 9.46
C ARG A 71 -10.29 -12.35 9.85
N ALA A 72 -10.73 -13.44 10.49
CA ALA A 72 -12.13 -13.57 10.85
C ALA A 72 -12.27 -14.49 12.04
N TYR A 73 -13.36 -14.29 12.78
CA TYR A 73 -13.76 -15.15 13.89
C TYR A 73 -15.16 -15.69 13.60
N PRO A 74 -15.26 -16.81 12.88
CA PRO A 74 -16.59 -17.40 12.67
C PRO A 74 -17.18 -17.96 13.96
N ARG A 75 -18.50 -17.92 14.04
CA ARG A 75 -19.24 -18.38 15.20
C ARG A 75 -20.58 -18.92 14.72
N PHE A 76 -20.98 -20.06 15.26
CA PHE A 76 -22.32 -20.57 14.98
C PHE A 76 -23.34 -19.49 15.32
N GLY A 77 -24.26 -19.24 14.39
CA GLY A 77 -25.20 -18.16 14.50
C GLY A 77 -24.74 -16.86 13.89
N GLY A 78 -23.44 -16.72 13.60
CA GLY A 78 -22.94 -15.53 12.95
C GLY A 78 -21.70 -14.95 13.62
N GLY A 79 -20.57 -14.99 12.93
CA GLY A 79 -19.32 -14.42 13.40
C GLY A 79 -19.10 -13.02 12.90
N GLU A 80 -17.82 -12.62 12.83
CA GLU A 80 -17.48 -11.32 12.31
C GLU A 80 -16.13 -11.39 11.60
N VAL A 81 -16.02 -10.62 10.53
CA VAL A 81 -14.73 -10.35 9.90
C VAL A 81 -13.98 -9.35 10.76
N VAL A 82 -12.70 -9.63 11.02
CA VAL A 82 -11.90 -8.82 11.95
C VAL A 82 -10.93 -7.91 11.20
N LYS A 83 -10.44 -8.38 10.05
CA LYS A 83 -9.52 -7.61 9.25
C LYS A 83 -9.94 -7.82 7.80
N PRO A 84 -10.02 -6.78 6.99
CA PRO A 84 -10.56 -6.96 5.64
C PRO A 84 -9.59 -7.67 4.71
N ILE A 85 -10.17 -8.31 3.70
CA ILE A 85 -9.42 -8.81 2.55
C ILE A 85 -8.89 -7.63 1.74
N TYR A 86 -7.64 -7.73 1.31
CA TYR A 86 -7.01 -6.70 0.48
C TYR A 86 -6.76 -7.27 -0.91
N ILE A 87 -7.19 -6.54 -1.93
CA ILE A 87 -7.04 -6.98 -3.31
C ILE A 87 -6.29 -5.91 -4.09
N LEU A 88 -5.19 -6.31 -4.72
CA LEU A 88 -4.42 -5.43 -5.59
C LEU A 88 -4.70 -5.80 -7.05
N LEU A 89 -5.18 -4.83 -7.81
CA LEU A 89 -5.35 -4.98 -9.26
C LEU A 89 -4.09 -4.48 -9.94
N SER A 90 -3.57 -5.26 -10.88
CA SER A 90 -2.37 -4.90 -11.61
C SER A 90 -2.59 -5.22 -13.08
N GLY A 91 -1.51 -5.13 -13.85
CA GLY A 91 -1.60 -5.24 -15.29
C GLY A 91 -1.32 -3.92 -15.97
N ARG A 92 -1.92 -3.69 -17.13
CA ARG A 92 -1.66 -2.47 -17.88
C ARG A 92 -2.90 -2.11 -18.69
N ALA A 93 -3.16 -0.82 -18.84
CA ALA A 93 -4.28 -0.37 -19.65
C ALA A 93 -3.97 1.02 -20.19
N VAL A 94 -4.54 1.31 -21.36
CA VAL A 94 -4.39 2.64 -21.94
C VAL A 94 -5.16 3.62 -21.07
N GLU A 95 -4.46 4.64 -20.58
CA GLU A 95 -5.05 5.65 -19.73
C GLU A 95 -5.06 7.03 -20.36
N LEU A 96 -4.10 7.33 -21.23
CA LEU A 96 -4.04 8.61 -21.94
C LEU A 96 -4.45 8.35 -23.37
N VAL A 97 -5.60 8.90 -23.76
CA VAL A 97 -6.16 8.71 -25.11
C VAL A 97 -6.15 10.09 -25.76
N ASP A 98 -5.16 10.33 -26.62
CA ASP A 98 -4.99 11.63 -27.26
C ASP A 98 -4.96 12.75 -26.22
N GLN A 99 -4.08 12.58 -25.23
CA GLN A 99 -3.78 13.54 -24.18
C GLN A 99 -4.91 13.71 -23.16
N GLU A 100 -6.07 13.10 -23.39
CA GLU A 100 -7.14 13.10 -22.40
C GLU A 100 -7.11 11.80 -21.60
N LEU A 101 -7.67 11.86 -20.40
CA LEU A 101 -7.51 10.81 -19.40
C LEU A 101 -8.68 9.85 -19.39
N PHE A 102 -8.39 8.54 -19.47
CA PHE A 102 -9.40 7.49 -19.41
C PHE A 102 -9.44 6.90 -18.00
N PRO A 103 -10.61 6.72 -17.39
CA PRO A 103 -10.69 6.35 -15.96
C PRO A 103 -10.41 4.87 -15.69
N VAL A 104 -9.20 4.43 -16.01
CA VAL A 104 -8.83 3.02 -15.82
C VAL A 104 -9.17 2.56 -14.41
N HIS A 105 -8.65 3.27 -13.40
CA HIS A 105 -8.74 2.77 -12.04
C HIS A 105 -10.17 2.77 -11.53
N GLU A 106 -10.95 3.77 -11.90
CA GLU A 106 -12.37 3.80 -11.53
C GLU A 106 -13.12 2.62 -12.14
N VAL A 107 -12.94 2.41 -13.45
CA VAL A 107 -13.60 1.28 -14.11
C VAL A 107 -13.18 -0.04 -13.47
N ALA A 108 -11.88 -0.19 -13.22
CA ALA A 108 -11.37 -1.46 -12.71
C ALA A 108 -11.88 -1.75 -11.31
N ILE A 109 -11.83 -0.76 -10.42
CA ILE A 109 -12.27 -0.98 -9.04
C ILE A 109 -13.77 -1.27 -9.00
N LYS A 110 -14.55 -0.49 -9.76
CA LYS A 110 -15.98 -0.73 -9.84
CA LYS A 110 -15.98 -0.73 -9.84
C LYS A 110 -16.28 -2.13 -10.35
N ALA A 111 -15.56 -2.58 -11.39
CA ALA A 111 -15.79 -3.90 -11.95
C ALA A 111 -15.45 -4.99 -10.93
N ALA A 112 -14.34 -4.81 -10.21
CA ALA A 112 -13.94 -5.80 -9.21
C ALA A 112 -14.97 -5.89 -8.09
N LYS A 113 -15.45 -4.75 -7.60
CA LYS A 113 -16.45 -4.77 -6.55
C LYS A 113 -17.76 -5.40 -7.04
N ASN A 114 -18.20 -5.07 -8.25
CA ASN A 114 -19.44 -5.66 -8.78
C ASN A 114 -19.32 -7.17 -8.93
N TYR A 115 -18.16 -7.66 -9.38
CA TYR A 115 -17.98 -9.11 -9.52
C TYR A 115 -18.12 -9.81 -8.17
N LEU A 116 -17.43 -9.29 -7.15
CA LEU A 116 -17.50 -9.88 -5.82
C LEU A 116 -18.92 -9.84 -5.27
N LYS A 117 -19.61 -8.72 -5.44
CA LYS A 117 -20.97 -8.60 -4.92
C LYS A 117 -21.86 -9.69 -5.48
N ASN A 118 -21.75 -9.96 -6.79
CA ASN A 118 -22.60 -10.94 -7.42
C ASN A 118 -22.12 -12.37 -7.21
N ALA A 119 -20.82 -12.57 -6.96
CA ALA A 119 -20.29 -13.92 -6.88
C ALA A 119 -20.35 -14.49 -5.47
N ILE A 120 -20.17 -13.68 -4.43
CA ILE A 120 -20.07 -14.16 -3.05
CA ILE A 120 -20.07 -14.16 -3.05
C ILE A 120 -21.21 -13.50 -2.28
N ARG A 121 -22.28 -14.28 -2.04
CA ARG A 121 -23.53 -13.71 -1.55
C ARG A 121 -23.40 -13.05 -0.18
N HIS A 122 -22.64 -13.66 0.73
CA HIS A 122 -22.57 -13.17 2.11
C HIS A 122 -21.36 -12.27 2.36
N LEU A 123 -20.69 -11.80 1.31
CA LEU A 123 -19.56 -10.90 1.45
C LEU A 123 -20.04 -9.46 1.40
N ASP A 124 -19.68 -8.68 2.42
CA ASP A 124 -19.98 -7.24 2.49
C ASP A 124 -18.78 -6.50 1.89
N VAL A 125 -18.88 -6.18 0.59
CA VAL A 125 -17.71 -5.70 -0.14
C VAL A 125 -17.24 -4.36 0.41
N GLU A 126 -18.15 -3.46 0.76
CA GLU A 126 -17.71 -2.15 1.23
C GLU A 126 -16.94 -2.22 2.54
N ASN A 127 -17.25 -3.21 3.39
CA ASN A 127 -16.62 -3.26 4.70
C ASN A 127 -15.64 -4.42 4.87
N HIS A 128 -15.80 -5.51 4.11
CA HIS A 128 -14.92 -6.66 4.24
C HIS A 128 -13.74 -6.67 3.27
N VAL A 129 -13.71 -5.75 2.31
CA VAL A 129 -12.72 -5.77 1.24
C VAL A 129 -12.13 -4.38 1.03
N ILE A 130 -10.82 -4.32 0.85
CA ILE A 130 -10.11 -3.15 0.33
C ILE A 130 -9.63 -3.50 -1.07
N ILE A 131 -9.99 -2.68 -2.06
CA ILE A 131 -9.50 -2.88 -3.42
C ILE A 131 -8.67 -1.67 -3.81
N ASP A 132 -7.41 -1.92 -4.16
CA ASP A 132 -6.52 -0.90 -4.68
C ASP A 132 -6.06 -1.28 -6.08
N SER A 133 -5.66 -0.29 -6.84
CA SER A 133 -5.25 -0.50 -8.22
C SER A 133 -3.87 0.08 -8.46
N ARG A 134 -3.00 -0.73 -9.06
CA ARG A 134 -1.72 -0.26 -9.56
CA ARG A 134 -1.72 -0.26 -9.56
C ARG A 134 -1.56 -0.59 -11.03
N ILE A 135 -2.68 -0.59 -11.77
CA ILE A 135 -2.64 -0.91 -13.19
C ILE A 135 -1.77 0.11 -13.91
N GLY A 136 -0.83 -0.39 -14.70
CA GLY A 136 0.12 0.47 -15.39
C GLY A 136 -0.55 1.34 -16.43
N GLN A 137 0.11 2.46 -16.70
CA GLN A 137 -0.47 3.56 -17.47
C GLN A 137 0.02 3.47 -18.92
N GLY A 138 -0.93 3.38 -19.85
CA GLY A 138 -0.63 3.32 -21.26
C GLY A 138 -1.12 4.58 -21.98
N SER A 139 -0.68 4.71 -23.23
CA SER A 139 -1.03 5.87 -24.03
C SER A 139 -1.18 5.43 -25.48
N VAL A 140 -2.06 6.13 -26.21
CA VAL A 140 -2.31 5.83 -27.62
C VAL A 140 -2.85 7.08 -28.28
N ASP A 141 -2.70 7.15 -29.60
CA ASP A 141 -3.37 8.15 -30.42
C ASP A 141 -4.36 7.45 -31.35
N LEU A 142 -5.61 7.87 -31.29
CA LEU A 142 -6.67 7.21 -32.05
C LEU A 142 -6.51 7.47 -33.55
N ILE A 154 -8.22 -8.49 -39.66
CA ILE A 154 -7.86 -9.59 -38.78
C ILE A 154 -6.39 -9.43 -38.38
N PRO A 155 -6.11 -9.36 -37.07
CA PRO A 155 -4.74 -9.05 -36.63
C PRO A 155 -3.72 -10.09 -37.08
N LEU A 156 -2.51 -9.62 -37.33
CA LEU A 156 -1.38 -10.48 -37.63
C LEU A 156 -0.73 -11.01 -36.35
N ALA A 157 -0.15 -12.20 -36.44
CA ALA A 157 0.55 -12.78 -35.31
C ALA A 157 1.92 -12.13 -35.15
N ASN A 158 2.24 -11.72 -33.92
CA ASN A 158 3.52 -11.11 -33.59
C ASN A 158 4.45 -12.07 -32.87
N ASP A 159 3.97 -13.25 -32.50
CA ASP A 159 4.71 -14.24 -31.73
C ASP A 159 4.21 -15.61 -32.19
N THR A 160 4.82 -16.65 -31.63
CA THR A 160 4.28 -18.01 -31.76
C THR A 160 3.43 -18.26 -30.53
N SER A 161 2.11 -18.16 -30.69
CA SER A 161 1.19 -18.35 -29.58
C SER A 161 0.54 -19.72 -29.72
N PHE A 162 0.08 -20.25 -28.60
CA PHE A 162 -0.37 -21.63 -28.54
C PHE A 162 -1.69 -21.77 -27.79
N GLY A 163 -2.58 -22.60 -28.30
CA GLY A 163 -3.73 -23.05 -27.54
C GLY A 163 -3.91 -24.55 -27.66
N VAL A 164 -4.46 -25.15 -26.61
CA VAL A 164 -4.67 -26.59 -26.56
C VAL A 164 -6.01 -26.86 -25.87
N GLY A 165 -6.81 -27.74 -26.46
CA GLY A 165 -8.08 -28.12 -25.88
C GLY A 165 -8.40 -29.56 -26.22
N TYR A 166 -9.45 -30.08 -25.60
CA TYR A 166 -9.79 -31.48 -25.82
C TYR A 166 -11.27 -31.72 -25.48
N ALA A 167 -11.77 -32.85 -25.94
CA ALA A 167 -13.14 -33.28 -25.68
C ALA A 167 -13.26 -34.75 -26.08
N PRO A 168 -14.26 -35.47 -25.54
CA PRO A 168 -15.23 -35.01 -24.53
C PRO A 168 -14.66 -35.17 -23.13
N LEU A 169 -15.40 -34.69 -22.14
CA LEU A 169 -14.99 -34.88 -20.76
C LEU A 169 -15.23 -36.32 -20.33
N SER A 170 -14.33 -36.84 -19.49
CA SER A 170 -14.51 -38.15 -18.89
C SER A 170 -15.58 -38.09 -17.81
N GLU A 171 -15.96 -39.27 -17.31
CA GLU A 171 -16.92 -39.31 -16.22
C GLU A 171 -16.41 -38.56 -15.00
N THR A 172 -15.14 -38.74 -14.65
CA THR A 172 -14.58 -38.07 -13.48
C THR A 172 -14.51 -36.56 -13.70
N GLU A 173 -14.14 -36.13 -14.90
CA GLU A 173 -14.10 -34.71 -15.23
C GLU A 173 -15.49 -34.10 -15.11
N ARG A 174 -16.49 -34.79 -15.66
CA ARG A 174 -17.87 -34.32 -15.60
C ARG A 174 -18.36 -34.25 -14.16
N LEU A 175 -18.03 -35.27 -13.36
CA LEU A 175 -18.48 -35.29 -11.98
C LEU A 175 -17.89 -34.12 -11.19
N VAL A 176 -16.59 -33.88 -11.35
CA VAL A 176 -15.94 -32.79 -10.62
C VAL A 176 -16.51 -31.45 -11.07
N LEU A 177 -16.61 -31.25 -12.37
CA LEU A 177 -17.13 -30.00 -12.90
C LEU A 177 -18.55 -29.73 -12.41
N GLU A 178 -19.43 -30.73 -12.58
CA GLU A 178 -20.85 -30.54 -12.28
C GLU A 178 -21.14 -30.54 -10.79
N THR A 179 -20.27 -31.14 -9.98
CA THR A 179 -20.45 -31.05 -8.53
C THR A 179 -20.32 -29.59 -8.08
N GLU A 180 -19.27 -28.91 -8.54
CA GLU A 180 -19.09 -27.50 -8.16
C GLU A 180 -20.19 -26.63 -8.76
N LYS A 181 -20.54 -26.86 -10.03
CA LYS A 181 -21.59 -26.06 -10.66
C LYS A 181 -22.93 -26.26 -9.94
N LEU A 182 -23.23 -27.48 -9.51
CA LEU A 182 -24.47 -27.72 -8.78
C LEU A 182 -24.48 -26.96 -7.46
N LEU A 183 -23.44 -27.14 -6.65
CA LEU A 183 -23.43 -26.57 -5.30
C LEU A 183 -23.39 -25.04 -5.31
N ASN A 184 -22.89 -24.43 -6.39
CA ASN A 184 -22.87 -22.97 -6.51
C ASN A 184 -23.94 -22.43 -7.45
N SER A 185 -24.87 -23.27 -7.90
CA SER A 185 -25.97 -22.82 -8.72
C SER A 185 -27.00 -22.08 -7.87
N GLU A 186 -27.71 -21.14 -8.48
CA GLU A 186 -28.69 -20.35 -7.76
C GLU A 186 -29.78 -21.24 -7.16
N LYS A 187 -30.23 -22.24 -7.94
CA LYS A 187 -31.28 -23.13 -7.48
C LYS A 187 -30.86 -23.86 -6.20
N PHE A 188 -29.64 -24.38 -6.17
CA PHE A 188 -29.16 -25.05 -4.96
C PHE A 188 -28.97 -24.07 -3.82
N LYS A 189 -28.40 -22.89 -4.11
CA LYS A 189 -28.16 -21.89 -3.08
C LYS A 189 -29.46 -21.43 -2.45
N LYS A 190 -30.52 -21.34 -3.24
CA LYS A 190 -31.81 -20.90 -2.70
C LYS A 190 -32.33 -21.90 -1.69
N GLU A 191 -32.14 -23.20 -1.96
CA GLU A 191 -32.60 -24.23 -1.04
C GLU A 191 -31.67 -24.40 0.15
N TYR A 192 -30.36 -24.19 -0.03
CA TYR A 192 -29.36 -24.41 1.01
C TYR A 192 -28.45 -23.19 1.09
N PRO A 193 -28.97 -22.07 1.61
CA PRO A 193 -28.17 -20.84 1.67
C PRO A 193 -26.94 -20.93 2.56
N ALA A 194 -26.83 -21.96 3.40
CA ALA A 194 -25.66 -22.10 4.25
C ALA A 194 -24.41 -22.49 3.48
N VAL A 195 -24.56 -22.96 2.24
CA VAL A 195 -23.43 -23.43 1.46
C VAL A 195 -22.78 -22.24 0.77
N GLY A 196 -21.58 -21.89 1.21
CA GLY A 196 -20.81 -20.81 0.61
C GLY A 196 -20.29 -21.15 -0.78
N GLU A 197 -19.58 -20.18 -1.35
CA GLU A 197 -19.09 -20.29 -2.72
C GLU A 197 -17.69 -20.86 -2.82
N ASP A 198 -16.94 -20.89 -1.72
CA ASP A 198 -15.58 -21.42 -1.73
C ASP A 198 -15.67 -22.93 -1.61
N ILE A 199 -15.73 -23.58 -2.77
CA ILE A 199 -15.90 -25.02 -2.89
C ILE A 199 -14.75 -25.53 -3.74
N LYS A 200 -13.96 -26.45 -3.19
CA LYS A 200 -12.89 -27.10 -3.92
C LYS A 200 -13.22 -28.58 -4.04
N VAL A 201 -13.17 -29.11 -5.26
CA VAL A 201 -13.58 -30.48 -5.52
C VAL A 201 -12.39 -31.23 -6.11
N MET A 202 -12.07 -32.39 -5.52
CA MET A 202 -11.02 -33.26 -6.02
C MET A 202 -11.62 -34.62 -6.31
N GLY A 203 -11.41 -35.10 -7.53
CA GLY A 203 -11.86 -36.42 -7.95
C GLY A 203 -10.68 -37.34 -8.20
N LEU A 204 -10.70 -38.51 -7.56
CA LEU A 204 -9.73 -39.57 -7.77
C LEU A 204 -10.45 -40.82 -8.24
N ARG A 205 -10.16 -41.25 -9.46
CA ARG A 205 -10.68 -42.53 -9.97
C ARG A 205 -9.56 -43.56 -9.92
N ARG A 206 -9.87 -44.71 -9.35
CA ARG A 206 -9.02 -45.90 -9.44
C ARG A 206 -9.89 -47.01 -10.01
N GLY A 207 -9.62 -47.39 -11.25
CA GLY A 207 -10.42 -48.40 -11.92
C GLY A 207 -11.85 -47.91 -12.08
N ASN A 208 -12.80 -48.66 -11.52
CA ASN A 208 -14.22 -48.31 -11.60
C ASN A 208 -14.76 -47.81 -10.25
N GLU A 209 -13.90 -47.15 -9.47
CA GLU A 209 -14.30 -46.54 -8.22
C GLU A 209 -13.75 -45.12 -8.17
N ILE A 210 -14.60 -44.16 -7.82
CA ILE A 210 -14.25 -42.75 -7.76
C ILE A 210 -14.42 -42.26 -6.33
N ASP A 211 -13.38 -41.61 -5.80
CA ASP A 211 -13.43 -40.90 -4.53
C ASP A 211 -13.56 -39.42 -4.81
N LEU A 212 -14.59 -38.78 -4.27
CA LEU A 212 -14.84 -37.36 -4.51
C LEU A 212 -14.76 -36.63 -3.17
N THR A 213 -13.80 -35.72 -3.05
CA THR A 213 -13.63 -34.93 -1.83
C THR A 213 -14.05 -33.50 -2.10
N ILE A 214 -14.90 -32.96 -1.24
CA ILE A 214 -15.47 -31.64 -1.41
C ILE A 214 -15.15 -30.84 -0.16
N ALA A 215 -14.47 -29.72 -0.33
CA ALA A 215 -14.22 -28.76 0.75
C ALA A 215 -15.11 -27.55 0.46
N ALA A 216 -16.19 -27.41 1.23
CA ALA A 216 -17.19 -26.39 0.99
C ALA A 216 -17.34 -25.52 2.23
N ALA A 217 -17.03 -24.23 2.08
CA ALA A 217 -17.20 -23.30 3.19
C ALA A 217 -18.68 -23.10 3.49
N ILE A 218 -19.06 -23.31 4.74
CA ILE A 218 -20.43 -23.10 5.22
C ILE A 218 -20.51 -21.73 5.89
N VAL A 219 -21.64 -21.05 5.71
CA VAL A 219 -21.83 -19.68 6.18
C VAL A 219 -22.40 -19.73 7.59
N ASP A 220 -21.66 -19.16 8.55
CA ASP A 220 -21.99 -19.41 9.95
C ASP A 220 -23.27 -18.74 10.40
N SER A 221 -23.74 -17.70 9.70
CA SER A 221 -25.02 -17.09 10.03
C SER A 221 -26.20 -17.94 9.60
N GLU A 222 -25.99 -18.97 8.80
CA GLU A 222 -27.06 -19.82 8.29
C GLU A 222 -27.14 -21.15 9.04
N VAL A 223 -26.25 -21.41 9.99
CA VAL A 223 -26.27 -22.63 10.78
C VAL A 223 -26.17 -22.20 12.24
N ALA A 224 -27.23 -22.47 13.01
CA ALA A 224 -27.28 -22.03 14.40
C ALA A 224 -26.50 -22.93 15.33
N THR A 225 -26.22 -24.18 14.93
CA THR A 225 -25.63 -25.16 15.83
C THR A 225 -24.73 -26.07 15.02
N PRO A 226 -23.81 -26.79 15.68
CA PRO A 226 -23.12 -27.90 15.00
C PRO A 226 -24.09 -28.87 14.36
N LYS A 227 -25.24 -29.13 15.00
CA LYS A 227 -26.20 -30.09 14.46
C LYS A 227 -26.67 -29.63 13.08
N GLU A 228 -27.02 -28.34 12.96
CA GLU A 228 -27.43 -27.81 11.66
C GLU A 228 -26.29 -27.86 10.65
N TYR A 229 -25.05 -27.63 11.12
CA TYR A 229 -23.90 -27.71 10.22
C TYR A 229 -23.78 -29.12 9.64
N LEU A 230 -23.88 -30.15 10.48
CA LEU A 230 -23.78 -31.52 9.99
C LEU A 230 -24.93 -31.86 9.05
N GLU A 231 -26.12 -31.32 9.31
CA GLU A 231 -27.24 -31.55 8.42
C GLU A 231 -26.98 -30.95 7.05
N VAL A 232 -26.33 -29.78 7.01
CA VAL A 232 -25.99 -29.16 5.74
C VAL A 232 -24.98 -30.00 4.98
N LYS A 233 -24.00 -30.56 5.69
N LYS A 233 -24.01 -30.57 5.70
CA LYS A 233 -23.03 -31.42 5.01
CA LYS A 233 -23.01 -31.41 5.08
C LYS A 233 -23.70 -32.67 4.45
C LYS A 233 -23.64 -32.69 4.51
N ASP A 234 -24.66 -33.22 5.18
CA ASP A 234 -25.37 -34.39 4.67
C ASP A 234 -26.20 -34.04 3.45
N LYS A 235 -26.77 -32.84 3.41
CA LYS A 235 -27.53 -32.42 2.23
C LYS A 235 -26.62 -32.21 1.03
N ILE A 236 -25.41 -31.71 1.25
CA ILE A 236 -24.42 -31.66 0.18
C ILE A 236 -24.14 -33.07 -0.32
N LYS A 237 -23.85 -33.99 0.61
CA LYS A 237 -23.52 -35.36 0.22
C LYS A 237 -24.66 -36.01 -0.54
N GLU A 238 -25.89 -35.87 -0.03
CA GLU A 238 -27.04 -36.47 -0.70
C GLU A 238 -27.22 -35.89 -2.10
N ALA A 239 -27.05 -34.58 -2.24
CA ALA A 239 -27.26 -33.94 -3.54
C ALA A 239 -26.22 -34.40 -4.55
N VAL A 240 -24.97 -34.58 -4.12
CA VAL A 240 -23.94 -35.00 -5.06
C VAL A 240 -24.05 -36.49 -5.37
N GLU A 241 -24.51 -37.30 -4.40
CA GLU A 241 -24.81 -38.70 -4.66
C GLU A 241 -25.81 -38.83 -5.81
N GLU A 242 -26.87 -38.02 -5.76
CA GLU A 242 -27.86 -38.02 -6.82
C GLU A 242 -27.24 -37.65 -8.15
N LEU A 243 -26.42 -36.59 -8.16
CA LEU A 243 -25.75 -36.17 -9.38
C LEU A 243 -24.85 -37.26 -9.93
N ALA A 244 -24.12 -37.96 -9.05
CA ALA A 244 -23.19 -38.98 -9.51
C ALA A 244 -23.94 -40.10 -10.24
N LYS A 245 -25.12 -40.46 -9.74
CA LYS A 245 -25.91 -41.51 -10.38
C LYS A 245 -26.40 -41.10 -11.76
N GLU A 246 -26.44 -39.80 -12.06
CA GLU A 246 -26.82 -39.35 -13.38
C GLU A 246 -25.67 -39.43 -14.37
N ILE A 247 -24.43 -39.56 -13.88
CA ILE A 247 -23.25 -39.50 -14.73
C ILE A 247 -22.62 -40.87 -14.93
N THR A 248 -22.61 -41.73 -13.90
CA THR A 248 -21.83 -42.94 -13.96
C THR A 248 -22.48 -44.04 -13.14
N SER A 249 -22.17 -45.29 -13.50
CA SER A 249 -22.52 -46.44 -12.69
C SER A 249 -21.30 -47.03 -12.00
N ARG A 250 -20.14 -46.40 -12.11
CA ARG A 250 -19.04 -46.73 -11.23
C ARG A 250 -19.43 -46.44 -9.78
N LYS A 251 -18.74 -47.10 -8.86
CA LYS A 251 -18.93 -46.79 -7.44
C LYS A 251 -18.35 -45.42 -7.16
N VAL A 252 -19.12 -44.57 -6.46
CA VAL A 252 -18.70 -43.21 -6.13
C VAL A 252 -18.80 -43.03 -4.63
N ASN A 253 -17.69 -42.65 -4.00
CA ASN A 253 -17.64 -42.30 -2.58
C ASN A 253 -17.46 -40.80 -2.45
N ILE A 254 -18.31 -40.16 -1.64
CA ILE A 254 -18.31 -38.71 -1.49
C ILE A 254 -17.98 -38.37 -0.05
N TYR A 255 -17.03 -37.44 0.13
CA TYR A 255 -16.58 -36.98 1.44
C TYR A 255 -16.64 -35.46 1.45
N VAL A 256 -17.21 -34.89 2.49
CA VAL A 256 -17.41 -33.44 2.59
C VAL A 256 -16.69 -32.93 3.83
N ASN A 257 -15.85 -31.91 3.64
CA ASN A 257 -15.14 -31.22 4.71
C ASN A 257 -14.47 -32.21 5.66
N THR A 258 -13.52 -32.95 5.10
CA THR A 258 -12.90 -34.08 5.79
C THR A 258 -11.96 -33.65 6.92
N ALA A 259 -11.51 -32.40 6.95
CA ALA A 259 -10.67 -31.95 8.04
C ALA A 259 -11.46 -31.63 9.30
N ASP A 260 -12.79 -31.71 9.25
CA ASP A 260 -13.60 -31.46 10.43
C ASP A 260 -13.25 -32.44 11.54
N ASP A 261 -13.25 -31.94 12.77
CA ASP A 261 -13.06 -32.77 13.96
C ASP A 261 -13.99 -32.23 15.04
N PRO A 262 -15.23 -32.73 15.10
CA PRO A 262 -16.19 -32.16 16.06
C PRO A 262 -15.73 -32.19 17.51
N GLU A 263 -15.16 -33.31 17.97
CA GLU A 263 -14.75 -33.40 19.37
C GLU A 263 -13.81 -32.26 19.74
N ARG A 264 -12.94 -31.88 18.81
CA ARG A 264 -11.99 -30.78 19.02
C ARG A 264 -12.55 -29.42 18.60
N GLY A 265 -13.84 -29.36 18.25
CA GLY A 265 -14.47 -28.10 17.86
C GLY A 265 -14.02 -27.51 16.54
N ILE A 266 -13.64 -28.32 15.56
CA ILE A 266 -13.21 -27.82 14.25
C ILE A 266 -14.32 -28.09 13.23
N TYR A 267 -14.84 -27.01 12.65
CA TYR A 267 -15.83 -27.08 11.60
C TYR A 267 -15.47 -26.04 10.55
N TYR A 268 -15.73 -26.35 9.29
CA TYR A 268 -15.43 -25.43 8.20
C TYR A 268 -16.56 -24.41 8.05
N ILE A 269 -16.63 -23.52 9.03
CA ILE A 269 -17.60 -22.42 9.01
C ILE A 269 -16.85 -21.11 8.73
N THR A 270 -17.50 -20.23 7.99
CA THR A 270 -16.94 -18.93 7.63
C THR A 270 -18.00 -17.87 7.80
N VAL A 271 -17.55 -16.62 7.91
CA VAL A 271 -18.49 -15.50 8.01
C VAL A 271 -19.07 -15.18 6.65
N THR A 272 -18.25 -15.23 5.60
CA THR A 272 -18.60 -14.71 4.29
C THR A 272 -18.82 -15.77 3.22
N GLY A 273 -18.42 -17.02 3.47
CA GLY A 273 -18.49 -18.05 2.46
C GLY A 273 -17.24 -18.26 1.64
N THR A 274 -16.16 -17.51 1.93
CA THR A 274 -14.88 -17.70 1.26
C THR A 274 -13.74 -17.72 2.28
N SER A 275 -12.82 -18.66 2.08
CA SER A 275 -11.66 -18.76 2.96
CA SER A 275 -11.66 -18.75 2.96
C SER A 275 -10.72 -17.58 2.81
N ALA A 276 -10.93 -16.72 1.81
CA ALA A 276 -10.15 -15.48 1.75
C ALA A 276 -10.35 -14.64 3.01
N GLU A 277 -11.45 -14.84 3.73
CA GLU A 277 -11.67 -14.05 4.95
C GLU A 277 -10.73 -14.44 6.06
N ALA A 278 -10.22 -15.69 6.04
CA ALA A 278 -9.47 -16.22 7.16
C ALA A 278 -7.97 -16.21 6.93
N GLY A 279 -7.51 -15.60 5.83
CA GLY A 279 -6.09 -15.44 5.56
C GLY A 279 -5.58 -16.20 4.37
N ASP A 280 -6.43 -16.98 3.69
CA ASP A 280 -5.99 -17.67 2.49
C ASP A 280 -5.84 -16.67 1.35
N ASP A 281 -4.86 -16.94 0.49
CA ASP A 281 -4.46 -16.05 -0.58
C ASP A 281 -4.80 -16.63 -1.94
N GLY A 282 -4.92 -15.75 -2.93
CA GLY A 282 -5.10 -16.16 -4.31
C GLY A 282 -4.46 -15.19 -5.27
N SER A 283 -4.15 -15.70 -6.47
CA SER A 283 -3.70 -14.87 -7.58
C SER A 283 -4.11 -15.54 -8.89
N VAL A 284 -3.84 -14.86 -10.00
CA VAL A 284 -4.38 -15.23 -11.30
C VAL A 284 -3.58 -16.41 -11.87
N GLY A 285 -4.28 -17.30 -12.58
CA GLY A 285 -3.60 -18.37 -13.30
C GLY A 285 -3.09 -19.50 -12.45
N ARG A 286 -3.62 -19.66 -11.24
CA ARG A 286 -3.20 -20.69 -10.31
C ARG A 286 -4.21 -21.85 -10.24
N GLY A 287 -5.23 -21.82 -11.07
CA GLY A 287 -6.32 -22.76 -10.93
C GLY A 287 -6.83 -23.31 -12.24
N ASN A 288 -8.15 -23.22 -12.43
CA ASN A 288 -8.80 -23.91 -13.52
C ASN A 288 -8.37 -23.38 -14.88
N ARG A 289 -8.30 -24.29 -15.84
CA ARG A 289 -8.12 -23.93 -17.24
C ARG A 289 -9.46 -23.45 -17.80
N VAL A 290 -9.47 -23.06 -19.09
CA VAL A 290 -10.67 -22.45 -19.62
C VAL A 290 -11.85 -23.42 -19.66
N ASN A 291 -11.61 -24.73 -19.69
CA ASN A 291 -12.70 -25.69 -19.60
C ASN A 291 -13.23 -25.86 -18.17
N GLY A 292 -12.69 -25.12 -17.20
CA GLY A 292 -13.18 -25.14 -15.84
C GLY A 292 -12.53 -26.15 -14.93
N LEU A 293 -11.49 -26.85 -15.38
CA LEU A 293 -10.91 -27.96 -14.64
C LEU A 293 -9.39 -27.90 -14.60
N ILE A 294 -8.83 -28.60 -13.63
CA ILE A 294 -7.39 -28.87 -13.53
C ILE A 294 -7.21 -30.36 -13.74
N THR A 295 -6.51 -30.73 -14.81
CA THR A 295 -6.57 -32.11 -15.35
C THR A 295 -5.17 -32.61 -15.66
N PRO A 296 -4.49 -33.19 -14.67
CA PRO A 296 -3.13 -33.71 -14.90
C PRO A 296 -3.07 -34.92 -15.83
N ASN A 297 -4.18 -35.62 -16.08
CA ASN A 297 -4.19 -36.68 -17.07
C ASN A 297 -4.30 -36.16 -18.50
N ARG A 298 -4.49 -34.86 -18.67
CA ARG A 298 -4.60 -34.28 -19.99
C ARG A 298 -3.44 -33.35 -20.26
N HIS A 299 -3.49 -32.65 -21.38
CA HIS A 299 -2.47 -31.69 -21.73
C HIS A 299 -3.10 -30.34 -21.49
N MET A 300 -2.37 -29.47 -20.80
CA MET A 300 -2.89 -28.19 -20.39
C MET A 300 -1.92 -27.12 -20.85
N SER A 301 -2.46 -25.94 -21.07
CA SER A 301 -1.68 -24.74 -21.28
C SER A 301 -1.37 -24.10 -19.95
N MET A 302 -0.20 -23.46 -19.87
CA MET A 302 0.23 -22.75 -18.69
C MET A 302 -0.23 -21.28 -18.68
N GLU A 303 -0.71 -20.78 -19.81
CA GLU A 303 -1.12 -19.39 -19.91
C GLU A 303 -2.39 -19.11 -19.13
N ALA A 304 -2.46 -17.93 -18.50
CA ALA A 304 -3.63 -17.52 -17.75
C ALA A 304 -4.57 -16.75 -18.67
N ALA A 305 -5.72 -17.34 -18.98
CA ALA A 305 -6.68 -16.70 -19.88
C ALA A 305 -7.31 -15.47 -19.23
N ALA A 306 -7.57 -15.53 -17.92
CA ALA A 306 -8.33 -14.49 -17.25
C ALA A 306 -7.58 -13.17 -17.24
N GLY A 307 -8.25 -12.09 -17.69
CA GLY A 307 -7.67 -10.78 -17.74
C GLY A 307 -7.00 -10.43 -19.04
N LYS A 308 -6.83 -11.39 -19.95
CA LYS A 308 -6.18 -11.14 -21.23
C LYS A 308 -7.19 -10.50 -22.18
N ASN A 309 -6.72 -9.55 -22.98
CA ASN A 309 -7.58 -8.88 -23.95
C ASN A 309 -8.14 -9.90 -24.93
N PRO A 310 -9.46 -10.12 -25.00
CA PRO A 310 -9.98 -11.15 -25.93
C PRO A 310 -9.94 -10.75 -27.40
N VAL A 311 -9.60 -9.52 -27.73
CA VAL A 311 -9.52 -9.10 -29.12
C VAL A 311 -8.12 -9.26 -29.69
N SER A 312 -7.07 -9.12 -28.87
CA SER A 312 -5.72 -9.03 -29.38
C SER A 312 -4.77 -10.08 -28.83
N HIS A 313 -5.12 -10.79 -27.76
CA HIS A 313 -4.22 -11.79 -27.19
C HIS A 313 -4.49 -13.13 -27.85
N VAL A 314 -3.53 -13.58 -28.66
CA VAL A 314 -3.73 -14.77 -29.49
C VAL A 314 -3.78 -16.02 -28.62
N GLY A 315 -2.98 -16.07 -27.56
CA GLY A 315 -3.00 -17.23 -26.67
C GLY A 315 -4.35 -17.47 -26.03
N LYS A 316 -5.05 -16.39 -25.65
CA LYS A 316 -6.38 -16.53 -25.07
C LYS A 316 -7.36 -17.01 -26.12
N ILE A 317 -7.34 -16.40 -27.31
CA ILE A 317 -8.29 -16.77 -28.35
C ILE A 317 -8.07 -18.23 -28.78
N TYR A 318 -6.81 -18.64 -28.91
CA TYR A 318 -6.52 -20.00 -29.38
C TYR A 318 -6.90 -21.06 -28.35
N ASN A 319 -6.71 -20.77 -27.06
CA ASN A 319 -7.09 -21.74 -26.05
C ASN A 319 -8.59 -21.92 -25.98
N ILE A 320 -9.35 -20.85 -26.21
CA ILE A 320 -10.80 -20.96 -26.26
C ILE A 320 -11.25 -21.64 -27.54
N LEU A 321 -10.64 -21.25 -28.66
CA LEU A 321 -11.00 -21.84 -29.95
C LEU A 321 -10.68 -23.33 -29.96
N ALA A 322 -9.55 -23.72 -29.38
CA ALA A 322 -9.19 -25.14 -29.37
C ALA A 322 -10.22 -25.94 -28.59
N MET A 323 -10.69 -25.42 -27.46
CA MET A 323 -11.75 -26.08 -26.70
C MET A 323 -13.04 -26.16 -27.51
N LEU A 324 -13.42 -25.08 -28.18
CA LEU A 324 -14.67 -25.06 -28.93
C LEU A 324 -14.62 -26.02 -30.10
N ILE A 325 -13.50 -26.05 -30.83
CA ILE A 325 -13.34 -26.98 -31.94
C ILE A 325 -13.44 -28.42 -31.45
N ALA A 326 -12.73 -28.74 -30.35
CA ALA A 326 -12.75 -30.09 -29.80
C ALA A 326 -14.16 -30.50 -29.40
N GLU A 327 -14.87 -29.63 -28.67
CA GLU A 327 -16.21 -29.96 -28.22
C GLU A 327 -17.15 -30.21 -29.40
N ASP A 328 -17.02 -29.42 -30.45
CA ASP A 328 -17.87 -29.60 -31.63
C ASP A 328 -17.59 -30.94 -32.29
N ILE A 329 -16.30 -31.28 -32.46
CA ILE A 329 -15.94 -32.56 -33.08
C ILE A 329 -16.48 -33.71 -32.23
N ALA A 330 -16.30 -33.64 -30.91
CA ALA A 330 -16.69 -34.75 -30.04
C ALA A 330 -18.19 -34.98 -30.06
N LYS A 331 -18.96 -33.90 -30.23
CA LYS A 331 -20.41 -33.97 -30.22
C LYS A 331 -21.01 -34.51 -31.51
N THR A 332 -20.34 -34.29 -32.65
CA THR A 332 -20.95 -34.56 -33.94
C THR A 332 -20.33 -35.74 -34.68
N LEU A 333 -19.12 -36.16 -34.34
CA LEU A 333 -18.41 -37.19 -35.08
C LEU A 333 -18.08 -38.38 -34.18
N PRO A 334 -17.84 -39.57 -34.77
CA PRO A 334 -17.58 -40.78 -33.95
C PRO A 334 -16.15 -40.83 -33.41
N VAL A 335 -15.88 -39.99 -32.42
CA VAL A 335 -14.56 -39.88 -31.81
C VAL A 335 -14.68 -40.25 -30.34
N GLU A 336 -13.71 -41.02 -29.86
CA GLU A 336 -13.62 -41.30 -28.44
C GLU A 336 -12.86 -40.19 -27.71
N GLU A 337 -11.83 -39.64 -28.33
CA GLU A 337 -11.13 -38.47 -27.80
C GLU A 337 -10.63 -37.63 -28.96
N VAL A 338 -10.56 -36.32 -28.73
CA VAL A 338 -9.98 -35.41 -29.70
C VAL A 338 -9.18 -34.35 -28.97
N TYR A 339 -7.96 -34.11 -29.44
CA TYR A 339 -7.07 -33.09 -28.90
C TYR A 339 -6.81 -32.09 -30.02
N VAL A 340 -6.95 -30.80 -29.71
CA VAL A 340 -6.81 -29.73 -30.68
C VAL A 340 -5.71 -28.79 -30.19
N ARG A 341 -4.73 -28.53 -31.05
CA ARG A 341 -3.66 -27.58 -30.79
C ARG A 341 -3.56 -26.60 -31.94
N ILE A 342 -3.40 -25.33 -31.61
CA ILE A 342 -3.31 -24.27 -32.61
C ILE A 342 -2.06 -23.46 -32.33
N LEU A 343 -1.25 -23.27 -33.37
CA LEU A 343 -0.01 -22.50 -33.30
C LEU A 343 -0.07 -21.39 -34.33
N SER A 344 0.19 -20.15 -33.89
CA SER A 344 0.20 -19.03 -34.82
C SER A 344 1.48 -19.05 -35.64
N GLN A 345 1.42 -18.40 -36.80
CA GLN A 345 2.60 -18.19 -37.62
C GLN A 345 2.95 -16.71 -37.57
N ILE A 346 4.15 -16.41 -37.07
CA ILE A 346 4.57 -15.03 -36.89
C ILE A 346 4.44 -14.29 -38.21
N GLY A 347 3.80 -13.13 -38.17
CA GLY A 347 3.62 -12.31 -39.35
C GLY A 347 2.45 -12.66 -40.23
N LYS A 348 1.68 -13.72 -39.92
CA LYS A 348 0.49 -14.08 -40.66
C LYS A 348 -0.77 -13.80 -39.83
N PRO A 349 -1.90 -13.52 -40.49
CA PRO A 349 -3.16 -13.33 -39.74
C PRO A 349 -3.45 -14.52 -38.85
N ILE A 350 -4.09 -14.25 -37.71
CA ILE A 350 -4.29 -15.28 -36.69
C ILE A 350 -5.30 -16.34 -37.10
N ASP A 351 -6.11 -16.10 -38.14
CA ASP A 351 -6.97 -17.15 -38.66
C ASP A 351 -6.24 -18.06 -39.66
N GLN A 352 -4.95 -17.81 -39.88
CA GLN A 352 -4.08 -18.64 -40.72
C GLN A 352 -2.95 -19.16 -39.85
N PRO A 353 -3.25 -20.10 -38.95
CA PRO A 353 -2.23 -20.59 -38.03
C PRO A 353 -1.12 -21.35 -38.75
N LEU A 354 0.04 -21.40 -38.09
CA LEU A 354 1.14 -22.21 -38.58
C LEU A 354 0.73 -23.66 -38.71
N VAL A 355 0.00 -24.17 -37.72
CA VAL A 355 -0.63 -25.47 -37.81
C VAL A 355 -1.79 -25.51 -36.84
N ALA A 356 -2.85 -26.18 -37.24
CA ALA A 356 -3.97 -26.56 -36.38
C ALA A 356 -3.98 -28.07 -36.39
N SER A 357 -3.49 -28.67 -35.30
CA SER A 357 -3.36 -30.12 -35.23
C SER A 357 -4.61 -30.69 -34.57
N ILE A 358 -5.31 -31.57 -35.29
CA ILE A 358 -6.52 -32.21 -34.80
C ILE A 358 -6.20 -33.69 -34.66
N GLN A 359 -6.07 -34.13 -33.42
CA GLN A 359 -5.68 -35.51 -33.11
C GLN A 359 -6.87 -36.24 -32.51
N VAL A 360 -7.24 -37.36 -33.13
CA VAL A 360 -8.48 -38.06 -32.81
C VAL A 360 -8.20 -39.53 -32.53
N ILE A 361 -8.82 -40.04 -31.48
CA ILE A 361 -9.01 -41.47 -31.27
C ILE A 361 -10.42 -41.80 -31.74
N PRO A 362 -10.59 -42.60 -32.79
CA PRO A 362 -11.96 -42.91 -33.24
C PRO A 362 -12.63 -43.82 -32.25
N LYS A 363 -13.97 -43.78 -32.26
CA LYS A 363 -14.71 -44.74 -31.47
C LYS A 363 -14.38 -46.15 -31.96
N PRO A 364 -14.44 -47.16 -31.09
CA PRO A 364 -14.17 -48.52 -31.53
C PRO A 364 -15.00 -48.88 -32.75
N GLY A 365 -14.35 -49.56 -33.71
CA GLY A 365 -15.01 -49.93 -34.94
C GLY A 365 -15.01 -48.87 -36.02
N HIS A 366 -14.42 -47.70 -35.76
CA HIS A 366 -14.42 -46.59 -36.70
C HIS A 366 -12.99 -46.21 -37.06
N SER A 367 -12.84 -45.58 -38.21
CA SER A 367 -11.56 -45.04 -38.65
C SER A 367 -11.73 -43.59 -39.03
N VAL A 368 -10.63 -42.84 -38.90
CA VAL A 368 -10.64 -41.40 -39.14
C VAL A 368 -11.01 -41.06 -40.58
N LYS A 369 -10.69 -41.96 -41.53
CA LYS A 369 -11.04 -41.68 -42.93
C LYS A 369 -12.52 -41.38 -43.09
N GLU A 370 -13.38 -42.00 -42.28
CA GLU A 370 -14.81 -41.77 -42.40
C GLU A 370 -15.15 -40.28 -42.25
N PHE A 371 -14.45 -39.58 -41.34
CA PHE A 371 -14.87 -38.25 -40.93
C PHE A 371 -13.75 -37.22 -40.91
N GLU A 372 -12.59 -37.53 -41.51
CA GLU A 372 -11.50 -36.58 -41.46
C GLU A 372 -11.86 -35.29 -42.18
N LYS A 373 -12.67 -35.39 -43.23
CA LYS A 373 -13.08 -34.20 -43.98
C LYS A 373 -14.03 -33.34 -43.15
N ASP A 374 -14.93 -33.97 -42.39
CA ASP A 374 -15.83 -33.20 -41.54
C ASP A 374 -15.09 -32.54 -40.38
N ALA A 375 -14.11 -33.24 -39.81
CA ALA A 375 -13.31 -32.66 -38.74
C ALA A 375 -12.56 -31.43 -39.22
N TYR A 376 -11.94 -31.53 -40.42
CA TYR A 376 -11.30 -30.37 -41.02
C TYR A 376 -12.28 -29.21 -41.16
N SER A 377 -13.49 -29.49 -41.64
CA SER A 377 -14.45 -28.43 -41.90
C SER A 377 -14.87 -27.74 -40.61
N ILE A 378 -15.03 -28.51 -39.53
CA ILE A 378 -15.39 -27.92 -38.24
C ILE A 378 -14.28 -27.00 -37.74
N ALA A 379 -13.03 -27.45 -37.82
CA ALA A 379 -11.92 -26.61 -37.41
C ALA A 379 -11.82 -25.38 -38.29
N ASP A 380 -12.05 -25.56 -39.60
CA ASP A 380 -11.93 -24.46 -40.54
C ASP A 380 -12.96 -23.39 -40.27
N GLU A 381 -14.21 -23.78 -39.99
CA GLU A 381 -15.27 -22.80 -39.79
C GLU A 381 -15.07 -22.03 -38.49
N TRP A 382 -14.54 -22.67 -37.45
CA TRP A 382 -14.27 -21.95 -36.21
C TRP A 382 -13.16 -20.93 -36.40
N LEU A 383 -12.09 -21.31 -37.12
CA LEU A 383 -11.00 -20.38 -37.39
C LEU A 383 -11.47 -19.22 -38.26
N ALA A 384 -12.38 -19.49 -39.20
CA ALA A 384 -12.96 -18.45 -40.02
C ALA A 384 -13.87 -17.51 -39.23
N ASN A 385 -14.35 -17.95 -38.07
CA ASN A 385 -15.25 -17.16 -37.23
C ASN A 385 -14.59 -16.70 -35.95
N ILE A 386 -13.28 -16.46 -36.00
CA ILE A 386 -12.54 -16.08 -34.81
C ILE A 386 -13.16 -14.82 -34.22
N THR A 387 -13.68 -13.93 -35.07
CA THR A 387 -14.34 -12.72 -34.58
C THR A 387 -15.63 -13.03 -33.83
N LYS A 388 -16.33 -14.11 -34.21
CA LYS A 388 -17.51 -14.51 -33.46
C LYS A 388 -17.16 -14.94 -32.04
N VAL A 389 -16.01 -15.59 -31.87
CA VAL A 389 -15.62 -16.06 -30.53
C VAL A 389 -15.30 -14.88 -29.64
N GLN A 390 -14.60 -13.88 -30.18
CA GLN A 390 -14.30 -12.67 -29.42
C GLN A 390 -15.58 -12.04 -28.89
N LYS A 391 -16.62 -11.98 -29.73
CA LYS A 391 -17.90 -11.42 -29.27
C LYS A 391 -18.53 -12.28 -28.19
N MET A 392 -18.43 -13.62 -28.32
CA MET A 392 -19.03 -14.48 -27.31
C MET A 392 -18.36 -14.27 -25.96
N ILE A 393 -17.05 -13.99 -25.97
CA ILE A 393 -16.33 -13.76 -24.72
C ILE A 393 -16.85 -12.52 -24.02
N LEU A 394 -17.02 -11.42 -24.77
CA LEU A 394 -17.47 -10.17 -24.16
C LEU A 394 -18.94 -10.21 -23.76
N GLU A 395 -19.74 -11.08 -24.39
CA GLU A 395 -21.13 -11.28 -24.00
C GLU A 395 -21.28 -12.26 -22.85
N ASP A 396 -20.18 -12.60 -22.17
CA ASP A 396 -20.20 -13.49 -21.01
C ASP A 396 -20.82 -14.85 -21.35
N LYS A 397 -20.60 -15.32 -22.58
CA LYS A 397 -21.13 -16.60 -23.03
C LYS A 397 -20.09 -17.71 -23.00
N ILE A 398 -18.83 -17.39 -22.73
CA ILE A 398 -17.78 -18.39 -22.65
C ILE A 398 -17.00 -18.09 -21.37
N SER A 399 -16.89 -19.10 -20.50
CA SER A 399 -16.10 -18.94 -19.29
C SER A 399 -14.64 -19.21 -19.59
N VAL A 400 -13.76 -18.61 -18.79
CA VAL A 400 -12.32 -18.73 -18.97
C VAL A 400 -11.64 -19.36 -17.77
N PHE A 401 -12.42 -19.82 -16.80
CA PHE A 401 -11.92 -20.59 -15.67
C PHE A 401 -13.11 -21.32 -15.05
N ALA B 2 7.76 53.16 -2.04
CA ALA B 2 7.10 52.29 -3.00
C ALA B 2 6.48 51.08 -2.32
N ARG B 3 7.28 50.35 -1.53
CA ARG B 3 6.79 49.16 -0.86
C ARG B 3 6.02 49.55 0.40
N ASN B 4 4.93 48.83 0.66
CA ASN B 4 3.99 49.16 1.74
C ASN B 4 4.51 48.64 3.08
N ILE B 5 5.66 49.19 3.49
CA ILE B 5 6.29 48.80 4.75
C ILE B 5 5.87 49.81 5.81
N VAL B 6 5.39 49.32 6.94
CA VAL B 6 4.89 50.17 8.02
C VAL B 6 5.66 49.80 9.29
N VAL B 7 6.41 50.75 9.82
CA VAL B 7 7.15 50.56 11.06
C VAL B 7 6.36 51.26 12.16
N GLU B 8 6.03 50.53 13.21
CA GLU B 8 5.25 51.10 14.29
C GLU B 8 5.72 50.53 15.62
N GLU B 9 5.61 51.35 16.65
CA GLU B 9 5.88 50.90 18.00
C GLU B 9 4.64 50.23 18.56
N ILE B 10 4.86 49.14 19.29
CA ILE B 10 3.79 48.50 20.03
C ILE B 10 4.18 48.52 21.50
N VAL B 11 3.17 48.62 22.36
CA VAL B 11 3.36 48.53 23.80
C VAL B 11 2.73 47.23 24.25
N ARG B 12 3.54 46.32 24.77
CA ARG B 12 3.07 45.05 25.28
C ARG B 12 4.13 44.49 26.20
N THR B 13 3.70 43.66 27.14
CA THR B 13 4.65 43.01 28.04
C THR B 13 5.60 42.14 27.22
N PRO B 14 6.91 42.42 27.23
CA PRO B 14 7.85 41.54 26.54
C PRO B 14 7.77 40.12 27.09
N VAL B 15 8.02 39.15 26.20
CA VAL B 15 7.99 37.74 26.61
C VAL B 15 8.93 37.50 27.79
N GLU B 16 10.11 38.11 27.77
CA GLU B 16 11.07 37.90 28.86
C GLU B 16 10.54 38.40 30.19
N MET B 17 9.61 39.35 30.18
CA MET B 17 9.01 39.87 31.40
CA MET B 17 9.02 39.87 31.41
C MET B 17 7.73 39.14 31.80
N GLN B 18 7.18 38.30 30.92
CA GLN B 18 6.03 37.50 31.29
C GLN B 18 6.43 36.49 32.35
N GLN B 19 5.48 36.09 33.17
CA GLN B 19 5.80 35.20 34.30
C GLN B 19 6.02 33.77 33.84
N VAL B 20 5.23 33.29 32.88
CA VAL B 20 5.30 31.90 32.42
C VAL B 20 5.52 31.87 30.91
N GLU B 21 6.55 31.11 30.50
CA GLU B 21 6.92 30.94 29.11
C GLU B 21 7.14 29.47 28.82
N LEU B 22 6.60 28.99 27.70
CA LEU B 22 6.67 27.59 27.26
C LEU B 22 7.29 27.53 25.87
N VAL B 23 8.30 26.67 25.70
CA VAL B 23 8.95 26.51 24.40
C VAL B 23 9.28 25.04 24.18
N GLU B 24 9.04 24.54 22.97
CA GLU B 24 9.30 23.15 22.62
C GLU B 24 10.10 23.08 21.33
N ARG B 25 10.95 22.05 21.22
CA ARG B 25 11.62 21.76 19.97
C ARG B 25 11.65 20.26 19.75
N LYS B 26 11.19 19.83 18.59
CA LYS B 26 11.29 18.44 18.17
C LYS B 26 12.57 18.28 17.34
N GLY B 27 13.51 17.48 17.84
CA GLY B 27 14.79 17.33 17.19
C GLY B 27 14.72 16.48 15.92
N ILE B 28 15.86 16.35 15.25
CA ILE B 28 15.90 15.84 13.88
C ILE B 28 15.31 14.44 13.78
N GLY B 29 15.54 13.60 14.78
CA GLY B 29 15.09 12.22 14.74
C GLY B 29 13.69 11.98 15.26
N HIS B 30 12.99 13.03 15.69
CA HIS B 30 11.59 12.90 16.08
C HIS B 30 10.75 12.60 14.84
N PRO B 31 9.76 11.70 14.94
CA PRO B 31 9.03 11.31 13.72
C PRO B 31 8.41 12.48 12.95
N ASP B 32 7.87 13.47 13.65
CA ASP B 32 7.33 14.64 12.96
C ASP B 32 8.42 15.39 12.23
N SER B 33 9.60 15.52 12.85
CA SER B 33 10.71 16.19 12.17
C SER B 33 11.30 15.33 11.06
N ILE B 34 11.24 14.01 11.18
CA ILE B 34 11.63 13.17 10.06
C ILE B 34 10.74 13.45 8.86
N ALA B 35 9.42 13.55 9.10
CA ALA B 35 8.49 13.86 8.03
C ALA B 35 8.82 15.21 7.38
N ASP B 36 9.00 16.26 8.21
CA ASP B 36 9.37 17.57 7.69
C ASP B 36 10.65 17.50 6.87
N GLY B 37 11.68 16.83 7.41
CA GLY B 37 12.97 16.80 6.73
C GLY B 37 12.91 16.08 5.40
N ILE B 38 12.18 14.97 5.35
CA ILE B 38 12.00 14.25 4.09
C ILE B 38 11.25 15.12 3.09
N ALA B 39 10.15 15.74 3.54
CA ALA B 39 9.38 16.61 2.67
C ALA B 39 10.27 17.66 2.01
N GLU B 40 11.10 18.32 2.80
CA GLU B 40 11.96 19.36 2.26
C GLU B 40 13.07 18.79 1.41
N ALA B 41 13.65 17.65 1.82
CA ALA B 41 14.70 17.02 1.03
C ALA B 41 14.17 16.60 -0.34
N VAL B 42 12.95 16.05 -0.38
CA VAL B 42 12.35 15.67 -1.65
C VAL B 42 12.17 16.89 -2.54
N SER B 43 11.65 17.98 -1.97
CA SER B 43 11.41 19.19 -2.74
C SER B 43 12.70 19.72 -3.36
N ARG B 44 13.76 19.83 -2.57
CA ARG B 44 15.00 20.36 -3.09
C ARG B 44 15.60 19.44 -4.16
N ALA B 45 15.44 18.12 -4.00
CA ALA B 45 15.95 17.21 -5.01
C ALA B 45 15.19 17.36 -6.32
N LEU B 46 13.87 17.55 -6.23
CA LEU B 46 13.10 17.79 -7.46
C LEU B 46 13.54 19.09 -8.12
N CYS B 47 13.73 20.16 -7.34
CA CYS B 47 14.20 21.42 -7.89
C CYS B 47 15.48 21.24 -8.68
N ARG B 48 16.46 20.57 -8.07
CA ARG B 48 17.76 20.44 -8.69
C ARG B 48 17.69 19.62 -9.97
N GLU B 49 16.83 18.59 -9.99
CA GLU B 49 16.75 17.75 -11.17
C GLU B 49 15.93 18.41 -12.27
N TYR B 50 14.87 19.17 -11.92
CA TYR B 50 14.19 19.97 -12.94
C TYR B 50 15.15 20.94 -13.60
N ILE B 51 15.96 21.63 -12.80
CA ILE B 51 16.95 22.56 -13.35
C ILE B 51 17.93 21.82 -14.24
N ARG B 52 18.44 20.68 -13.77
CA ARG B 52 19.46 19.96 -14.52
C ARG B 52 18.94 19.54 -15.89
N ARG B 53 17.66 19.18 -15.99
CA ARG B 53 17.12 18.68 -17.24
C ARG B 53 16.50 19.76 -18.11
N TYR B 54 15.89 20.78 -17.52
CA TYR B 54 15.10 21.73 -18.29
C TYR B 54 15.52 23.18 -18.09
N GLY B 55 16.44 23.46 -17.17
CA GLY B 55 16.86 24.82 -16.91
C GLY B 55 15.92 25.65 -16.06
N VAL B 56 14.80 25.08 -15.61
CA VAL B 56 13.84 25.79 -14.78
C VAL B 56 13.24 24.82 -13.77
N ILE B 57 12.82 25.36 -12.64
CA ILE B 57 12.10 24.57 -11.63
C ILE B 57 10.64 24.45 -12.05
N LEU B 58 10.13 23.22 -12.08
CA LEU B 58 8.73 22.99 -12.39
C LEU B 58 7.92 22.83 -11.12
N HIS B 59 6.60 22.98 -11.26
CA HIS B 59 5.73 23.07 -10.10
C HIS B 59 5.69 21.74 -9.35
N HIS B 60 5.68 21.83 -8.03
CA HIS B 60 5.64 20.68 -7.15
C HIS B 60 5.32 21.14 -5.73
N ASN B 61 4.76 20.23 -4.96
CA ASN B 61 4.61 20.38 -3.51
C ASN B 61 4.72 19.01 -2.92
N THR B 62 5.69 18.81 -2.03
CA THR B 62 5.90 17.52 -1.41
C THR B 62 5.76 17.65 0.10
N ASP B 63 4.88 18.57 0.53
CA ASP B 63 4.57 18.85 1.93
C ASP B 63 3.55 17.87 2.51
N GLN B 64 3.65 16.60 2.11
CA GLN B 64 2.79 15.53 2.60
C GLN B 64 3.66 14.28 2.72
N VAL B 65 4.00 13.91 3.95
CA VAL B 65 4.80 12.72 4.23
C VAL B 65 4.24 12.09 5.47
N GLU B 66 4.03 10.77 5.42
CA GLU B 66 3.49 10.02 6.54
C GLU B 66 4.53 9.01 6.98
N VAL B 67 4.95 9.10 8.24
CA VAL B 67 5.89 8.16 8.84
C VAL B 67 5.07 7.22 9.73
N VAL B 68 4.98 5.96 9.32
CA VAL B 68 4.24 4.94 10.06
C VAL B 68 5.25 4.09 10.81
N GLY B 69 5.18 4.14 12.13
CA GLY B 69 6.21 3.52 12.94
C GLY B 69 6.25 2.01 12.78
N GLY B 70 7.43 1.46 13.02
CA GLY B 70 7.65 0.03 12.95
C GLY B 70 7.51 -0.65 14.29
N ARG B 71 8.22 -1.77 14.45
CA ARG B 71 8.33 -2.46 15.73
C ARG B 71 9.78 -2.83 15.96
N ALA B 72 10.17 -2.86 17.24
CA ALA B 72 11.56 -3.12 17.60
C ALA B 72 11.64 -3.70 19.00
N TYR B 73 12.71 -4.47 19.24
CA TYR B 73 13.03 -5.02 20.56
C TYR B 73 14.41 -4.52 20.96
N PRO B 74 14.52 -3.36 21.59
CA PRO B 74 15.83 -2.91 22.06
C PRO B 74 16.35 -3.79 23.18
N ARG B 75 17.68 -3.91 23.22
CA ARG B 75 18.39 -4.71 24.21
C ARG B 75 19.72 -4.05 24.45
N PHE B 76 20.13 -3.97 25.71
CA PHE B 76 21.47 -3.49 26.01
C PHE B 76 22.50 -4.32 25.25
N GLY B 77 23.43 -3.62 24.59
CA GLY B 77 24.39 -4.26 23.71
C GLY B 77 23.94 -4.36 22.27
N GLY B 78 22.65 -4.17 21.98
CA GLY B 78 22.15 -4.18 20.62
C GLY B 78 20.93 -5.05 20.44
N GLY B 79 19.78 -4.42 20.13
CA GLY B 79 18.56 -5.12 19.85
C GLY B 79 18.36 -5.31 18.36
N GLU B 80 17.10 -5.46 17.95
CA GLU B 80 16.81 -5.60 16.54
C GLU B 80 15.47 -4.95 16.22
N VAL B 81 15.39 -4.36 15.04
CA VAL B 81 14.13 -3.94 14.46
C VAL B 81 13.42 -5.18 13.94
N VAL B 82 12.14 -5.35 14.29
CA VAL B 82 11.40 -6.53 13.91
C VAL B 82 10.41 -6.26 12.77
N LYS B 83 9.93 -5.03 12.64
CA LYS B 83 9.04 -4.65 11.55
C LYS B 83 9.51 -3.29 11.07
N PRO B 84 9.61 -3.08 9.76
CA PRO B 84 10.18 -1.83 9.25
C PRO B 84 9.26 -0.63 9.37
N ILE B 85 9.88 0.54 9.42
CA ILE B 85 9.18 1.81 9.29
C ILE B 85 8.66 1.93 7.86
N TYR B 86 7.43 2.39 7.72
CA TYR B 86 6.83 2.63 6.41
C TYR B 86 6.63 4.13 6.23
N ILE B 87 7.11 4.65 5.11
CA ILE B 87 7.01 6.08 4.81
C ILE B 87 6.31 6.24 3.46
N LEU B 88 5.25 7.03 3.46
CA LEU B 88 4.52 7.36 2.24
C LEU B 88 4.84 8.80 1.86
N LEU B 89 5.36 8.98 0.65
CA LEU B 89 5.57 10.31 0.08
C LEU B 89 4.34 10.69 -0.73
N SER B 90 3.83 11.89 -0.52
CA SER B 90 2.66 12.38 -1.23
C SER B 90 2.90 13.82 -1.67
N GLY B 91 1.85 14.46 -2.17
CA GLY B 91 1.98 15.76 -2.80
C GLY B 91 1.72 15.67 -4.29
N ARG B 92 2.35 16.55 -5.05
CA ARG B 92 2.17 16.61 -6.49
C ARG B 92 3.46 17.13 -7.11
N ALA B 93 3.78 16.63 -8.30
CA ALA B 93 4.94 17.12 -9.03
C ALA B 93 4.70 16.92 -10.51
N VAL B 94 5.31 17.77 -11.33
CA VAL B 94 5.21 17.62 -12.77
C VAL B 94 5.97 16.37 -13.17
N GLU B 95 5.28 15.47 -13.84
CA GLU B 95 5.83 14.20 -14.31
C GLU B 95 5.84 14.08 -15.82
N LEU B 96 4.90 14.71 -16.51
CA LEU B 96 4.83 14.70 -17.96
C LEU B 96 5.27 16.07 -18.47
N VAL B 97 6.43 16.10 -19.11
CA VAL B 97 7.02 17.32 -19.63
C VAL B 97 7.08 17.19 -21.14
N ASP B 98 6.14 17.82 -21.84
CA ASP B 98 6.10 17.77 -23.30
C ASP B 98 6.18 16.34 -23.81
N GLN B 99 5.21 15.53 -23.41
CA GLN B 99 5.09 14.16 -23.90
C GLN B 99 6.13 13.23 -23.29
N GLU B 100 7.11 13.79 -22.59
CA GLU B 100 8.18 13.03 -21.96
C GLU B 100 7.95 12.84 -20.45
N LEU B 101 8.52 11.77 -19.92
CA LEU B 101 8.28 11.36 -18.54
C LEU B 101 9.45 11.79 -17.66
N PHE B 102 9.15 12.50 -16.57
CA PHE B 102 10.15 12.92 -15.60
C PHE B 102 10.14 11.97 -14.41
N PRO B 103 11.30 11.51 -13.92
CA PRO B 103 11.31 10.44 -12.90
C PRO B 103 11.02 10.93 -11.49
N VAL B 104 9.80 11.45 -11.28
CA VAL B 104 9.40 11.98 -9.98
C VAL B 104 9.68 10.98 -8.87
N HIS B 105 9.17 9.76 -9.02
CA HIS B 105 9.22 8.82 -7.90
C HIS B 105 10.65 8.37 -7.60
N GLU B 106 11.45 8.18 -8.65
CA GLU B 106 12.86 7.83 -8.47
C GLU B 106 13.59 8.94 -7.71
N VAL B 107 13.42 10.18 -8.14
CA VAL B 107 14.08 11.31 -7.47
C VAL B 107 13.62 11.40 -6.02
N ALA B 108 12.31 11.30 -5.80
CA ALA B 108 11.77 11.49 -4.45
C ALA B 108 12.24 10.41 -3.49
N ILE B 109 12.17 9.15 -3.92
CA ILE B 109 12.55 8.05 -3.04
C ILE B 109 14.05 8.12 -2.72
N LYS B 110 14.88 8.42 -3.71
CA LYS B 110 16.31 8.50 -3.45
C LYS B 110 16.63 9.65 -2.51
N ALA B 111 15.93 10.78 -2.65
CA ALA B 111 16.17 11.92 -1.76
C ALA B 111 15.75 11.58 -0.33
N ALA B 112 14.63 10.87 -0.18
CA ALA B 112 14.15 10.50 1.16
C ALA B 112 15.13 9.56 1.84
N LYS B 113 15.60 8.55 1.12
CA LYS B 113 16.56 7.61 1.70
C LYS B 113 17.86 8.32 2.06
N ASN B 114 18.36 9.20 1.17
CA ASN B 114 19.59 9.94 1.47
C ASN B 114 19.42 10.84 2.67
N TYR B 115 18.26 11.48 2.81
CA TYR B 115 18.04 12.32 3.99
C TYR B 115 18.14 11.49 5.26
N LEU B 116 17.43 10.35 5.29
CA LEU B 116 17.46 9.48 6.46
C LEU B 116 18.87 8.97 6.75
N LYS B 117 19.58 8.54 5.71
CA LYS B 117 20.94 8.04 5.90
C LYS B 117 21.82 9.08 6.58
N ASN B 118 21.70 10.34 6.17
CA ASN B 118 22.55 11.38 6.74
C ASN B 118 22.06 11.87 8.10
N ALA B 119 20.76 11.75 8.39
CA ALA B 119 20.19 12.33 9.59
C ALA B 119 20.21 11.37 10.78
N ILE B 120 19.99 10.08 10.55
CA ILE B 120 19.82 9.12 11.64
CA ILE B 120 19.81 9.11 11.63
C ILE B 120 20.93 8.08 11.50
N ARG B 121 21.98 8.25 12.30
CA ARG B 121 23.23 7.53 12.07
C ARG B 121 23.07 6.01 12.17
N HIS B 122 22.29 5.52 13.13
CA HIS B 122 22.21 4.08 13.36
C HIS B 122 21.01 3.45 12.67
N LEU B 123 20.39 4.15 11.74
CA LEU B 123 19.26 3.60 10.99
C LEU B 123 19.77 2.92 9.73
N ASP B 124 19.38 1.67 9.55
CA ASP B 124 19.69 0.89 8.34
C ASP B 124 18.53 1.10 7.36
N VAL B 125 18.69 2.07 6.46
CA VAL B 125 17.58 2.51 5.62
C VAL B 125 17.11 1.40 4.67
N GLU B 126 18.05 0.62 4.11
CA GLU B 126 17.62 -0.41 3.18
C GLU B 126 16.80 -1.51 3.84
N ASN B 127 17.04 -1.79 5.12
CA ASN B 127 16.35 -2.89 5.77
C ASN B 127 15.34 -2.46 6.83
N HIS B 128 15.50 -1.28 7.44
CA HIS B 128 14.59 -0.81 8.48
C HIS B 128 13.46 0.07 7.96
N VAL B 129 13.49 0.47 6.69
CA VAL B 129 12.52 1.42 6.16
C VAL B 129 12.00 0.94 4.82
N ILE B 130 10.69 1.08 4.63
CA ILE B 130 10.02 0.97 3.34
C ILE B 130 9.59 2.37 2.93
N ILE B 131 10.00 2.81 1.74
CA ILE B 131 9.57 4.10 1.22
C ILE B 131 8.78 3.86 -0.07
N ASP B 132 7.52 4.29 -0.08
CA ASP B 132 6.68 4.26 -1.26
C ASP B 132 6.23 5.68 -1.59
N SER B 133 5.87 5.89 -2.85
CA SER B 133 5.50 7.20 -3.33
C SER B 133 4.14 7.16 -4.01
N ARG B 134 3.25 8.06 -3.59
CA ARG B 134 2.00 8.31 -4.28
CA ARG B 134 2.00 8.31 -4.29
C ARG B 134 1.90 9.76 -4.72
N ILE B 135 3.05 10.40 -4.96
CA ILE B 135 3.07 11.79 -5.39
C ILE B 135 2.26 11.93 -6.67
N GLY B 136 1.34 12.90 -6.68
CA GLY B 136 0.46 13.11 -7.81
C GLY B 136 1.21 13.54 -9.05
N GLN B 137 0.59 13.25 -10.20
CA GLN B 137 1.22 13.36 -11.50
CA GLN B 137 1.22 13.36 -11.50
C GLN B 137 0.76 14.63 -12.19
N GLY B 138 1.69 15.59 -12.34
CA GLY B 138 1.41 16.83 -13.02
C GLY B 138 1.96 16.83 -14.44
N SER B 139 1.56 17.86 -15.20
CA SER B 139 1.91 17.97 -16.60
C SER B 139 2.14 19.44 -16.94
N VAL B 140 3.01 19.68 -17.93
CA VAL B 140 3.35 21.03 -18.36
C VAL B 140 3.81 21.01 -19.81
N ASP B 141 3.71 22.17 -20.46
CA ASP B 141 4.34 22.42 -21.74
C ASP B 141 5.39 23.50 -21.54
N LEU B 142 6.64 23.19 -21.88
CA LEU B 142 7.73 24.12 -21.66
C LEU B 142 7.64 25.29 -22.63
N ILE B 154 10.01 37.72 -10.81
CA ILE B 154 9.39 37.66 -9.50
C ILE B 154 7.91 37.28 -9.65
N PRO B 155 7.49 36.18 -9.01
CA PRO B 155 6.13 35.69 -9.24
C PRO B 155 5.06 36.68 -8.80
N LEU B 156 3.92 36.62 -9.48
CA LEU B 156 2.74 37.40 -9.09
C LEU B 156 1.99 36.69 -7.98
N ALA B 157 1.33 37.48 -7.14
CA ALA B 157 0.53 36.94 -6.05
C ALA B 157 -0.80 36.40 -6.58
N ASN B 158 -1.02 35.11 -6.41
CA ASN B 158 -2.29 34.47 -6.74
CA ASN B 158 -2.29 34.47 -6.74
C ASN B 158 -3.28 34.48 -5.60
N ASP B 159 -2.79 34.65 -4.36
CA ASP B 159 -3.64 34.54 -3.17
C ASP B 159 -3.08 35.42 -2.08
N THR B 160 -3.86 35.68 -1.08
CA THR B 160 -3.44 36.51 0.06
C THR B 160 -2.70 35.57 1.00
N SER B 161 -1.38 35.62 0.91
CA SER B 161 -0.51 34.74 1.66
C SER B 161 0.12 35.54 2.78
N PHE B 162 0.53 34.82 3.81
CA PHE B 162 0.96 35.45 5.04
C PHE B 162 2.23 34.79 5.55
N GLY B 163 3.16 35.60 6.05
CA GLY B 163 4.26 35.10 6.84
C GLY B 163 4.42 35.94 8.08
N VAL B 164 4.93 35.31 9.15
CA VAL B 164 5.10 35.98 10.44
C VAL B 164 6.40 35.51 11.07
N GLY B 165 7.19 36.45 11.60
CA GLY B 165 8.44 36.12 12.27
C GLY B 165 8.72 37.11 13.37
N TYR B 166 9.73 36.80 14.17
CA TYR B 166 10.07 37.66 15.31
C TYR B 166 11.52 37.46 15.71
N ALA B 167 12.01 38.41 16.49
CA ALA B 167 13.36 38.34 17.03
C ALA B 167 13.47 39.41 18.11
N PRO B 168 14.43 39.26 19.03
CA PRO B 168 15.37 38.14 19.15
C PRO B 168 14.76 37.00 19.94
N LEU B 169 15.47 35.88 20.03
CA LEU B 169 15.00 34.79 20.87
C LEU B 169 15.19 35.14 22.34
N SER B 170 14.25 34.68 23.17
CA SER B 170 14.36 34.79 24.61
C SER B 170 15.40 33.80 25.14
N GLU B 171 15.74 33.94 26.42
CA GLU B 171 16.66 32.98 27.03
C GLU B 171 16.10 31.56 26.96
N THR B 172 14.82 31.38 27.25
CA THR B 172 14.25 30.04 27.22
C THR B 172 14.19 29.49 25.80
N GLU B 173 13.90 30.35 24.83
CA GLU B 173 13.91 29.94 23.42
C GLU B 173 15.32 29.50 23.01
N ARG B 174 16.34 30.28 23.37
CA ARG B 174 17.69 29.93 22.98
C ARG B 174 18.14 28.65 23.68
N LEU B 175 17.78 28.48 24.94
CA LEU B 175 18.16 27.27 25.67
C LEU B 175 17.55 26.03 25.01
N VAL B 176 16.26 26.10 24.67
CA VAL B 176 15.59 24.96 24.04
C VAL B 176 16.20 24.67 22.67
N LEU B 177 16.35 25.71 21.86
CA LEU B 177 16.91 25.52 20.52
C LEU B 177 18.32 24.97 20.60
N GLU B 178 19.18 25.60 21.39
CA GLU B 178 20.59 25.23 21.40
C GLU B 178 20.83 23.91 22.14
N THR B 179 19.94 23.52 23.03
CA THR B 179 20.07 22.21 23.65
C THR B 179 19.95 21.12 22.60
N GLU B 180 18.91 21.18 21.76
CA GLU B 180 18.77 20.16 20.73
C GLU B 180 19.90 20.21 19.72
N LYS B 181 20.29 21.43 19.30
CA LYS B 181 21.38 21.57 18.34
C LYS B 181 22.69 21.02 18.90
N LEU B 182 22.95 21.23 20.19
CA LEU B 182 24.16 20.68 20.79
C LEU B 182 24.14 19.16 20.77
N LEU B 183 23.07 18.56 21.29
CA LEU B 183 23.04 17.11 21.45
C LEU B 183 23.03 16.39 20.11
N ASN B 184 22.56 17.04 19.05
CA ASN B 184 22.57 16.44 17.72
C ASN B 184 23.69 16.98 16.82
N SER B 185 24.63 17.75 17.37
CA SER B 185 25.78 18.21 16.60
C SER B 185 26.77 17.08 16.40
N GLU B 186 27.53 17.15 15.31
CA GLU B 186 28.54 16.11 15.04
C GLU B 186 29.56 16.03 16.17
N LYS B 187 30.05 17.17 16.66
CA LYS B 187 31.07 17.15 17.71
CA LYS B 187 31.07 17.15 17.69
C LYS B 187 30.57 16.41 18.93
N PHE B 188 29.31 16.62 19.31
CA PHE B 188 28.78 15.92 20.47
C PHE B 188 28.56 14.44 20.15
N LYS B 189 28.07 14.14 18.95
CA LYS B 189 27.84 12.75 18.56
C LYS B 189 29.15 11.97 18.52
N LYS B 190 30.25 12.62 18.11
CA LYS B 190 31.55 11.96 18.10
C LYS B 190 31.98 11.56 19.50
N GLU B 191 31.74 12.43 20.49
CA GLU B 191 32.13 12.13 21.86
C GLU B 191 31.16 11.16 22.54
N TYR B 192 29.88 11.23 22.21
CA TYR B 192 28.84 10.44 22.86
C TYR B 192 27.95 9.78 21.81
N PRO B 193 28.49 8.79 21.09
CA PRO B 193 27.71 8.16 20.00
C PRO B 193 26.43 7.47 20.47
N ALA B 194 26.27 7.25 21.77
CA ALA B 194 25.06 6.59 22.28
C ALA B 194 23.83 7.48 22.21
N VAL B 195 23.99 8.79 22.01
CA VAL B 195 22.86 9.71 22.01
C VAL B 195 22.28 9.71 20.62
N GLY B 196 21.07 9.17 20.48
CA GLY B 196 20.37 9.18 19.22
C GLY B 196 19.90 10.57 18.83
N GLU B 197 19.23 10.62 17.69
CA GLU B 197 18.79 11.88 17.11
C GLU B 197 17.36 12.25 17.51
N ASP B 198 16.58 11.30 18.03
CA ASP B 198 15.20 11.59 18.43
C ASP B 198 15.24 12.26 19.80
N ILE B 199 15.33 13.59 19.78
CA ILE B 199 15.47 14.39 20.99
C ILE B 199 14.35 15.42 21.01
N LYS B 200 13.54 15.37 22.06
CA LYS B 200 12.47 16.35 22.26
C LYS B 200 12.77 17.14 23.51
N VAL B 201 12.75 18.47 23.37
CA VAL B 201 13.13 19.39 24.44
C VAL B 201 11.95 20.28 24.76
N MET B 202 11.59 20.37 26.04
CA MET B 202 10.53 21.25 26.51
C MET B 202 11.10 22.16 27.58
N GLY B 203 10.92 23.47 27.40
CA GLY B 203 11.33 24.46 28.38
C GLY B 203 10.13 25.16 28.98
N LEU B 204 10.10 25.17 30.32
CA LEU B 204 9.11 25.91 31.10
C LEU B 204 9.84 26.91 31.98
N ARG B 205 9.59 28.20 31.75
CA ARG B 205 10.10 29.24 32.64
C ARG B 205 8.96 29.75 33.51
N ARG B 206 9.21 29.81 34.82
CA ARG B 206 8.37 30.52 35.77
C ARG B 206 9.22 31.54 36.49
N GLY B 207 9.01 32.81 36.19
CA GLY B 207 9.82 33.85 36.77
C GLY B 207 11.27 33.71 36.32
N ASN B 208 12.17 33.56 37.28
CA ASN B 208 13.59 33.41 37.00
C ASN B 208 14.08 31.98 37.24
N GLU B 209 13.21 31.00 37.02
CA GLU B 209 13.59 29.59 37.11
C GLU B 209 13.07 28.88 35.87
N ILE B 210 13.94 28.09 35.24
CA ILE B 210 13.61 27.35 34.02
C ILE B 210 13.75 25.87 34.32
N ASP B 211 12.71 25.11 33.99
CA ASP B 211 12.73 23.65 34.00
C ASP B 211 12.88 23.17 32.56
N LEU B 212 13.91 22.37 32.30
CA LEU B 212 14.21 21.88 30.96
C LEU B 212 14.11 20.35 30.98
N THR B 213 13.19 19.80 30.19
CA THR B 213 13.01 18.37 30.10
CA THR B 213 13.01 18.36 30.11
C THR B 213 13.48 17.89 28.73
N ILE B 214 14.31 16.85 28.73
CA ILE B 214 14.91 16.33 27.51
C ILE B 214 14.55 14.85 27.41
N ALA B 215 13.87 14.49 26.34
CA ALA B 215 13.59 13.10 26.04
C ALA B 215 14.50 12.74 24.87
N ALA B 216 15.55 11.97 25.16
CA ALA B 216 16.60 11.67 24.20
C ALA B 216 16.73 10.17 24.04
N ALA B 217 16.45 9.68 22.84
CA ALA B 217 16.59 8.25 22.55
C ALA B 217 18.07 7.85 22.57
N ILE B 218 18.39 6.83 23.37
CA ILE B 218 19.75 6.31 23.48
C ILE B 218 19.86 5.06 22.62
N VAL B 219 21.00 4.90 21.96
CA VAL B 219 21.22 3.81 21.00
C VAL B 219 21.76 2.61 21.77
N ASP B 220 21.02 1.50 21.71
CA ASP B 220 21.28 0.38 22.61
C ASP B 220 22.57 -0.37 22.27
N SER B 221 23.07 -0.25 21.04
CA SER B 221 24.34 -0.87 20.70
C SER B 221 25.52 -0.11 21.28
N GLU B 222 25.30 1.10 21.80
CA GLU B 222 26.36 1.94 22.35
C GLU B 222 26.38 1.93 23.89
N VAL B 223 25.43 1.25 24.52
CA VAL B 223 25.37 1.14 25.98
C VAL B 223 25.23 -0.33 26.31
N ALA B 224 26.24 -0.88 26.97
CA ALA B 224 26.26 -2.32 27.27
C ALA B 224 25.44 -2.67 28.49
N THR B 225 25.16 -1.71 29.37
CA THR B 225 24.50 -1.99 30.63
C THR B 225 23.63 -0.81 31.01
N PRO B 226 22.68 -1.01 31.94
CA PRO B 226 22.01 0.15 32.52
C PRO B 226 22.96 1.18 33.10
N LYS B 227 24.06 0.73 33.70
CA LYS B 227 25.03 1.66 34.27
C LYS B 227 25.62 2.57 33.21
N GLU B 228 26.00 2.01 32.05
CA GLU B 228 26.47 2.86 30.96
C GLU B 228 25.37 3.78 30.47
N TYR B 229 24.12 3.30 30.46
CA TYR B 229 23.00 4.16 30.05
C TYR B 229 22.85 5.35 30.99
N LEU B 230 22.91 5.11 32.31
CA LEU B 230 22.78 6.21 33.26
C LEU B 230 23.94 7.18 33.13
N GLU B 231 25.14 6.68 32.84
CA GLU B 231 26.28 7.56 32.62
C GLU B 231 26.07 8.44 31.40
N VAL B 232 25.40 7.92 30.37
CA VAL B 232 25.11 8.72 29.18
C VAL B 232 24.13 9.85 29.51
N LYS B 233 23.13 9.57 30.35
CA LYS B 233 22.19 10.61 30.72
C LYS B 233 22.87 11.70 31.55
N ASP B 234 23.79 11.31 32.42
CA ASP B 234 24.53 12.30 33.19
C ASP B 234 25.40 13.16 32.28
N LYS B 235 25.99 12.57 31.24
CA LYS B 235 26.79 13.37 30.33
C LYS B 235 25.92 14.34 29.53
N ILE B 236 24.70 13.92 29.17
CA ILE B 236 23.76 14.85 28.56
C ILE B 236 23.46 15.99 29.52
N LYS B 237 23.09 15.66 30.76
CA LYS B 237 22.76 16.69 31.73
C LYS B 237 23.94 17.64 31.95
N GLU B 238 25.15 17.09 32.13
CA GLU B 238 26.32 17.93 32.37
C GLU B 238 26.56 18.87 31.20
N ALA B 239 26.44 18.37 29.97
CA ALA B 239 26.70 19.23 28.81
C ALA B 239 25.67 20.34 28.71
N VAL B 240 24.42 20.05 29.04
CA VAL B 240 23.37 21.07 28.96
C VAL B 240 23.47 22.04 30.13
N GLU B 241 23.93 21.57 31.30
CA GLU B 241 24.21 22.48 32.41
C GLU B 241 25.24 23.53 32.01
N GLU B 242 26.32 23.09 31.37
CA GLU B 242 27.33 24.02 30.87
C GLU B 242 26.73 24.98 29.85
N LEU B 243 25.93 24.45 28.92
CA LEU B 243 25.27 25.29 27.93
C LEU B 243 24.39 26.35 28.59
N ALA B 244 23.63 25.94 29.61
CA ALA B 244 22.71 26.87 30.25
C ALA B 244 23.46 28.04 30.89
N LYS B 245 24.62 27.76 31.49
CA LYS B 245 25.43 28.80 32.11
C LYS B 245 25.97 29.79 31.09
N GLU B 246 26.04 29.40 29.82
CA GLU B 246 26.45 30.34 28.78
C GLU B 246 25.32 31.24 28.33
N ILE B 247 24.07 30.90 28.64
CA ILE B 247 22.91 31.61 28.12
C ILE B 247 22.26 32.50 29.17
N THR B 248 22.19 32.04 30.43
CA THR B 248 21.42 32.73 31.44
C THR B 248 22.03 32.53 32.82
N SER B 249 21.75 33.47 33.72
CA SER B 249 22.01 33.29 35.14
C SER B 249 20.75 32.99 35.94
N ARG B 250 19.60 32.83 35.27
CA ARG B 250 18.45 32.26 35.93
C ARG B 250 18.78 30.84 36.41
N LYS B 251 18.03 30.38 37.40
CA LYS B 251 18.18 28.99 37.84
C LYS B 251 17.60 28.06 36.77
N VAL B 252 18.37 27.02 36.42
CA VAL B 252 17.98 26.06 35.39
C VAL B 252 18.05 24.66 35.97
N ASN B 253 16.93 23.94 35.91
CA ASN B 253 16.84 22.53 36.28
C ASN B 253 16.70 21.70 35.01
N ILE B 254 17.53 20.67 34.88
CA ILE B 254 17.57 19.83 33.68
C ILE B 254 17.18 18.42 34.07
N TYR B 255 16.27 17.83 33.31
CA TYR B 255 15.77 16.49 33.54
C TYR B 255 15.87 15.72 32.22
N VAL B 256 16.40 14.50 32.27
CA VAL B 256 16.64 13.69 31.08
C VAL B 256 15.87 12.39 31.20
N ASN B 257 15.06 12.09 30.18
CA ASN B 257 14.32 10.82 30.07
C ASN B 257 13.61 10.49 31.37
N THR B 258 12.66 11.37 31.72
CA THR B 258 12.02 11.33 33.03
C THR B 258 11.06 10.16 33.19
N ALA B 259 10.62 9.55 32.09
CA ALA B 259 9.77 8.37 32.17
C ALA B 259 10.55 7.10 32.50
N ASP B 260 11.88 7.19 32.58
CA ASP B 260 12.68 6.04 32.96
C ASP B 260 12.26 5.56 34.35
N ASP B 261 12.24 4.25 34.52
CA ASP B 261 11.99 3.64 35.82
C ASP B 261 12.92 2.44 35.95
N PRO B 262 14.13 2.65 36.48
CA PRO B 262 15.09 1.53 36.56
C PRO B 262 14.53 0.33 37.28
N GLU B 263 13.84 0.55 38.40
CA GLU B 263 13.28 -0.57 39.15
C GLU B 263 12.39 -1.43 38.26
N ARG B 264 11.65 -0.80 37.36
CA ARG B 264 10.76 -1.50 36.45
C ARG B 264 11.45 -1.89 35.14
N GLY B 265 12.77 -1.72 35.05
CA GLY B 265 13.49 -2.08 33.85
C GLY B 265 13.09 -1.25 32.64
N ILE B 266 12.71 0.00 32.85
CA ILE B 266 12.23 0.88 31.79
C ILE B 266 13.33 1.90 31.50
N TYR B 267 13.85 1.86 30.28
CA TYR B 267 14.85 2.81 29.83
C TYR B 267 14.53 3.21 28.40
N TYR B 268 14.82 4.47 28.07
CA TYR B 268 14.59 4.99 26.72
C TYR B 268 15.76 4.58 25.83
N ILE B 269 15.82 3.28 25.52
CA ILE B 269 16.81 2.74 24.60
C ILE B 269 16.10 2.36 23.32
N THR B 270 16.79 2.55 22.20
CA THR B 270 16.27 2.25 20.87
C THR B 270 17.36 1.54 20.08
N VAL B 271 16.93 0.84 19.04
CA VAL B 271 17.89 0.20 18.13
C VAL B 271 18.51 1.21 17.19
N THR B 272 17.72 2.16 16.70
CA THR B 272 18.12 3.03 15.60
C THR B 272 18.35 4.47 16.01
N GLY B 273 17.94 4.87 17.21
CA GLY B 273 18.03 6.25 17.61
C GLY B 273 16.79 7.08 17.37
N THR B 274 15.71 6.48 16.84
CA THR B 274 14.43 7.16 16.67
C THR B 274 13.29 6.28 17.14
N SER B 275 12.35 6.89 17.87
CA SER B 275 11.17 6.19 18.34
CA SER B 275 11.17 6.18 18.35
C SER B 275 10.24 5.79 17.21
N ALA B 276 10.48 6.27 15.99
CA ALA B 276 9.71 5.76 14.87
C ALA B 276 9.85 4.26 14.72
N GLU B 277 10.93 3.68 15.26
CA GLU B 277 11.13 2.24 15.19
C GLU B 277 10.14 1.47 16.06
N ALA B 278 9.60 2.11 17.09
CA ALA B 278 8.81 1.42 18.10
C ALA B 278 7.31 1.63 17.91
N GLY B 279 6.90 2.27 16.83
CA GLY B 279 5.49 2.45 16.54
C GLY B 279 5.01 3.88 16.56
N ASP B 280 5.87 4.84 16.90
CA ASP B 280 5.47 6.25 16.86
C ASP B 280 5.38 6.75 15.43
N ASP B 281 4.44 7.66 15.20
CA ASP B 281 4.12 8.17 13.88
C ASP B 281 4.50 9.62 13.74
N GLY B 282 4.67 10.06 12.50
CA GLY B 282 4.91 11.45 12.20
C GLY B 282 4.28 11.86 10.89
N SER B 283 4.02 13.16 10.76
CA SER B 283 3.61 13.73 9.49
C SER B 283 4.08 15.19 9.43
N VAL B 284 3.86 15.83 8.28
CA VAL B 284 4.43 17.14 7.99
C VAL B 284 3.63 18.23 8.70
N GLY B 285 4.34 19.26 9.16
CA GLY B 285 3.67 20.43 9.71
C GLY B 285 3.11 20.25 11.10
N ARG B 286 3.60 19.25 11.83
CA ARG B 286 3.12 18.94 13.18
C ARG B 286 4.09 19.41 14.24
N GLY B 287 5.14 20.11 13.86
CA GLY B 287 6.21 20.45 14.77
C GLY B 287 6.74 21.86 14.64
N ASN B 288 8.06 21.96 14.52
CA ASN B 288 8.74 23.25 14.63
C ASN B 288 8.35 24.18 13.48
N ARG B 289 8.29 25.47 13.81
CA ARG B 289 8.18 26.52 12.81
C ARG B 289 9.54 26.73 12.16
N VAL B 290 9.62 27.66 11.21
CA VAL B 290 10.83 27.83 10.43
CA VAL B 290 10.84 27.82 10.44
C VAL B 290 11.99 28.29 11.31
N ASN B 291 11.72 28.95 12.45
CA ASN B 291 12.82 29.32 13.34
C ASN B 291 13.29 28.14 14.18
N GLY B 292 12.69 26.96 14.01
CA GLY B 292 13.14 25.77 14.70
C GLY B 292 12.45 25.48 16.01
N LEU B 293 11.41 26.24 16.37
CA LEU B 293 10.81 26.18 17.69
C LEU B 293 9.28 26.14 17.61
N ILE B 294 8.67 25.65 18.68
CA ILE B 294 7.23 25.70 18.89
C ILE B 294 7.01 26.62 20.09
N THR B 295 6.36 27.76 19.86
CA THR B 295 6.40 28.90 20.79
C THR B 295 5.01 29.46 21.02
N PRO B 296 4.25 28.91 21.97
CA PRO B 296 2.90 29.43 22.23
C PRO B 296 2.86 30.83 22.85
N ASN B 297 3.98 31.34 23.38
CA ASN B 297 4.04 32.72 23.83
C ASN B 297 4.23 33.71 22.68
N ARG B 298 4.44 33.22 21.47
CA ARG B 298 4.64 34.05 20.31
C ARG B 298 3.48 33.88 19.34
N HIS B 299 3.57 34.51 18.19
CA HIS B 299 2.56 34.37 17.16
C HIS B 299 3.20 33.47 16.10
N MET B 300 2.46 32.46 15.69
CA MET B 300 3.00 31.45 14.79
C MET B 300 2.08 31.32 13.60
N SER B 301 2.67 30.93 12.49
CA SER B 301 1.93 30.54 11.31
C SER B 301 1.57 29.07 11.38
N MET B 302 0.42 28.72 10.80
CA MET B 302 -0.05 27.35 10.72
C MET B 302 0.46 26.62 9.50
N GLU B 303 0.99 27.33 8.53
CA GLU B 303 1.44 26.73 7.28
C GLU B 303 2.69 25.89 7.49
N ALA B 304 2.76 24.78 6.76
CA ALA B 304 3.92 23.89 6.80
C ALA B 304 4.90 24.30 5.71
N ALA B 305 6.05 24.85 6.12
CA ALA B 305 7.03 25.28 5.12
C ALA B 305 7.68 24.09 4.41
N ALA B 306 7.87 22.97 5.11
CA ALA B 306 8.64 21.87 4.57
C ALA B 306 7.91 21.23 3.39
N GLY B 307 8.62 21.10 2.27
CA GLY B 307 8.08 20.49 1.07
C GLY B 307 7.47 21.47 0.09
N LYS B 308 7.29 22.72 0.46
CA LYS B 308 6.73 23.69 -0.46
C LYS B 308 7.78 24.22 -1.42
N ASN B 309 7.35 24.48 -2.64
CA ASN B 309 8.24 24.97 -3.69
C ASN B 309 8.84 26.31 -3.29
N PRO B 310 10.16 26.44 -3.15
CA PRO B 310 10.73 27.73 -2.70
C PRO B 310 10.72 28.81 -3.76
N VAL B 311 10.36 28.51 -5.00
CA VAL B 311 10.32 29.49 -6.07
C VAL B 311 8.94 30.14 -6.20
N SER B 312 7.87 29.41 -5.87
CA SER B 312 6.53 29.87 -6.19
C SER B 312 5.57 29.90 -5.01
N HIS B 313 5.89 29.29 -3.87
CA HIS B 313 4.95 29.29 -2.75
C HIS B 313 5.22 30.53 -1.90
N VAL B 314 4.27 31.47 -1.92
CA VAL B 314 4.49 32.76 -1.26
C VAL B 314 4.49 32.59 0.25
N GLY B 315 3.64 31.72 0.77
CA GLY B 315 3.60 31.50 2.21
C GLY B 315 4.93 31.02 2.77
N LYS B 316 5.62 30.17 2.03
CA LYS B 316 6.92 29.69 2.49
C LYS B 316 7.93 30.83 2.45
N ILE B 317 7.96 31.58 1.35
CA ILE B 317 8.95 32.63 1.20
C ILE B 317 8.72 33.72 2.25
N TYR B 318 7.45 34.07 2.51
CA TYR B 318 7.16 35.15 3.45
C TYR B 318 7.47 34.77 4.89
N ASN B 319 7.23 33.51 5.27
CA ASN B 319 7.56 33.10 6.63
C ASN B 319 9.07 33.11 6.85
N ILE B 320 9.82 32.73 5.82
CA ILE B 320 11.27 32.78 5.92
C ILE B 320 11.75 34.23 5.91
N LEU B 321 11.21 35.02 4.99
CA LEU B 321 11.63 36.42 4.89
C LEU B 321 11.29 37.19 6.16
N ALA B 322 10.13 36.93 6.74
CA ALA B 322 9.73 37.62 7.97
C ALA B 322 10.70 37.30 9.11
N MET B 323 11.15 36.05 9.20
CA MET B 323 12.14 35.68 10.19
C MET B 323 13.47 36.40 9.95
N LEU B 324 13.90 36.46 8.69
CA LEU B 324 15.19 37.06 8.37
C LEU B 324 15.19 38.56 8.64
N ILE B 325 14.11 39.24 8.27
CA ILE B 325 13.99 40.68 8.51
C ILE B 325 14.04 40.97 10.01
N ALA B 326 13.27 40.20 10.79
CA ALA B 326 13.24 40.36 12.23
C ALA B 326 14.61 40.16 12.85
N GLU B 327 15.31 39.10 12.43
CA GLU B 327 16.62 38.81 12.99
C GLU B 327 17.61 39.95 12.70
N ASP B 328 17.53 40.52 11.51
CA ASP B 328 18.45 41.60 11.12
C ASP B 328 18.16 42.88 11.91
N ILE B 329 16.88 43.19 12.12
CA ILE B 329 16.50 44.36 12.91
C ILE B 329 16.97 44.18 14.35
N ALA B 330 16.71 43.00 14.94
CA ALA B 330 17.05 42.77 16.34
C ALA B 330 18.56 42.82 16.56
N LYS B 331 19.33 42.42 15.54
CA LYS B 331 20.78 42.41 15.63
C LYS B 331 21.40 43.78 15.48
N THR B 332 20.76 44.68 14.74
CA THR B 332 21.40 45.93 14.35
C THR B 332 20.80 47.17 15.01
N LEU B 333 19.57 47.11 15.49
CA LEU B 333 18.89 48.29 16.00
C LEU B 333 18.46 48.12 17.46
N PRO B 334 18.26 49.24 18.18
CA PRO B 334 17.94 49.11 19.63
C PRO B 334 16.50 48.73 19.90
N VAL B 335 16.18 47.47 19.62
CA VAL B 335 14.84 46.93 19.82
C VAL B 335 14.93 45.82 20.84
N GLU B 336 13.93 45.75 21.73
CA GLU B 336 13.80 44.65 22.67
C GLU B 336 13.07 43.47 22.04
N GLU B 337 12.07 43.75 21.21
CA GLU B 337 11.37 42.73 20.44
C GLU B 337 10.96 43.35 19.11
N VAL B 338 10.92 42.52 18.07
CA VAL B 338 10.41 42.98 16.78
C VAL B 338 9.59 41.84 16.18
N TYR B 339 8.38 42.18 15.71
CA TYR B 339 7.48 41.23 15.08
C TYR B 339 7.23 41.69 13.65
N VAL B 340 7.40 40.78 12.70
CA VAL B 340 7.29 41.10 11.28
C VAL B 340 6.20 40.21 10.68
N ARG B 341 5.25 40.84 10.00
CA ARG B 341 4.19 40.15 9.28
C ARG B 341 4.15 40.68 7.86
N ILE B 342 4.02 39.77 6.90
CA ILE B 342 4.00 40.14 5.49
C ILE B 342 2.75 39.54 4.85
N LEU B 343 1.99 40.38 4.15
CA LEU B 343 0.77 39.98 3.48
C LEU B 343 0.89 40.30 2.00
N SER B 344 0.65 39.31 1.15
CA SER B 344 0.70 39.55 -0.28
C SER B 344 -0.54 40.31 -0.72
N GLN B 345 -0.42 40.99 -1.86
CA GLN B 345 -1.55 41.65 -2.50
C GLN B 345 -1.86 40.94 -3.81
N ILE B 346 -3.11 40.45 -3.94
CA ILE B 346 -3.49 39.66 -5.11
C ILE B 346 -3.20 40.42 -6.38
N GLY B 347 -2.55 39.73 -7.30
CA GLY B 347 -2.25 40.30 -8.58
C GLY B 347 -1.04 41.19 -8.61
N LYS B 348 -0.37 41.41 -7.47
CA LYS B 348 0.84 42.20 -7.45
C LYS B 348 2.06 41.33 -7.19
N PRO B 349 3.25 41.72 -7.67
CA PRO B 349 4.45 40.93 -7.38
C PRO B 349 4.65 40.80 -5.88
N ILE B 350 5.19 39.64 -5.48
CA ILE B 350 5.31 39.32 -4.06
C ILE B 350 6.36 40.15 -3.34
N ASP B 351 7.22 40.85 -4.07
CA ASP B 351 8.10 41.83 -3.43
C ASP B 351 7.39 43.15 -3.20
N GLN B 352 6.10 43.23 -3.58
CA GLN B 352 5.23 44.37 -3.35
C GLN B 352 4.06 43.89 -2.51
N PRO B 353 4.29 43.58 -1.23
CA PRO B 353 3.22 43.04 -0.40
C PRO B 353 2.11 44.06 -0.17
N LEU B 354 0.92 43.53 0.15
CA LEU B 354 -0.19 44.39 0.55
C LEU B 354 0.21 45.23 1.75
N VAL B 355 0.88 44.61 2.71
CA VAL B 355 1.51 45.34 3.81
C VAL B 355 2.63 44.47 4.37
N ALA B 356 3.70 45.13 4.77
CA ALA B 356 4.77 44.54 5.57
C ALA B 356 4.77 45.31 6.89
N SER B 357 4.24 44.68 7.93
CA SER B 357 4.07 45.31 9.23
C SER B 357 5.28 44.99 10.09
N ILE B 358 5.98 46.04 10.54
CA ILE B 358 7.16 45.90 11.37
C ILE B 358 6.81 46.53 12.71
N GLN B 359 6.62 45.69 13.71
CA GLN B 359 6.17 46.12 15.03
C GLN B 359 7.31 45.93 16.03
N VAL B 360 7.70 47.01 16.70
CA VAL B 360 8.90 47.04 17.53
C VAL B 360 8.58 47.51 18.93
N ILE B 361 9.13 46.82 19.91
CA ILE B 361 9.27 47.34 21.28
C ILE B 361 10.68 47.86 21.40
N PRO B 362 10.91 49.16 21.57
CA PRO B 362 12.27 49.67 21.67
C PRO B 362 12.92 49.25 22.97
N LYS B 363 14.25 49.22 22.95
CA LYS B 363 14.98 49.01 24.18
C LYS B 363 14.62 50.11 25.16
N PRO B 364 14.63 49.82 26.46
CA PRO B 364 14.31 50.87 27.44
C PRO B 364 15.16 52.11 27.21
N GLY B 365 14.50 53.28 27.29
CA GLY B 365 15.18 54.54 27.05
C GLY B 365 15.28 54.96 25.60
N HIS B 366 14.77 54.15 24.67
CA HIS B 366 14.85 54.44 23.25
C HIS B 366 13.44 54.62 22.69
N SER B 367 13.34 55.32 21.57
CA SER B 367 12.10 55.47 20.85
C SER B 367 12.29 55.07 19.39
N VAL B 368 11.19 54.63 18.77
CA VAL B 368 11.24 54.14 17.39
C VAL B 368 11.68 55.23 16.43
N LYS B 369 11.38 56.49 16.74
CA LYS B 369 11.77 57.59 15.86
C LYS B 369 13.27 57.57 15.56
N GLU B 370 14.08 57.05 16.49
CA GLU B 370 15.52 57.02 16.27
C GLU B 370 15.90 56.11 15.12
N PHE B 371 15.17 55.02 14.92
CA PHE B 371 15.59 53.97 14.01
C PHE B 371 14.48 53.49 13.08
N GLU B 372 13.36 54.21 12.98
CA GLU B 372 12.29 53.72 12.10
C GLU B 372 12.74 53.72 10.65
N LYS B 373 13.59 54.68 10.28
CA LYS B 373 14.07 54.75 8.89
C LYS B 373 14.99 53.57 8.56
N ASP B 374 15.86 53.18 9.50
CA ASP B 374 16.73 52.04 9.26
C ASP B 374 15.95 50.74 9.27
N ALA B 375 14.98 50.60 10.15
CA ALA B 375 14.15 49.40 10.16
C ALA B 375 13.39 49.26 8.84
N TYR B 376 12.86 50.37 8.34
CA TYR B 376 12.23 50.36 7.01
C TYR B 376 13.20 49.87 5.95
N SER B 377 14.44 50.38 5.98
CA SER B 377 15.41 50.04 4.94
C SER B 377 15.79 48.57 4.99
N ILE B 378 15.89 48.00 6.19
CA ILE B 378 16.23 46.58 6.32
C ILE B 378 15.13 45.73 5.70
N ALA B 379 13.87 46.05 6.01
CA ALA B 379 12.75 45.30 5.43
C ALA B 379 12.70 45.49 3.92
N ASP B 380 12.96 46.71 3.46
CA ASP B 380 12.91 47.01 2.04
C ASP B 380 13.97 46.24 1.27
N GLU B 381 15.17 46.11 1.84
CA GLU B 381 16.25 45.46 1.11
C GLU B 381 16.03 43.95 1.03
N TRP B 382 15.51 43.35 2.10
CA TRP B 382 15.19 41.93 2.06
C TRP B 382 14.08 41.64 1.05
N LEU B 383 13.05 42.49 1.00
CA LEU B 383 11.98 42.30 0.03
C LEU B 383 12.50 42.44 -1.40
N ALA B 384 13.41 43.39 -1.62
CA ALA B 384 14.01 43.57 -2.94
C ALA B 384 14.93 42.42 -3.33
N ASN B 385 15.39 41.61 -2.36
CA ASN B 385 16.29 40.49 -2.64
C ASN B 385 15.61 39.14 -2.44
N ILE B 386 14.31 39.08 -2.70
CA ILE B 386 13.56 37.85 -2.47
C ILE B 386 14.16 36.72 -3.29
N THR B 387 14.68 37.02 -4.48
CA THR B 387 15.30 35.99 -5.31
C THR B 387 16.56 35.43 -4.67
N LYS B 388 17.30 36.26 -3.93
CA LYS B 388 18.47 35.78 -3.19
C LYS B 388 18.04 34.80 -2.12
N VAL B 389 16.90 35.04 -1.48
CA VAL B 389 16.44 34.18 -0.40
C VAL B 389 16.05 32.82 -0.94
N GLN B 390 15.35 32.81 -2.09
CA GLN B 390 15.02 31.55 -2.75
C GLN B 390 16.27 30.73 -3.03
N LYS B 391 17.33 31.39 -3.47
CA LYS B 391 18.58 30.68 -3.76
C LYS B 391 19.18 30.10 -2.49
N MET B 392 19.09 30.85 -1.39
CA MET B 392 19.64 30.39 -0.12
C MET B 392 18.91 29.15 0.37
N ILE B 393 17.61 29.04 0.08
CA ILE B 393 16.84 27.87 0.48
C ILE B 393 17.34 26.63 -0.24
N LEU B 394 17.57 26.72 -1.56
CA LEU B 394 18.01 25.54 -2.30
C LEU B 394 19.45 25.17 -2.00
N GLU B 395 20.27 26.12 -1.56
CA GLU B 395 21.63 25.84 -1.16
C GLU B 395 21.73 25.35 0.28
N ASP B 396 20.60 24.98 0.91
CA ASP B 396 20.58 24.45 2.26
C ASP B 396 21.20 25.42 3.27
N LYS B 397 21.01 26.72 3.05
CA LYS B 397 21.54 27.73 3.96
C LYS B 397 20.52 28.23 4.96
N ILE B 398 19.25 27.85 4.81
CA ILE B 398 18.18 28.26 5.72
C ILE B 398 17.37 27.02 6.05
N SER B 399 17.18 26.76 7.34
CA SER B 399 16.35 25.66 7.77
C SER B 399 14.89 26.09 7.77
N VAL B 400 13.98 25.11 7.62
CA VAL B 400 12.55 25.37 7.58
C VAL B 400 11.82 24.64 8.69
N PHE B 401 12.56 23.99 9.60
CA PHE B 401 12.01 23.40 10.80
C PHE B 401 13.15 23.17 11.77
N ALA C 2 1.36 -51.13 2.01
CA ALA C 2 0.72 -50.19 2.90
C ALA C 2 0.39 -48.88 2.18
N ARG C 3 1.35 -48.37 1.40
CA ARG C 3 1.16 -47.12 0.69
C ARG C 3 0.39 -47.35 -0.61
N ASN C 4 -0.44 -46.36 -0.95
CA ASN C 4 -1.36 -46.46 -2.09
C ASN C 4 -0.65 -46.19 -3.42
N ILE C 5 0.31 -47.06 -3.74
CA ILE C 5 1.10 -46.93 -4.97
C ILE C 5 0.47 -47.79 -6.05
N VAL C 6 0.27 -47.21 -7.24
CA VAL C 6 -0.35 -47.89 -8.37
C VAL C 6 0.56 -47.76 -9.58
N VAL C 7 0.99 -48.90 -10.12
CA VAL C 7 1.82 -48.93 -11.33
C VAL C 7 0.97 -49.44 -12.49
N GLU C 8 0.94 -48.70 -13.59
CA GLU C 8 0.17 -49.12 -14.75
C GLU C 8 0.94 -48.84 -16.02
N GLU C 9 0.69 -49.67 -17.03
CA GLU C 9 1.22 -49.46 -18.35
C GLU C 9 0.23 -48.62 -19.17
N ILE C 10 0.78 -47.67 -19.92
CA ILE C 10 -0.01 -46.92 -20.90
C ILE C 10 0.62 -47.07 -22.27
N VAL C 11 -0.23 -46.90 -23.29
CA VAL C 11 0.18 -46.87 -24.68
C VAL C 11 0.10 -45.44 -25.18
N ARG C 12 1.20 -44.94 -25.71
CA ARG C 12 1.23 -43.62 -26.31
C ARG C 12 2.47 -43.50 -27.17
N THR C 13 2.38 -42.69 -28.22
CA THR C 13 3.56 -42.35 -29.01
C THR C 13 4.52 -41.58 -28.11
N PRO C 14 5.75 -42.05 -27.93
CA PRO C 14 6.71 -41.26 -27.14
C PRO C 14 6.86 -39.86 -27.70
N VAL C 15 7.11 -38.90 -26.81
CA VAL C 15 7.22 -37.50 -27.21
C VAL C 15 8.25 -37.33 -28.32
N GLU C 16 9.39 -38.04 -28.22
CA GLU C 16 10.42 -37.91 -29.24
C GLU C 16 9.93 -38.35 -30.61
N MET C 17 8.91 -39.20 -30.68
CA MET C 17 8.36 -39.65 -31.96
C MET C 17 7.12 -38.86 -32.39
N GLN C 18 6.59 -37.99 -31.53
CA GLN C 18 5.46 -37.16 -31.92
C GLN C 18 5.90 -36.11 -32.94
N GLN C 19 4.96 -35.69 -33.78
CA GLN C 19 5.32 -34.80 -34.89
C GLN C 19 5.57 -33.37 -34.42
N VAL C 20 4.75 -32.87 -33.50
CA VAL C 20 4.83 -31.48 -33.05
C VAL C 20 5.06 -31.47 -31.55
N GLU C 21 6.15 -30.84 -31.13
CA GLU C 21 6.51 -30.74 -29.73
C GLU C 21 6.88 -29.29 -29.44
N LEU C 22 6.29 -28.74 -28.38
CA LEU C 22 6.49 -27.35 -27.99
C LEU C 22 6.98 -27.30 -26.55
N VAL C 23 8.07 -26.57 -26.31
CA VAL C 23 8.68 -26.47 -24.99
C VAL C 23 9.09 -25.03 -24.76
N GLU C 24 8.89 -24.53 -23.55
CA GLU C 24 9.24 -23.15 -23.22
C GLU C 24 9.89 -23.09 -21.85
N ARG C 25 10.79 -22.12 -21.67
CA ARG C 25 11.35 -21.84 -20.36
C ARG C 25 11.44 -20.34 -20.17
N LYS C 26 10.90 -19.87 -19.04
CA LYS C 26 11.04 -18.48 -18.62
C LYS C 26 12.27 -18.37 -17.74
N GLY C 27 13.27 -17.63 -18.21
CA GLY C 27 14.54 -17.49 -17.54
C GLY C 27 14.47 -16.61 -16.30
N ILE C 28 15.64 -16.49 -15.66
CA ILE C 28 15.73 -15.96 -14.31
C ILE C 28 15.14 -14.56 -14.21
N GLY C 29 15.37 -13.73 -15.21
CA GLY C 29 14.95 -12.35 -15.22
C GLY C 29 13.58 -12.10 -15.78
N HIS C 30 12.88 -13.15 -16.20
CA HIS C 30 11.50 -12.98 -16.62
C HIS C 30 10.65 -12.60 -15.41
N PRO C 31 9.71 -11.65 -15.56
CA PRO C 31 8.98 -11.19 -14.37
C PRO C 31 8.28 -12.30 -13.61
N ASP C 32 7.72 -13.29 -14.29
CA ASP C 32 7.12 -14.41 -13.58
C ASP C 32 8.17 -15.21 -12.81
N SER C 33 9.32 -15.45 -13.42
CA SER C 33 10.35 -16.19 -12.69
C SER C 33 10.96 -15.34 -11.59
N ILE C 34 10.98 -14.02 -11.74
CA ILE C 34 11.37 -13.15 -10.63
C ILE C 34 10.42 -13.35 -9.46
N ALA C 35 9.11 -13.37 -9.74
CA ALA C 35 8.14 -13.60 -8.67
C ALA C 35 8.39 -14.94 -7.98
N ASP C 36 8.54 -16.01 -8.78
CA ASP C 36 8.85 -17.33 -8.21
C ASP C 36 10.13 -17.29 -7.38
N GLY C 37 11.18 -16.67 -7.91
CA GLY C 37 12.45 -16.66 -7.22
C GLY C 37 12.40 -15.93 -5.90
N ILE C 38 11.69 -14.79 -5.87
CA ILE C 38 11.52 -14.06 -4.61
C ILE C 38 10.73 -14.90 -3.62
N ALA C 39 9.61 -15.48 -4.08
CA ALA C 39 8.80 -16.34 -3.22
C ALA C 39 9.64 -17.41 -2.54
N GLU C 40 10.47 -18.10 -3.34
CA GLU C 40 11.29 -19.17 -2.79
C GLU C 40 12.39 -18.64 -1.90
N ALA C 41 13.01 -17.51 -2.28
CA ALA C 41 14.04 -16.91 -1.44
C ALA C 41 13.48 -16.50 -0.09
N VAL C 42 12.28 -15.92 -0.09
CA VAL C 42 11.66 -15.52 1.17
C VAL C 42 11.40 -16.74 2.03
N SER C 43 10.85 -17.80 1.43
CA SER C 43 10.57 -19.01 2.19
C SER C 43 11.83 -19.59 2.80
N ARG C 44 12.90 -19.71 2.01
CA ARG C 44 14.11 -20.33 2.54
C ARG C 44 14.74 -19.47 3.63
N ALA C 45 14.65 -18.14 3.50
CA ALA C 45 15.19 -17.27 4.54
C ALA C 45 14.38 -17.39 5.82
N LEU C 46 13.05 -17.49 5.73
CA LEU C 46 12.24 -17.69 6.91
C LEU C 46 12.57 -19.02 7.58
N CYS C 47 12.68 -20.09 6.80
CA CYS C 47 13.05 -21.40 7.34
C CYS C 47 14.33 -21.30 8.15
N ARG C 48 15.37 -20.71 7.56
CA ARG C 48 16.68 -20.68 8.21
C ARG C 48 16.66 -19.86 9.49
N GLU C 49 15.88 -18.77 9.51
CA GLU C 49 15.84 -17.93 10.70
C GLU C 49 14.96 -18.52 11.79
N TYR C 50 13.87 -19.20 11.41
CA TYR C 50 13.13 -19.99 12.38
C TYR C 50 14.03 -21.02 13.04
N ILE C 51 14.82 -21.74 12.23
CA ILE C 51 15.74 -22.74 12.75
C ILE C 51 16.75 -22.09 13.70
N ARG C 52 17.36 -20.98 13.27
CA ARG C 52 18.40 -20.34 14.06
C ARG C 52 17.90 -19.91 15.43
N ARG C 53 16.64 -19.49 15.53
CA ARG C 53 16.11 -18.98 16.79
C ARG C 53 15.45 -20.05 17.65
N TYR C 54 14.79 -21.04 17.02
CA TYR C 54 13.98 -22.00 17.76
C TYR C 54 14.33 -23.45 17.50
N GLY C 55 15.22 -23.75 16.55
CA GLY C 55 15.58 -25.11 16.25
C GLY C 55 14.58 -25.86 15.38
N VAL C 56 13.49 -25.22 14.97
CA VAL C 56 12.46 -25.86 14.17
C VAL C 56 11.91 -24.85 13.18
N ILE C 57 11.41 -25.37 12.06
CA ILE C 57 10.73 -24.54 11.07
C ILE C 57 9.28 -24.34 11.53
N LEU C 58 8.84 -23.08 11.57
CA LEU C 58 7.46 -22.77 11.90
C LEU C 58 6.68 -22.54 10.61
N HIS C 59 5.35 -22.61 10.72
CA HIS C 59 4.52 -22.63 9.52
C HIS C 59 4.59 -21.30 8.79
N HIS C 60 4.63 -21.38 7.47
CA HIS C 60 4.65 -20.22 6.59
C HIS C 60 4.39 -20.71 5.18
N ASN C 61 3.84 -19.81 4.36
CA ASN C 61 3.77 -20.02 2.92
C ASN C 61 3.86 -18.64 2.28
N THR C 62 4.88 -18.43 1.45
CA THR C 62 5.09 -17.15 0.80
C THR C 62 5.04 -17.29 -0.71
N ASP C 63 4.18 -18.20 -1.18
CA ASP C 63 3.92 -18.46 -2.60
C ASP C 63 2.98 -17.43 -3.22
N GLN C 64 3.11 -16.16 -2.81
CA GLN C 64 2.27 -15.08 -3.32
C GLN C 64 3.16 -13.85 -3.41
N VAL C 65 3.51 -13.47 -4.64
CA VAL C 65 4.37 -12.33 -4.90
C VAL C 65 3.85 -11.68 -6.18
N GLU C 66 3.71 -10.36 -6.16
CA GLU C 66 3.25 -9.62 -7.32
C GLU C 66 4.36 -8.66 -7.73
N VAL C 67 4.82 -8.78 -8.97
CA VAL C 67 5.80 -7.88 -9.54
C VAL C 67 5.05 -6.93 -10.46
N VAL C 68 5.01 -5.66 -10.08
CA VAL C 68 4.33 -4.63 -10.85
C VAL C 68 5.38 -3.82 -11.60
N GLY C 69 5.36 -3.89 -12.92
CA GLY C 69 6.43 -3.30 -13.70
C GLY C 69 6.47 -1.80 -13.59
N GLY C 70 7.66 -1.25 -13.79
CA GLY C 70 7.88 0.19 -13.76
C GLY C 70 7.82 0.81 -15.13
N ARG C 71 8.56 1.91 -15.31
CA ARG C 71 8.73 2.53 -16.61
C ARG C 71 10.21 2.87 -16.80
N ALA C 72 10.64 2.82 -18.07
CA ALA C 72 12.04 3.05 -18.39
C ALA C 72 12.16 3.59 -19.81
N TYR C 73 13.24 4.33 -20.04
CA TYR C 73 13.60 4.86 -21.37
C TYR C 73 14.96 4.28 -21.72
N PRO C 74 15.02 3.09 -22.34
CA PRO C 74 16.32 2.56 -22.76
C PRO C 74 16.89 3.38 -23.90
N ARG C 75 18.22 3.44 -23.94
CA ARG C 75 18.94 4.19 -24.95
C ARG C 75 20.27 3.50 -25.18
N PHE C 76 20.68 3.38 -26.45
CA PHE C 76 22.02 2.91 -26.73
C PHE C 76 23.03 3.78 -25.99
N GLY C 77 23.95 3.12 -25.28
CA GLY C 77 24.88 3.81 -24.41
C GLY C 77 24.40 3.99 -22.99
N GLY C 78 23.12 3.81 -22.71
CA GLY C 78 22.61 3.86 -21.36
C GLY C 78 21.39 4.73 -21.18
N GLY C 79 20.26 4.11 -20.87
CA GLY C 79 19.03 4.82 -20.58
C GLY C 79 18.85 5.03 -19.09
N GLU C 80 17.59 5.22 -18.70
CA GLU C 80 17.28 5.38 -17.29
C GLU C 80 15.93 4.78 -16.98
N VAL C 81 15.82 4.21 -15.79
CA VAL C 81 14.54 3.84 -15.22
C VAL C 81 13.87 5.11 -14.70
N VAL C 82 12.61 5.32 -15.08
CA VAL C 82 11.91 6.53 -14.72
C VAL C 82 10.87 6.31 -13.63
N LYS C 83 10.36 5.09 -13.49
CA LYS C 83 9.41 4.75 -12.44
C LYS C 83 9.80 3.38 -11.89
N PRO C 84 9.85 3.22 -10.57
CA PRO C 84 10.38 1.96 -10.02
C PRO C 84 9.42 0.79 -10.17
N ILE C 85 10.00 -0.40 -10.19
CA ILE C 85 9.26 -1.64 -10.04
C ILE C 85 8.73 -1.70 -8.61
N TYR C 86 7.47 -2.13 -8.47
CA TYR C 86 6.85 -2.31 -7.17
C TYR C 86 6.59 -3.80 -6.97
N ILE C 87 7.02 -4.32 -5.83
CA ILE C 87 6.88 -5.74 -5.52
C ILE C 87 6.13 -5.88 -4.21
N LEU C 88 5.04 -6.65 -4.23
CA LEU C 88 4.27 -6.95 -3.04
C LEU C 88 4.54 -8.40 -2.64
N LEU C 89 5.02 -8.59 -1.42
CA LEU C 89 5.16 -9.91 -0.84
C LEU C 89 3.90 -10.24 -0.05
N SER C 90 3.39 -11.45 -0.24
CA SER C 90 2.18 -11.88 0.45
C SER C 90 2.36 -13.31 0.94
N GLY C 91 1.26 -13.89 1.40
CA GLY C 91 1.31 -15.18 2.05
C GLY C 91 1.04 -15.05 3.52
N ARG C 92 1.63 -15.97 4.28
CA ARG C 92 1.44 -16.10 5.71
C ARG C 92 2.69 -16.66 6.36
N ALA C 93 2.96 -16.20 7.59
CA ALA C 93 4.08 -16.72 8.37
C ALA C 93 3.80 -16.48 9.85
N VAL C 94 4.37 -17.36 10.68
CA VAL C 94 4.24 -17.20 12.12
C VAL C 94 5.02 -15.98 12.55
N GLU C 95 4.35 -15.04 13.21
CA GLU C 95 4.95 -13.80 13.68
C GLU C 95 5.00 -13.67 15.19
N LEU C 96 4.06 -14.28 15.91
CA LEU C 96 4.03 -14.27 17.37
C LEU C 96 4.41 -15.65 17.86
N VAL C 97 5.56 -15.75 18.52
CA VAL C 97 6.07 -17.02 19.04
C VAL C 97 6.10 -16.88 20.56
N ASP C 98 5.12 -17.47 21.23
CA ASP C 98 4.99 -17.36 22.68
C ASP C 98 5.01 -15.89 23.12
N GLN C 99 4.12 -15.10 22.51
CA GLN C 99 3.91 -13.70 22.83
C GLN C 99 5.10 -12.83 22.41
N GLU C 100 6.17 -13.42 21.89
CA GLU C 100 7.31 -12.69 21.38
C GLU C 100 7.16 -12.53 19.87
N LEU C 101 7.78 -11.49 19.33
CA LEU C 101 7.57 -11.11 17.94
C LEU C 101 8.73 -11.62 17.09
N PHE C 102 8.40 -12.34 16.01
CA PHE C 102 9.40 -12.83 15.06
C PHE C 102 9.45 -11.90 13.85
N PRO C 103 10.64 -11.50 13.37
CA PRO C 103 10.75 -10.43 12.36
C PRO C 103 10.42 -10.88 10.94
N VAL C 104 9.16 -11.31 10.73
CA VAL C 104 8.73 -11.81 9.43
C VAL C 104 9.07 -10.83 8.32
N HIS C 105 8.63 -9.58 8.45
CA HIS C 105 8.73 -8.64 7.33
C HIS C 105 10.17 -8.24 7.08
N GLU C 106 10.98 -8.10 8.12
CA GLU C 106 12.40 -7.80 7.95
C GLU C 106 13.09 -8.92 7.19
N VAL C 107 12.88 -10.17 7.61
CA VAL C 107 13.49 -11.31 6.94
C VAL C 107 13.04 -11.37 5.48
N ALA C 108 11.74 -11.21 5.25
CA ALA C 108 11.20 -11.36 3.90
C ALA C 108 11.71 -10.28 2.97
N ILE C 109 11.69 -9.01 3.41
CA ILE C 109 12.11 -7.93 2.52
C ILE C 109 13.60 -8.04 2.23
N LYS C 110 14.40 -8.35 3.25
CA LYS C 110 15.83 -8.53 3.03
C LYS C 110 16.09 -9.69 2.07
N ALA C 111 15.37 -10.79 2.23
CA ALA C 111 15.57 -11.94 1.35
C ALA C 111 15.21 -11.58 -0.09
N ALA C 112 14.11 -10.84 -0.29
CA ALA C 112 13.71 -10.45 -1.63
C ALA C 112 14.75 -9.54 -2.27
N LYS C 113 15.23 -8.55 -1.50
CA LYS C 113 16.25 -7.64 -2.02
C LYS C 113 17.54 -8.39 -2.35
N ASN C 114 17.97 -9.28 -1.46
CA ASN C 114 19.19 -10.04 -1.71
C ASN C 114 19.04 -10.93 -2.94
N TYR C 115 17.87 -11.53 -3.14
CA TYR C 115 17.66 -12.35 -4.32
C TYR C 115 17.81 -11.52 -5.59
N LEU C 116 17.17 -10.35 -5.63
CA LEU C 116 17.24 -9.50 -6.81
C LEU C 116 18.67 -9.04 -7.09
N LYS C 117 19.40 -8.60 -6.04
CA LYS C 117 20.77 -8.16 -6.27
C LYS C 117 21.63 -9.27 -6.88
N ASN C 118 21.45 -10.51 -6.44
CA ASN C 118 22.26 -11.60 -6.95
C ASN C 118 21.77 -12.10 -8.30
N ALA C 119 20.49 -11.91 -8.61
CA ALA C 119 19.89 -12.46 -9.83
C ALA C 119 19.97 -11.51 -11.02
N ILE C 120 19.77 -10.21 -10.82
CA ILE C 120 19.69 -9.24 -11.90
C ILE C 120 20.81 -8.23 -11.71
N ARG C 121 21.91 -8.40 -12.46
CA ARG C 121 23.16 -7.73 -12.16
C ARG C 121 23.08 -6.21 -12.34
N HIS C 122 22.37 -5.74 -13.36
CA HIS C 122 22.32 -4.32 -13.68
C HIS C 122 21.11 -3.62 -13.07
N LEU C 123 20.40 -4.27 -12.16
CA LEU C 123 19.26 -3.67 -11.49
C LEU C 123 19.73 -2.98 -10.21
N ASP C 124 19.38 -1.71 -10.08
CA ASP C 124 19.70 -0.92 -8.89
C ASP C 124 18.56 -1.11 -7.90
N VAL C 125 18.73 -2.07 -6.99
CA VAL C 125 17.61 -2.48 -6.15
C VAL C 125 17.22 -1.34 -5.21
N GLU C 126 18.19 -0.58 -4.73
CA GLU C 126 17.90 0.49 -3.77
C GLU C 126 17.03 1.57 -4.39
N ASN C 127 17.20 1.84 -5.69
CA ASN C 127 16.52 2.95 -6.33
C ASN C 127 15.50 2.54 -7.39
N HIS C 128 15.63 1.36 -7.99
CA HIS C 128 14.73 0.92 -9.04
C HIS C 128 13.57 0.07 -8.54
N VAL C 129 13.54 -0.32 -7.26
CA VAL C 129 12.58 -1.26 -6.74
C VAL C 129 12.00 -0.74 -5.42
N ILE C 130 10.69 -0.88 -5.27
CA ILE C 130 9.99 -0.73 -4.00
C ILE C 130 9.48 -2.11 -3.59
N ILE C 131 9.84 -2.54 -2.39
CA ILE C 131 9.33 -3.81 -1.87
C ILE C 131 8.52 -3.54 -0.61
N ASP C 132 7.25 -3.94 -0.63
CA ASP C 132 6.40 -3.89 0.54
C ASP C 132 5.95 -5.29 0.88
N SER C 133 5.58 -5.48 2.14
CA SER C 133 5.18 -6.78 2.62
C SER C 133 3.81 -6.68 3.25
N ARG C 134 2.95 -7.61 2.87
CA ARG C 134 1.66 -7.78 3.50
CA ARG C 134 1.65 -7.79 3.49
C ARG C 134 1.48 -9.22 3.96
N ILE C 135 2.59 -9.89 4.27
CA ILE C 135 2.53 -11.27 4.73
C ILE C 135 1.65 -11.36 5.96
N GLY C 136 0.71 -12.30 5.93
CA GLY C 136 -0.22 -12.45 7.02
C GLY C 136 0.45 -12.92 8.29
N GLN C 137 -0.18 -12.59 9.41
CA GLN C 137 0.40 -12.80 10.73
C GLN C 137 -0.12 -14.09 11.32
N GLY C 138 0.79 -14.95 11.79
CA GLY C 138 0.42 -16.12 12.54
C GLY C 138 1.05 -16.14 13.91
N SER C 139 0.58 -17.06 14.73
CA SER C 139 1.05 -17.17 16.10
C SER C 139 1.05 -18.64 16.50
N VAL C 140 1.96 -18.98 17.41
CA VAL C 140 2.09 -20.34 17.88
C VAL C 140 2.73 -20.33 19.26
N ASP C 141 2.57 -21.43 19.99
CA ASP C 141 3.31 -21.70 21.21
C ASP C 141 4.25 -22.86 20.91
N LEU C 142 5.54 -22.69 21.22
CA LEU C 142 6.53 -23.68 20.79
C LEU C 142 6.31 -25.04 21.44
N VAL C 143 5.78 -25.09 22.66
CA VAL C 143 5.47 -26.38 23.26
C VAL C 143 4.52 -27.16 22.37
N SER C 144 3.48 -26.49 21.84
CA SER C 144 2.57 -27.15 20.92
C SER C 144 3.29 -27.59 19.66
N VAL C 145 4.13 -26.70 19.10
CA VAL C 145 4.89 -27.06 17.90
C VAL C 145 5.70 -28.32 18.13
N PHE C 146 6.45 -28.36 19.23
CA PHE C 146 7.28 -29.52 19.53
C PHE C 146 6.42 -30.76 19.75
N ASN C 147 5.27 -30.60 20.41
CA ASN C 147 4.38 -31.73 20.61
C ASN C 147 3.81 -32.23 19.28
N LYS C 148 3.43 -31.31 18.38
CA LYS C 148 2.95 -31.72 17.07
C LYS C 148 4.01 -32.50 16.31
N ALA C 149 5.27 -32.09 16.43
CA ALA C 149 6.36 -32.80 15.75
C ALA C 149 6.56 -34.19 16.33
N ARG C 150 6.35 -34.35 17.64
CA ARG C 150 6.51 -35.67 18.24
C ARG C 150 5.37 -36.60 17.85
N GLU C 151 4.12 -36.10 17.88
CA GLU C 151 2.98 -36.95 17.55
C GLU C 151 3.07 -37.47 16.12
N ASN C 152 3.65 -36.70 15.21
CA ASN C 152 3.74 -37.08 13.81
C ASN C 152 5.11 -36.72 13.28
N PRO C 153 6.09 -37.62 13.44
CA PRO C 153 7.44 -37.34 12.91
C PRO C 153 7.41 -36.93 11.44
N ILE C 154 6.55 -37.54 10.65
CA ILE C 154 6.31 -37.11 9.28
C ILE C 154 5.06 -36.21 9.27
N PRO C 155 5.15 -34.98 8.76
CA PRO C 155 4.05 -34.03 8.92
C PRO C 155 2.74 -34.50 8.29
N LEU C 156 1.64 -34.02 8.86
CA LEU C 156 0.33 -34.29 8.29
C LEU C 156 0.09 -33.33 7.12
N ALA C 157 -0.65 -33.81 6.13
CA ALA C 157 -1.01 -32.98 5.00
C ALA C 157 -2.13 -32.04 5.42
N ASN C 158 -2.00 -30.77 5.03
CA ASN C 158 -2.98 -29.75 5.35
C ASN C 158 -3.79 -29.31 4.15
N ASP C 159 -3.52 -29.84 2.95
CA ASP C 159 -4.29 -29.53 1.76
C ASP C 159 -4.58 -30.83 1.02
N THR C 160 -5.55 -30.76 0.12
CA THR C 160 -5.82 -31.83 -0.86
C THR C 160 -5.25 -31.34 -2.18
N SER C 161 -4.07 -31.84 -2.54
CA SER C 161 -3.37 -31.36 -3.72
C SER C 161 -2.55 -32.49 -4.34
N PHE C 162 -2.16 -32.29 -5.59
CA PHE C 162 -1.38 -33.29 -6.30
C PHE C 162 -0.17 -32.62 -6.94
N GLY C 163 0.90 -33.40 -7.04
CA GLY C 163 2.07 -33.03 -7.81
C GLY C 163 2.28 -34.03 -8.93
N VAL C 164 2.93 -33.57 -9.99
CA VAL C 164 3.07 -34.32 -11.23
C VAL C 164 4.49 -34.14 -11.74
N GLY C 165 5.12 -35.23 -12.16
CA GLY C 165 6.46 -35.17 -12.73
C GLY C 165 6.61 -36.29 -13.74
N TYR C 166 7.71 -36.24 -14.48
CA TYR C 166 7.92 -37.23 -15.54
C TYR C 166 9.40 -37.29 -15.88
N ALA C 167 9.76 -38.34 -16.62
CA ALA C 167 11.13 -38.54 -17.08
C ALA C 167 11.11 -39.57 -18.20
N PRO C 168 12.14 -39.58 -19.06
CA PRO C 168 13.28 -38.66 -19.12
C PRO C 168 12.93 -37.44 -19.96
N LEU C 169 13.81 -36.46 -20.02
CA LEU C 169 13.61 -35.30 -20.89
C LEU C 169 13.91 -35.65 -22.34
N SER C 170 13.16 -35.05 -23.26
CA SER C 170 13.43 -35.15 -24.68
C SER C 170 14.60 -34.24 -25.07
N GLU C 171 15.06 -34.41 -26.32
CA GLU C 171 16.12 -33.54 -26.84
C GLU C 171 15.67 -32.08 -26.86
N THR C 172 14.44 -31.82 -27.29
CA THR C 172 13.95 -30.45 -27.35
C THR C 172 13.81 -29.85 -25.95
N GLU C 173 13.37 -30.66 -24.98
CA GLU C 173 13.31 -30.19 -23.61
C GLU C 173 14.70 -29.85 -23.08
N ARG C 174 15.67 -30.73 -23.30
CA ARG C 174 17.03 -30.46 -22.84
C ARG C 174 17.60 -29.23 -23.54
N LEU C 175 17.32 -29.07 -24.83
CA LEU C 175 17.83 -27.94 -25.57
C LEU C 175 17.33 -26.62 -24.99
N VAL C 176 16.02 -26.53 -24.71
CA VAL C 176 15.44 -25.31 -24.16
C VAL C 176 16.00 -25.05 -22.77
N LEU C 177 16.04 -26.08 -21.93
CA LEU C 177 16.52 -25.92 -20.58
C LEU C 177 17.97 -25.41 -20.58
N GLU C 178 18.83 -26.07 -21.34
CA GLU C 178 20.25 -25.76 -21.31
C GLU C 178 20.59 -24.48 -22.06
N THR C 179 19.77 -24.07 -23.02
CA THR C 179 19.98 -22.78 -23.65
C THR C 179 19.85 -21.65 -22.64
N GLU C 180 18.79 -21.67 -21.84
CA GLU C 180 18.61 -20.65 -20.82
C GLU C 180 19.68 -20.74 -19.75
N LYS C 181 20.02 -21.96 -19.31
CA LYS C 181 21.03 -22.11 -18.28
C LYS C 181 22.38 -21.59 -18.76
N LEU C 182 22.71 -21.82 -20.03
CA LEU C 182 23.96 -21.32 -20.60
C LEU C 182 23.99 -19.80 -20.61
N LEU C 183 22.95 -19.19 -21.19
CA LEU C 183 22.95 -17.75 -21.38
C LEU C 183 22.89 -16.99 -20.05
N ASN C 184 22.36 -17.59 -18.99
CA ASN C 184 22.34 -16.96 -17.69
C ASN C 184 23.38 -17.56 -16.76
N SER C 185 24.30 -18.37 -17.28
CA SER C 185 25.39 -18.90 -16.48
C SER C 185 26.39 -17.79 -16.16
N GLU C 186 27.09 -17.96 -15.04
CA GLU C 186 28.07 -16.96 -14.64
C GLU C 186 29.16 -16.80 -15.69
N LYS C 187 29.63 -17.92 -16.26
CA LYS C 187 30.72 -17.84 -17.23
C LYS C 187 30.30 -17.04 -18.46
N PHE C 188 29.08 -17.26 -18.95
CA PHE C 188 28.63 -16.53 -20.13
C PHE C 188 28.38 -15.06 -19.81
N LYS C 189 27.80 -14.78 -18.64
CA LYS C 189 27.53 -13.41 -18.26
C LYS C 189 28.83 -12.61 -18.12
N LYS C 190 29.88 -13.24 -17.59
CA LYS C 190 31.17 -12.57 -17.47
C LYS C 190 31.75 -12.26 -18.83
N GLU C 191 31.59 -13.17 -19.79
CA GLU C 191 32.12 -12.99 -21.13
C GLU C 191 31.28 -12.01 -21.96
N TYR C 192 29.97 -11.97 -21.74
CA TYR C 192 29.07 -11.11 -22.51
C TYR C 192 28.15 -10.35 -21.56
N PRO C 193 28.68 -9.35 -20.86
CA PRO C 193 27.84 -8.60 -19.90
C PRO C 193 26.65 -7.93 -20.52
N ALA C 194 26.59 -7.80 -21.85
CA ALA C 194 25.45 -7.15 -22.49
C ALA C 194 24.18 -8.00 -22.43
N VAL C 195 24.29 -9.30 -22.19
CA VAL C 195 23.13 -10.20 -22.19
C VAL C 195 22.51 -10.17 -20.81
N GLY C 196 21.31 -9.59 -20.71
CA GLY C 196 20.58 -9.55 -19.46
C GLY C 196 20.04 -10.92 -19.07
N GLU C 197 19.33 -10.94 -17.94
CA GLU C 197 18.82 -12.16 -17.37
C GLU C 197 17.39 -12.49 -17.80
N ASP C 198 16.66 -11.52 -18.37
CA ASP C 198 15.30 -11.78 -18.82
C ASP C 198 15.41 -12.47 -20.18
N ILE C 199 15.43 -13.80 -20.12
CA ILE C 199 15.61 -14.64 -21.30
C ILE C 199 14.46 -15.64 -21.32
N LYS C 200 13.69 -15.63 -22.41
CA LYS C 200 12.65 -16.61 -22.64
C LYS C 200 13.01 -17.44 -23.86
N VAL C 201 12.98 -18.76 -23.71
CA VAL C 201 13.41 -19.69 -24.74
C VAL C 201 12.21 -20.56 -25.11
N MET C 202 11.94 -20.66 -26.40
CA MET C 202 10.91 -21.53 -26.91
C MET C 202 11.51 -22.48 -27.94
N GLY C 203 11.27 -23.77 -27.76
CA GLY C 203 11.64 -24.73 -28.78
C GLY C 203 10.40 -25.34 -29.41
N LEU C 204 10.27 -25.22 -30.71
CA LEU C 204 9.16 -25.84 -31.44
C LEU C 204 9.78 -26.83 -32.42
N ARG C 205 9.53 -28.11 -32.20
CA ARG C 205 9.98 -29.16 -33.10
C ARG C 205 8.82 -29.61 -33.97
N ARG C 206 9.07 -29.68 -35.27
CA ARG C 206 8.17 -30.29 -36.23
C ARG C 206 8.99 -31.36 -36.95
N GLY C 207 8.67 -32.62 -36.70
CA GLY C 207 9.48 -33.70 -37.26
C GLY C 207 10.88 -33.66 -36.67
N ASN C 208 11.88 -33.59 -37.54
CA ASN C 208 13.27 -33.55 -37.11
C ASN C 208 13.88 -32.17 -37.35
N GLU C 209 13.08 -31.12 -37.27
CA GLU C 209 13.56 -29.75 -37.39
C GLU C 209 13.01 -28.95 -36.21
N ILE C 210 13.89 -28.22 -35.54
CA ILE C 210 13.55 -27.46 -34.34
C ILE C 210 13.78 -25.98 -34.63
N ASP C 211 12.77 -25.16 -34.34
CA ASP C 211 12.94 -23.72 -34.31
C ASP C 211 13.12 -23.31 -32.86
N LEU C 212 14.26 -22.70 -32.57
CA LEU C 212 14.64 -22.31 -31.22
C LEU C 212 14.68 -20.79 -31.19
N THR C 213 13.71 -20.20 -30.50
CA THR C 213 13.54 -18.76 -30.45
C THR C 213 13.95 -18.28 -29.07
N ILE C 214 14.77 -17.24 -29.03
CA ILE C 214 15.30 -16.68 -27.81
C ILE C 214 14.90 -15.22 -27.76
N ALA C 215 14.22 -14.83 -26.69
CA ALA C 215 13.94 -13.43 -26.40
C ALA C 215 14.84 -13.03 -25.23
N ALA C 216 15.90 -12.28 -25.52
CA ALA C 216 16.91 -11.95 -24.52
C ALA C 216 17.04 -10.44 -24.40
N ALA C 217 16.73 -9.91 -23.22
CA ALA C 217 16.88 -8.48 -22.96
C ALA C 217 18.35 -8.10 -22.95
N ILE C 218 18.72 -7.13 -23.78
CA ILE C 218 20.09 -6.64 -23.86
C ILE C 218 20.20 -5.37 -23.04
N VAL C 219 21.33 -5.22 -22.34
CA VAL C 219 21.55 -4.12 -21.41
C VAL C 219 22.15 -2.94 -22.16
N ASP C 220 21.43 -1.82 -22.17
CA ASP C 220 21.78 -0.73 -23.08
C ASP C 220 23.06 -0.01 -22.68
N SER C 221 23.49 -0.13 -21.42
CA SER C 221 24.77 0.47 -21.04
C SER C 221 25.95 -0.32 -21.59
N GLU C 222 25.73 -1.52 -22.12
CA GLU C 222 26.79 -2.37 -22.64
C GLU C 222 26.84 -2.39 -24.17
N VAL C 223 25.90 -1.75 -24.85
CA VAL C 223 25.90 -1.69 -26.32
C VAL C 223 25.74 -0.23 -26.71
N ALA C 224 26.77 0.32 -27.36
CA ALA C 224 26.78 1.75 -27.72
C ALA C 224 26.02 2.05 -29.00
N THR C 225 25.80 1.06 -29.86
CA THR C 225 25.23 1.29 -31.19
C THR C 225 24.36 0.11 -31.56
N PRO C 226 23.47 0.27 -32.55
CA PRO C 226 22.81 -0.91 -33.13
C PRO C 226 23.78 -1.98 -33.60
N LYS C 227 24.93 -1.57 -34.15
CA LYS C 227 25.91 -2.53 -34.62
C LYS C 227 26.42 -3.41 -33.49
N GLU C 228 26.76 -2.81 -32.34
CA GLU C 228 27.18 -3.60 -31.20
C GLU C 228 26.06 -4.51 -30.71
N TYR C 229 24.82 -4.02 -30.76
CA TYR C 229 23.68 -4.84 -30.39
C TYR C 229 23.57 -6.07 -31.28
N LEU C 230 23.69 -5.87 -32.61
CA LEU C 230 23.60 -7.00 -33.53
C LEU C 230 24.76 -7.97 -33.35
N GLU C 231 25.95 -7.47 -33.00
CA GLU C 231 27.06 -8.36 -32.72
C GLU C 231 26.79 -9.21 -31.49
N VAL C 232 26.08 -8.65 -30.51
CA VAL C 232 25.72 -9.43 -29.32
C VAL C 232 24.76 -10.55 -29.68
N LYS C 233 23.74 -10.23 -30.49
CA LYS C 233 22.79 -11.26 -30.91
C LYS C 233 23.50 -12.39 -31.65
N ASP C 234 24.50 -12.04 -32.47
CA ASP C 234 25.25 -13.08 -33.19
C ASP C 234 26.05 -13.94 -32.23
N LYS C 235 26.60 -13.35 -31.17
CA LYS C 235 27.34 -14.13 -30.19
C LYS C 235 26.42 -15.05 -29.40
N ILE C 236 25.19 -14.61 -29.13
CA ILE C 236 24.21 -15.52 -28.55
C ILE C 236 23.98 -16.70 -29.49
N LYS C 237 23.69 -16.41 -30.75
CA LYS C 237 23.40 -17.46 -31.71
C LYS C 237 24.57 -18.44 -31.83
N GLU C 238 25.79 -17.93 -31.91
CA GLU C 238 26.95 -18.81 -32.04
C GLU C 238 27.07 -19.76 -30.85
N ALA C 239 26.89 -19.25 -29.64
CA ALA C 239 27.04 -20.09 -28.46
C ALA C 239 25.96 -21.16 -28.40
N VAL C 240 24.74 -20.81 -28.80
CA VAL C 240 23.64 -21.76 -28.75
C VAL C 240 23.77 -22.79 -29.87
N GLU C 241 24.34 -22.39 -31.01
CA GLU C 241 24.64 -23.34 -32.07
C GLU C 241 25.56 -24.46 -31.57
N GLU C 242 26.63 -24.10 -30.86
CA GLU C 242 27.53 -25.11 -30.31
C GLU C 242 26.82 -26.01 -29.32
N LEU C 243 26.01 -25.42 -28.43
CA LEU C 243 25.27 -26.22 -27.46
C LEU C 243 24.34 -27.20 -28.15
N ALA C 244 23.65 -26.74 -29.20
CA ALA C 244 22.67 -27.59 -29.86
C ALA C 244 23.32 -28.82 -30.48
N LYS C 245 24.54 -28.68 -31.00
CA LYS C 245 25.24 -29.79 -31.61
C LYS C 245 25.59 -30.89 -30.61
N GLU C 246 25.68 -30.54 -29.33
CA GLU C 246 25.94 -31.52 -28.28
C GLU C 246 24.69 -32.22 -27.79
N ILE C 247 23.51 -31.67 -28.09
CA ILE C 247 22.26 -32.17 -27.51
C ILE C 247 21.47 -32.97 -28.54
N THR C 248 21.53 -32.58 -29.81
CA THR C 248 20.70 -33.22 -30.82
C THR C 248 21.42 -33.19 -32.16
N SER C 249 21.16 -34.21 -32.97
CA SER C 249 21.61 -34.22 -34.36
C SER C 249 20.56 -33.69 -35.32
N ARG C 250 19.38 -33.33 -34.80
CA ARG C 250 18.35 -32.68 -35.60
C ARG C 250 18.81 -31.29 -36.04
N LYS C 251 18.17 -30.81 -37.10
CA LYS C 251 18.42 -29.45 -37.56
C LYS C 251 17.80 -28.45 -36.59
N VAL C 252 18.59 -27.44 -36.20
CA VAL C 252 18.15 -26.42 -35.25
C VAL C 252 18.32 -25.07 -35.92
N ASN C 253 17.23 -24.32 -36.00
CA ASN C 253 17.26 -22.95 -36.49
C ASN C 253 17.10 -22.03 -35.29
N ILE C 254 18.02 -21.08 -35.14
CA ILE C 254 18.06 -20.23 -33.94
C ILE C 254 17.71 -18.81 -34.34
N TYR C 255 16.78 -18.22 -33.59
CA TYR C 255 16.29 -16.87 -33.81
C TYR C 255 16.39 -16.10 -32.50
N VAL C 256 16.91 -14.88 -32.57
CA VAL C 256 17.11 -14.04 -31.39
C VAL C 256 16.34 -12.75 -31.58
N ASN C 257 15.51 -12.41 -30.60
CA ASN C 257 14.77 -11.15 -30.54
C ASN C 257 14.08 -10.84 -31.87
N THR C 258 13.08 -11.67 -32.17
CA THR C 258 12.42 -11.65 -33.48
C THR C 258 11.56 -10.42 -33.70
N ALA C 259 11.21 -9.69 -32.64
CA ALA C 259 10.48 -8.44 -32.80
C ALA C 259 11.38 -7.27 -33.19
N ASP C 260 12.69 -7.47 -33.23
CA ASP C 260 13.59 -6.40 -33.65
C ASP C 260 13.25 -5.96 -35.07
N ASP C 261 13.29 -4.64 -35.29
CA ASP C 261 13.11 -4.07 -36.62
C ASP C 261 14.02 -2.86 -36.74
N PRO C 262 15.26 -3.04 -37.21
CA PRO C 262 16.19 -1.90 -37.27
C PRO C 262 15.67 -0.71 -38.06
N GLU C 263 15.09 -0.93 -39.25
CA GLU C 263 14.62 0.19 -40.05
C GLU C 263 13.63 1.06 -39.28
N ARG C 264 12.76 0.44 -38.46
CA ARG C 264 11.85 1.20 -37.62
C ARG C 264 12.46 1.51 -36.25
N GLY C 265 13.76 1.26 -36.08
CA GLY C 265 14.45 1.58 -34.83
C GLY C 265 14.01 0.80 -33.62
N ILE C 266 13.62 -0.45 -33.78
CA ILE C 266 13.10 -1.27 -32.68
C ILE C 266 14.17 -2.29 -32.31
N TYR C 267 14.65 -2.23 -31.07
CA TYR C 267 15.61 -3.19 -30.55
C TYR C 267 15.22 -3.56 -29.13
N TYR C 268 15.48 -4.82 -28.76
CA TYR C 268 15.16 -5.30 -27.40
C TYR C 268 16.30 -4.92 -26.45
N ILE C 269 16.40 -3.62 -26.18
CA ILE C 269 17.36 -3.10 -25.22
C ILE C 269 16.62 -2.66 -23.97
N THR C 270 17.26 -2.85 -22.82
CA THR C 270 16.73 -2.49 -21.52
C THR C 270 17.81 -1.79 -20.72
N VAL C 271 17.37 -1.07 -19.69
CA VAL C 271 18.32 -0.44 -18.77
C VAL C 271 18.90 -1.46 -17.81
N THR C 272 18.06 -2.40 -17.34
CA THR C 272 18.41 -3.27 -16.21
C THR C 272 18.62 -4.73 -16.59
N GLY C 273 18.23 -5.15 -17.78
CA GLY C 273 18.26 -6.55 -18.14
C GLY C 273 16.96 -7.30 -17.89
N THR C 274 15.93 -6.63 -17.40
CA THR C 274 14.62 -7.27 -17.23
C THR C 274 13.50 -6.36 -17.75
N SER C 275 12.56 -6.97 -18.48
CA SER C 275 11.41 -6.25 -19.00
CA SER C 275 11.41 -6.25 -19.00
C SER C 275 10.46 -5.81 -17.89
N ALA C 276 10.69 -6.23 -16.64
CA ALA C 276 9.89 -5.71 -15.53
C ALA C 276 10.06 -4.20 -15.40
N GLU C 277 11.17 -3.66 -15.90
CA GLU C 277 11.41 -2.22 -15.83
C GLU C 277 10.45 -1.42 -16.70
N ALA C 278 9.87 -2.05 -17.72
CA ALA C 278 9.09 -1.36 -18.74
C ALA C 278 7.59 -1.50 -18.56
N GLY C 279 7.13 -2.15 -17.49
CA GLY C 279 5.71 -2.30 -17.21
C GLY C 279 5.20 -3.72 -17.28
N ASP C 280 6.04 -4.70 -17.64
CA ASP C 280 5.61 -6.08 -17.62
C ASP C 280 5.50 -6.56 -16.17
N ASP C 281 4.53 -7.42 -15.92
CA ASP C 281 4.18 -7.86 -14.59
C ASP C 281 4.50 -9.34 -14.41
N GLY C 282 4.62 -9.75 -13.16
CA GLY C 282 4.79 -11.15 -12.84
C GLY C 282 4.09 -11.52 -11.54
N SER C 283 3.78 -12.81 -11.43
CA SER C 283 3.28 -13.37 -10.17
C SER C 283 3.69 -14.83 -10.09
N VAL C 284 3.40 -15.46 -8.95
CA VAL C 284 3.95 -16.78 -8.65
C VAL C 284 3.14 -17.85 -9.38
N GLY C 285 3.86 -18.87 -9.85
CA GLY C 285 3.21 -20.03 -10.45
C GLY C 285 2.70 -19.81 -11.85
N ARG C 286 3.21 -18.80 -12.55
CA ARG C 286 2.78 -18.49 -13.90
C ARG C 286 3.78 -18.97 -14.95
N GLY C 287 4.81 -19.68 -14.54
CA GLY C 287 5.89 -20.03 -15.45
C GLY C 287 6.30 -21.47 -15.32
N ASN C 288 7.60 -21.70 -15.16
CA ASN C 288 8.12 -23.05 -15.25
C ASN C 288 7.62 -23.93 -14.11
N ARG C 289 7.43 -25.20 -14.41
CA ARG C 289 7.20 -26.21 -13.39
C ARG C 289 8.52 -26.54 -12.70
N VAL C 290 8.49 -27.49 -11.76
CA VAL C 290 9.68 -27.73 -10.94
C VAL C 290 10.83 -28.29 -11.76
N ASN C 291 10.54 -28.97 -12.87
CA ASN C 291 11.66 -29.41 -13.71
C ASN C 291 12.25 -28.27 -14.53
N GLY C 292 11.73 -27.06 -14.38
CA GLY C 292 12.29 -25.89 -15.04
C GLY C 292 11.70 -25.57 -16.38
N LEU C 293 10.63 -26.26 -16.80
CA LEU C 293 10.12 -26.14 -18.15
C LEU C 293 8.60 -25.97 -18.15
N ILE C 294 8.10 -25.47 -19.28
CA ILE C 294 6.68 -25.43 -19.62
C ILE C 294 6.49 -26.39 -20.80
N THR C 295 5.70 -27.45 -20.60
CA THR C 295 5.71 -28.60 -21.52
C THR C 295 4.31 -29.12 -21.84
N PRO C 296 3.63 -28.53 -22.82
CA PRO C 296 2.26 -29.00 -23.14
C PRO C 296 2.19 -30.41 -23.72
N ASN C 297 3.29 -30.98 -24.22
CA ASN C 297 3.28 -32.37 -24.65
C ASN C 297 3.32 -33.34 -23.48
N ARG C 298 3.52 -32.83 -22.26
CA ARG C 298 3.63 -33.61 -21.04
C ARG C 298 2.42 -33.31 -20.14
N HIS C 299 2.57 -33.60 -18.85
CA HIS C 299 1.54 -33.38 -17.83
C HIS C 299 2.10 -32.59 -16.67
N MET C 300 1.26 -31.73 -16.09
CA MET C 300 1.70 -30.86 -15.01
C MET C 300 0.64 -30.75 -13.91
N SER C 301 1.11 -30.33 -12.73
CA SER C 301 0.27 -29.82 -11.67
C SER C 301 0.20 -28.30 -11.76
N MET C 302 -0.93 -27.73 -11.36
CA MET C 302 -1.07 -26.29 -11.32
C MET C 302 -0.58 -25.70 -10.00
N GLU C 303 -0.16 -26.54 -9.05
CA GLU C 303 0.35 -26.04 -7.78
C GLU C 303 1.67 -25.32 -8.02
N ALA C 304 1.83 -24.16 -7.38
CA ALA C 304 3.05 -23.36 -7.49
C ALA C 304 4.01 -23.78 -6.36
N ALA C 305 5.11 -24.44 -6.73
CA ALA C 305 6.04 -24.91 -5.71
C ALA C 305 6.74 -23.75 -5.00
N ALA C 306 7.04 -22.69 -5.73
CA ALA C 306 7.86 -21.61 -5.17
C ALA C 306 7.16 -20.94 -4.01
N GLY C 307 7.85 -20.84 -2.87
CA GLY C 307 7.34 -20.16 -1.69
C GLY C 307 6.55 -21.03 -0.72
N LYS C 308 6.18 -22.24 -1.10
CA LYS C 308 5.44 -23.12 -0.22
C LYS C 308 6.36 -23.77 0.79
N ASN C 309 5.82 -24.00 1.98
CA ASN C 309 6.56 -24.59 3.08
C ASN C 309 7.17 -25.93 2.67
N PRO C 310 8.50 -26.09 2.73
CA PRO C 310 9.10 -27.37 2.35
C PRO C 310 8.89 -28.48 3.36
N VAL C 311 8.22 -28.21 4.48
CA VAL C 311 8.02 -29.22 5.51
C VAL C 311 6.71 -29.97 5.30
N SER C 312 5.63 -29.26 5.00
CA SER C 312 4.29 -29.84 5.05
C SER C 312 3.44 -29.58 3.82
N HIS C 313 3.81 -28.65 2.95
CA HIS C 313 2.93 -28.32 1.83
C HIS C 313 3.24 -29.23 0.65
N VAL C 314 2.30 -30.11 0.34
CA VAL C 314 2.49 -31.12 -0.71
C VAL C 314 2.62 -30.46 -2.07
N GLY C 315 2.02 -29.28 -2.26
CA GLY C 315 2.14 -28.59 -3.53
C GLY C 315 3.59 -28.41 -3.96
N LYS C 316 4.48 -28.21 -3.00
CA LYS C 316 5.90 -28.24 -3.30
C LYS C 316 6.49 -29.64 -3.24
N ILE C 317 6.22 -30.36 -2.13
CA ILE C 317 6.91 -31.62 -1.87
C ILE C 317 6.55 -32.65 -2.92
N TYR C 318 5.27 -32.77 -3.28
CA TYR C 318 4.85 -33.79 -4.22
C TYR C 318 5.31 -33.48 -5.65
N ASN C 319 5.42 -32.21 -6.02
CA ASN C 319 5.94 -31.91 -7.34
C ASN C 319 7.43 -32.25 -7.44
N ILE C 320 8.18 -32.06 -6.35
CA ILE C 320 9.57 -32.46 -6.34
CA ILE C 320 9.57 -32.46 -6.34
C ILE C 320 9.68 -33.99 -6.32
N LEU C 321 8.94 -34.64 -5.43
CA LEU C 321 9.08 -36.08 -5.27
C LEU C 321 8.65 -36.81 -6.53
N ALA C 322 7.58 -36.33 -7.19
CA ALA C 322 7.12 -36.97 -8.41
C ALA C 322 8.21 -36.93 -9.49
N MET C 323 8.90 -35.80 -9.59
CA MET C 323 10.01 -35.71 -10.54
C MET C 323 11.14 -36.67 -10.17
N LEU C 324 11.48 -36.74 -8.87
CA LEU C 324 12.59 -37.59 -8.46
C LEU C 324 12.28 -39.06 -8.67
N ILE C 325 11.06 -39.49 -8.33
CA ILE C 325 10.64 -40.87 -8.58
C ILE C 325 10.68 -41.17 -10.07
N ALA C 326 10.15 -40.25 -10.88
CA ALA C 326 10.17 -40.44 -12.34
C ALA C 326 11.62 -40.59 -12.84
N GLU C 327 12.52 -39.73 -12.38
CA GLU C 327 13.90 -39.80 -12.83
C GLU C 327 14.55 -41.11 -12.42
N ASP C 328 14.30 -41.54 -11.18
CA ASP C 328 14.85 -42.82 -10.72
C ASP C 328 14.37 -43.97 -11.59
N ILE C 329 13.06 -44.05 -11.82
CA ILE C 329 12.49 -45.12 -12.62
C ILE C 329 13.09 -45.09 -14.03
N ALA C 330 13.15 -43.91 -14.63
CA ALA C 330 13.68 -43.80 -15.98
C ALA C 330 15.14 -44.18 -16.04
N LYS C 331 15.87 -43.93 -14.95
CA LYS C 331 17.30 -44.18 -14.92
C LYS C 331 17.62 -45.67 -14.76
N THR C 332 16.74 -46.42 -14.08
CA THR C 332 17.09 -47.76 -13.64
C THR C 332 16.32 -48.88 -14.34
N LEU C 333 15.17 -48.59 -14.91
CA LEU C 333 14.29 -49.62 -15.45
C LEU C 333 14.11 -49.43 -16.96
N PRO C 334 13.71 -50.50 -17.70
CA PRO C 334 13.60 -50.41 -19.16
C PRO C 334 12.33 -49.67 -19.57
N VAL C 335 12.41 -48.36 -19.40
CA VAL C 335 11.29 -47.44 -19.56
C VAL C 335 11.57 -46.50 -20.71
N GLU C 336 10.56 -46.22 -21.52
CA GLU C 336 10.66 -45.14 -22.49
CA GLU C 336 10.66 -45.14 -22.49
C GLU C 336 10.27 -43.80 -21.89
N GLU C 337 9.17 -43.78 -21.12
CA GLU C 337 8.66 -42.60 -20.45
C GLU C 337 7.95 -43.07 -19.18
N VAL C 338 7.98 -42.22 -18.16
CA VAL C 338 7.25 -42.48 -16.92
C VAL C 338 6.66 -41.18 -16.41
N TYR C 339 5.38 -41.23 -16.04
CA TYR C 339 4.64 -40.10 -15.48
C TYR C 339 4.19 -40.48 -14.07
N VAL C 340 4.42 -39.60 -13.11
CA VAL C 340 4.10 -39.84 -11.70
C VAL C 340 3.15 -38.77 -11.21
N ARG C 341 2.04 -39.19 -10.60
CA ARG C 341 1.06 -38.28 -10.01
C ARG C 341 0.81 -38.72 -8.58
N ILE C 342 0.87 -37.77 -7.64
CA ILE C 342 0.74 -38.07 -6.21
C ILE C 342 -0.29 -37.12 -5.62
N LEU C 343 -1.27 -37.67 -4.91
CA LEU C 343 -2.38 -36.92 -4.33
C LEU C 343 -2.38 -37.09 -2.81
N SER C 344 -2.42 -35.98 -2.09
CA SER C 344 -2.42 -35.99 -0.63
C SER C 344 -3.80 -36.32 -0.06
N GLN C 345 -3.81 -36.80 1.18
CA GLN C 345 -5.01 -36.96 1.98
C GLN C 345 -4.90 -36.11 3.26
N ILE C 346 -5.82 -35.18 3.45
CA ILE C 346 -5.77 -34.32 4.63
C ILE C 346 -5.79 -35.18 5.89
N GLY C 347 -4.96 -34.82 6.86
CA GLY C 347 -4.93 -35.51 8.14
C GLY C 347 -4.10 -36.78 8.15
N LYS C 348 -3.56 -37.17 7.01
CA LYS C 348 -2.66 -38.29 7.00
C LYS C 348 -1.24 -37.79 6.74
N PRO C 349 -0.24 -38.50 7.24
CA PRO C 349 1.14 -38.09 6.95
C PRO C 349 1.39 -37.96 5.46
N ILE C 350 2.30 -37.05 5.10
CA ILE C 350 2.55 -36.77 3.69
C ILE C 350 3.21 -37.94 2.98
N ASP C 351 3.73 -38.92 3.72
CA ASP C 351 4.23 -40.16 3.12
C ASP C 351 3.14 -41.20 2.92
N GLN C 352 1.88 -40.87 3.23
CA GLN C 352 0.74 -41.76 3.01
C GLN C 352 -0.26 -41.06 2.09
N PRO C 353 0.10 -40.85 0.83
CA PRO C 353 -0.80 -40.15 -0.08
C PRO C 353 -2.02 -40.99 -0.39
N LEU C 354 -3.12 -40.31 -0.77
CA LEU C 354 -4.30 -41.04 -1.20
C LEU C 354 -3.97 -41.94 -2.39
N VAL C 355 -3.10 -41.48 -3.29
CA VAL C 355 -2.56 -42.36 -4.33
C VAL C 355 -1.21 -41.81 -4.78
N ALA C 356 -0.31 -42.73 -5.14
CA ALA C 356 0.91 -42.40 -5.88
C ALA C 356 0.83 -43.21 -7.17
N SER C 357 0.44 -42.54 -8.25
CA SER C 357 0.19 -43.19 -9.54
C SER C 357 1.40 -43.10 -10.45
N ILE C 358 1.83 -44.26 -10.96
CA ILE C 358 2.96 -44.40 -11.86
C ILE C 358 2.45 -44.95 -13.19
N GLN C 359 2.54 -44.16 -14.26
CA GLN C 359 2.16 -44.59 -15.59
C GLN C 359 3.42 -44.70 -16.45
N VAL C 360 3.64 -45.87 -17.07
CA VAL C 360 4.88 -46.16 -17.77
C VAL C 360 4.60 -46.60 -19.19
N ILE C 361 5.39 -46.05 -20.14
CA ILE C 361 5.53 -46.62 -21.46
C ILE C 361 6.80 -47.46 -21.46
N PRO C 362 6.71 -48.79 -21.58
CA PRO C 362 7.92 -49.62 -21.57
C PRO C 362 8.68 -49.51 -22.89
N LYS C 363 9.99 -49.80 -22.82
CA LYS C 363 10.76 -49.96 -24.03
C LYS C 363 10.24 -51.17 -24.81
N PRO C 364 10.29 -51.13 -26.15
CA PRO C 364 9.90 -52.32 -26.92
C PRO C 364 10.70 -53.54 -26.48
N GLY C 365 10.01 -54.67 -26.40
CA GLY C 365 10.56 -55.90 -25.88
C GLY C 365 10.39 -56.09 -24.39
N HIS C 366 9.80 -55.11 -23.70
CA HIS C 366 9.57 -55.16 -22.27
C HIS C 366 8.10 -54.88 -21.96
N SER C 367 7.66 -55.33 -20.79
CA SER C 367 6.34 -55.00 -20.26
C SER C 367 6.47 -54.42 -18.87
N VAL C 368 5.51 -53.58 -18.47
CA VAL C 368 5.56 -52.99 -17.15
C VAL C 368 5.42 -54.05 -16.08
N LYS C 369 4.64 -55.11 -16.35
CA LYS C 369 4.50 -56.19 -15.38
C LYS C 369 5.85 -56.76 -14.98
N GLU C 370 6.81 -56.80 -15.91
CA GLU C 370 8.11 -57.39 -15.60
CA GLU C 370 8.11 -57.39 -15.60
C GLU C 370 8.87 -56.59 -14.54
N PHE C 371 8.66 -55.28 -14.48
CA PHE C 371 9.38 -54.46 -13.50
C PHE C 371 8.46 -53.66 -12.59
N GLU C 372 7.17 -54.03 -12.52
CA GLU C 372 6.24 -53.22 -11.73
C GLU C 372 6.59 -53.21 -10.24
N LYS C 373 7.10 -54.32 -9.70
CA LYS C 373 7.42 -54.32 -8.28
C LYS C 373 8.62 -53.42 -7.97
N ASP C 374 9.61 -53.39 -8.86
CA ASP C 374 10.73 -52.48 -8.64
C ASP C 374 10.29 -51.02 -8.78
N ALA C 375 9.39 -50.74 -9.73
CA ALA C 375 8.87 -49.38 -9.86
C ALA C 375 8.13 -48.97 -8.60
N TYR C 376 7.30 -49.87 -8.08
CA TYR C 376 6.64 -49.65 -6.79
C TYR C 376 7.67 -49.36 -5.71
N SER C 377 8.74 -50.15 -5.67
CA SER C 377 9.74 -50.01 -4.61
C SER C 377 10.44 -48.67 -4.67
N ILE C 378 10.71 -48.15 -5.87
CA ILE C 378 11.33 -46.84 -6.00
C ILE C 378 10.43 -45.76 -5.42
N ALA C 379 9.13 -45.81 -5.76
CA ALA C 379 8.19 -44.84 -5.22
C ALA C 379 8.06 -44.99 -3.72
N ASP C 380 8.05 -46.24 -3.23
CA ASP C 380 7.87 -46.49 -1.81
C ASP C 380 9.06 -45.96 -1.00
N GLU C 381 10.28 -46.14 -1.50
CA GLU C 381 11.45 -45.67 -0.76
CA GLU C 381 11.45 -45.67 -0.76
C GLU C 381 11.50 -44.15 -0.73
N TRP C 382 11.13 -43.49 -1.84
CA TRP C 382 11.10 -42.03 -1.85
C TRP C 382 10.06 -41.49 -0.90
N LEU C 383 8.86 -42.08 -0.89
CA LEU C 383 7.82 -41.64 0.04
C LEU C 383 8.23 -41.89 1.48
N ALA C 384 8.88 -43.02 1.74
CA ALA C 384 9.35 -43.31 3.09
C ALA C 384 10.46 -42.35 3.51
N ASN C 385 11.14 -41.72 2.55
CA ASN C 385 12.22 -40.78 2.83
C ASN C 385 11.83 -39.36 2.44
N ILE C 386 10.53 -39.06 2.49
CA ILE C 386 10.01 -37.80 1.99
C ILE C 386 10.62 -36.60 2.71
N THR C 387 10.93 -36.74 4.00
CA THR C 387 11.46 -35.60 4.75
C THR C 387 12.82 -35.16 4.24
N LYS C 388 13.58 -36.02 3.55
CA LYS C 388 14.86 -35.56 3.02
C LYS C 388 14.67 -34.44 2.00
N VAL C 389 13.48 -34.32 1.39
CA VAL C 389 13.23 -33.21 0.47
C VAL C 389 13.34 -31.90 1.22
N GLN C 390 12.90 -31.88 2.47
CA GLN C 390 13.10 -30.71 3.32
C GLN C 390 14.57 -30.33 3.36
N LYS C 391 15.45 -31.32 3.49
CA LYS C 391 16.88 -31.05 3.57
C LYS C 391 17.46 -30.56 2.24
N MET C 392 17.06 -31.18 1.11
CA MET C 392 17.64 -30.75 -0.16
C MET C 392 17.22 -29.33 -0.53
N ILE C 393 16.01 -28.90 -0.15
CA ILE C 393 15.60 -27.52 -0.43
C ILE C 393 16.47 -26.54 0.33
N LEU C 394 16.65 -26.77 1.63
CA LEU C 394 17.35 -25.79 2.46
C LEU C 394 18.84 -25.80 2.20
N GLU C 395 19.38 -26.93 1.71
CA GLU C 395 20.76 -26.98 1.28
C GLU C 395 20.93 -26.51 -0.16
N ASP C 396 19.89 -25.92 -0.75
CA ASP C 396 19.96 -25.36 -2.10
C ASP C 396 20.41 -26.39 -3.13
N LYS C 397 19.95 -27.63 -2.97
CA LYS C 397 20.33 -28.70 -3.87
C LYS C 397 19.29 -28.95 -4.96
N ILE C 398 18.10 -28.37 -4.84
CA ILE C 398 17.04 -28.60 -5.82
C ILE C 398 16.32 -27.29 -6.10
N SER C 399 16.20 -26.94 -7.38
CA SER C 399 15.44 -25.79 -7.81
C SER C 399 13.96 -26.16 -7.95
N VAL C 400 13.09 -25.15 -7.87
CA VAL C 400 11.65 -25.36 -7.93
C VAL C 400 11.01 -24.61 -9.09
N PHE C 401 11.81 -24.01 -9.97
CA PHE C 401 11.31 -23.41 -11.19
C PHE C 401 12.46 -23.23 -12.18
N ALA D 2 -3.19 22.90 45.32
CA ALA D 2 -1.89 22.29 45.10
C ALA D 2 -1.57 22.17 43.60
N ARG D 3 -2.48 22.63 42.75
CA ARG D 3 -2.26 22.59 41.30
C ARG D 3 -1.43 23.79 40.87
N ASN D 4 -0.57 23.57 39.88
CA ASN D 4 0.41 24.58 39.47
C ASN D 4 -0.24 25.62 38.54
N ILE D 5 -1.21 26.33 39.10
CA ILE D 5 -1.94 27.37 38.36
C ILE D 5 -1.29 28.71 38.64
N VAL D 6 -1.02 29.47 37.57
CA VAL D 6 -0.36 30.77 37.65
C VAL D 6 -1.21 31.77 36.89
N VAL D 7 -1.69 32.79 37.59
CA VAL D 7 -2.46 33.89 36.99
C VAL D 7 -1.58 35.12 36.93
N GLU D 8 -1.50 35.74 35.75
CA GLU D 8 -0.68 36.95 35.58
C GLU D 8 -1.40 37.92 34.66
N GLU D 9 -1.14 39.21 34.89
CA GLU D 9 -1.60 40.27 34.01
C GLU D 9 -0.58 40.51 32.91
N ILE D 10 -1.06 40.71 31.69
CA ILE D 10 -0.22 41.14 30.59
C ILE D 10 -0.77 42.43 30.03
N VAL D 11 0.13 43.22 29.45
CA VAL D 11 -0.21 44.45 28.74
C VAL D 11 -0.10 44.17 27.26
N ARG D 12 -1.18 44.42 26.52
CA ARG D 12 -1.17 44.28 25.08
C ARG D 12 -2.37 45.01 24.51
N THR D 13 -2.22 45.51 23.29
CA THR D 13 -3.35 46.06 22.57
C THR D 13 -4.34 44.94 22.29
N PRO D 14 -5.59 45.04 22.74
CA PRO D 14 -6.56 43.98 22.41
C PRO D 14 -6.66 43.79 20.90
N VAL D 15 -6.92 42.54 20.50
CA VAL D 15 -7.01 42.22 19.07
C VAL D 15 -8.00 43.14 18.37
N GLU D 16 -9.14 43.42 19.02
CA GLU D 16 -10.14 44.27 18.37
C GLU D 16 -9.62 45.67 18.07
N MET D 17 -8.61 46.14 18.80
CA MET D 17 -8.01 47.45 18.58
C MET D 17 -6.71 47.39 17.78
N GLN D 18 -6.21 46.20 17.46
CA GLN D 18 -5.08 46.09 16.55
C GLN D 18 -5.48 46.48 15.14
N GLN D 19 -4.50 46.99 14.37
CA GLN D 19 -4.80 47.53 13.05
C GLN D 19 -5.01 46.42 12.02
N VAL D 20 -4.24 45.34 12.08
CA VAL D 20 -4.31 44.27 11.10
C VAL D 20 -4.62 42.97 11.82
N GLU D 21 -5.71 42.30 11.41
CA GLU D 21 -6.13 41.05 12.00
C GLU D 21 -6.44 40.08 10.87
N LEU D 22 -5.88 38.88 10.94
CA LEU D 22 -6.05 37.86 9.91
C LEU D 22 -6.59 36.58 10.56
N VAL D 23 -7.67 36.06 9.99
CA VAL D 23 -8.35 34.88 10.52
C VAL D 23 -8.73 33.98 9.33
N GLU D 24 -8.56 32.68 9.50
CA GLU D 24 -8.88 31.72 8.46
C GLU D 24 -9.60 30.53 9.05
N ARG D 25 -10.48 29.91 8.26
CA ARG D 25 -11.11 28.65 8.64
C ARG D 25 -11.15 27.73 7.43
N LYS D 26 -10.67 26.50 7.61
CA LYS D 26 -10.79 25.45 6.60
C LYS D 26 -12.07 24.67 6.88
N GLY D 27 -13.01 24.72 5.94
CA GLY D 27 -14.30 24.10 6.11
C GLY D 27 -14.27 22.58 5.98
N ILE D 28 -15.45 21.99 6.16
CA ILE D 28 -15.56 20.56 6.39
C ILE D 28 -14.95 19.77 5.25
N GLY D 29 -15.15 20.24 4.03
CA GLY D 29 -14.69 19.54 2.84
C GLY D 29 -13.30 19.89 2.39
N HIS D 30 -12.60 20.75 3.11
CA HIS D 30 -11.21 21.02 2.78
C HIS D 30 -10.38 19.76 3.08
N PRO D 31 -9.43 19.41 2.21
CA PRO D 31 -8.72 18.13 2.41
C PRO D 31 -8.07 18.00 3.77
N ASP D 32 -7.50 19.07 4.32
CA ASP D 32 -6.93 18.96 5.67
C ASP D 32 -8.02 18.69 6.69
N SER D 33 -9.17 19.35 6.56
CA SER D 33 -10.26 19.13 7.50
C SER D 33 -10.90 17.76 7.29
N ILE D 34 -10.87 17.24 6.07
CA ILE D 34 -11.28 15.85 5.86
C ILE D 34 -10.37 14.91 6.65
N ALA D 35 -9.06 15.14 6.58
CA ALA D 35 -8.13 14.31 7.36
C ALA D 35 -8.44 14.37 8.84
N ASP D 36 -8.59 15.59 9.38
CA ASP D 36 -8.96 15.76 10.79
C ASP D 36 -10.27 15.03 11.11
N GLY D 37 -11.28 15.22 10.26
CA GLY D 37 -12.59 14.64 10.55
C GLY D 37 -12.57 13.12 10.56
N ILE D 38 -11.86 12.52 9.62
CA ILE D 38 -11.71 11.07 9.59
C ILE D 38 -10.96 10.60 10.84
N ALA D 39 -9.86 11.27 11.17
CA ALA D 39 -9.08 10.91 12.36
C ALA D 39 -9.97 10.86 13.58
N GLU D 40 -10.78 11.91 13.78
CA GLU D 40 -11.64 11.96 14.96
C GLU D 40 -12.76 10.94 14.88
N ALA D 41 -13.34 10.75 13.69
CA ALA D 41 -14.40 9.76 13.53
C ALA D 41 -13.89 8.36 13.84
N VAL D 42 -12.66 8.04 13.40
CA VAL D 42 -12.08 6.74 13.70
C VAL D 42 -11.89 6.58 15.20
N SER D 43 -11.34 7.61 15.86
CA SER D 43 -11.11 7.53 17.29
C SER D 43 -12.42 7.32 18.04
N ARG D 44 -13.46 8.09 17.71
CA ARG D 44 -14.71 7.96 18.44
C ARG D 44 -15.36 6.61 18.19
N ALA D 45 -15.24 6.06 16.98
CA ALA D 45 -15.80 4.74 16.70
C ALA D 45 -15.06 3.66 17.49
N LEU D 46 -13.74 3.78 17.60
CA LEU D 46 -12.97 2.82 18.40
C LEU D 46 -13.37 2.89 19.86
N CYS D 47 -13.49 4.11 20.41
CA CYS D 47 -13.93 4.29 21.79
C CYS D 47 -15.24 3.58 22.05
N ARG D 48 -16.24 3.84 21.20
CA ARG D 48 -17.58 3.29 21.43
C ARG D 48 -17.58 1.77 21.34
N GLU D 49 -16.76 1.21 20.44
CA GLU D 49 -16.73 -0.23 20.29
C GLU D 49 -15.91 -0.91 21.39
N TYR D 50 -14.84 -0.27 21.85
CA TYR D 50 -14.14 -0.75 23.04
C TYR D 50 -15.09 -0.79 24.22
N ILE D 51 -15.84 0.28 24.43
CA ILE D 51 -16.81 0.32 25.52
C ILE D 51 -17.84 -0.79 25.35
N ARG D 52 -18.41 -0.93 24.15
CA ARG D 52 -19.47 -1.90 23.93
C ARG D 52 -19.01 -3.32 24.25
N ARG D 53 -17.75 -3.64 23.97
CA ARG D 53 -17.27 -5.00 24.16
C ARG D 53 -16.67 -5.24 25.54
N TYR D 54 -16.00 -4.25 26.12
CA TYR D 54 -15.25 -4.45 27.36
C TYR D 54 -15.61 -3.49 28.48
N GLY D 55 -16.46 -2.49 28.22
CA GLY D 55 -16.83 -1.55 29.25
C GLY D 55 -15.82 -0.45 29.51
N VAL D 56 -14.69 -0.43 28.79
CA VAL D 56 -13.64 0.56 28.99
C VAL D 56 -13.05 0.94 27.65
N ILE D 57 -12.52 2.16 27.56
CA ILE D 57 -11.78 2.59 26.39
C ILE D 57 -10.35 2.08 26.49
N LEU D 58 -9.89 1.38 25.47
CA LEU D 58 -8.52 0.89 25.41
C LEU D 58 -7.67 1.87 24.60
N HIS D 59 -6.36 1.77 24.77
CA HIS D 59 -5.48 2.80 24.24
C HIS D 59 -5.48 2.79 22.72
N HIS D 60 -5.46 3.98 22.15
CA HIS D 60 -5.42 4.17 20.71
C HIS D 60 -5.10 5.64 20.46
N ASN D 61 -4.50 5.90 19.31
CA ASN D 61 -4.38 7.26 18.78
C ASN D 61 -4.40 7.12 17.28
N THR D 62 -5.37 7.78 16.65
CA THR D 62 -5.54 7.73 15.21
C THR D 62 -5.45 9.12 14.60
N ASP D 63 -4.58 9.97 15.19
CA ASP D 63 -4.30 11.32 14.73
C ASP D 63 -3.32 11.34 13.56
N GLN D 64 -3.40 10.35 12.67
CA GLN D 64 -2.53 10.25 11.51
C GLN D 64 -3.38 9.74 10.35
N VAL D 65 -3.69 10.62 9.41
CA VAL D 65 -4.51 10.31 8.25
C VAL D 65 -3.93 11.08 7.07
N GLU D 66 -3.75 10.41 5.95
CA GLU D 66 -3.23 11.04 4.74
C GLU D 66 -4.31 10.95 3.66
N VAL D 67 -4.73 12.10 3.16
CA VAL D 67 -5.67 12.20 2.06
C VAL D 67 -4.86 12.55 0.82
N VAL D 68 -4.79 11.61 -0.11
CA VAL D 68 -4.06 11.76 -1.37
C VAL D 68 -5.08 12.04 -2.47
N GLY D 69 -5.01 13.22 -3.07
CA GLY D 69 -6.03 13.63 -4.02
C GLY D 69 -6.06 12.77 -5.26
N GLY D 70 -7.22 12.71 -5.88
CA GLY D 70 -7.43 11.97 -7.11
C GLY D 70 -7.27 12.84 -8.33
N ARG D 71 -7.97 12.46 -9.40
CA ARG D 71 -8.06 13.26 -10.62
C ARG D 71 -9.52 13.32 -11.05
N ALA D 72 -9.90 14.44 -11.67
CA ALA D 72 -11.28 14.63 -12.08
C ALA D 72 -11.34 15.62 -13.24
N TYR D 73 -12.41 15.49 -14.04
CA TYR D 73 -12.71 16.38 -15.15
C TYR D 73 -14.07 17.00 -14.89
N PRO D 74 -14.14 18.12 -14.16
CA PRO D 74 -15.43 18.78 -13.96
C PRO D 74 -15.93 19.39 -15.26
N ARG D 75 -17.25 19.40 -15.41
CA ARG D 75 -17.92 19.95 -16.57
C ARG D 75 -19.27 20.47 -16.14
N PHE D 76 -19.65 21.63 -16.65
CA PHE D 76 -21.00 22.14 -16.42
C PHE D 76 -22.00 21.09 -16.85
N GLY D 77 -22.98 20.82 -15.98
CA GLY D 77 -23.93 19.75 -16.20
C GLY D 77 -23.52 18.41 -15.59
N GLY D 78 -22.25 18.26 -15.22
CA GLY D 78 -21.79 17.04 -14.58
C GLY D 78 -20.55 16.47 -15.21
N GLY D 79 -19.44 16.48 -14.48
CA GLY D 79 -18.21 15.87 -14.92
C GLY D 79 -18.05 14.46 -14.40
N GLU D 80 -16.80 14.00 -14.34
CA GLU D 80 -16.53 12.68 -13.83
C GLU D 80 -15.20 12.65 -13.09
N VAL D 81 -15.16 11.87 -12.02
CA VAL D 81 -13.93 11.51 -11.34
C VAL D 81 -13.23 10.45 -12.18
N VAL D 82 -11.94 10.66 -12.46
CA VAL D 82 -11.19 9.75 -13.31
C VAL D 82 -10.20 8.90 -12.53
N LYS D 83 -9.74 9.36 -11.36
CA LYS D 83 -8.85 8.58 -10.51
C LYS D 83 -9.30 8.80 -9.08
N PRO D 84 -9.43 7.74 -8.28
CA PRO D 84 -10.01 7.89 -6.95
C PRO D 84 -9.08 8.57 -5.97
N ILE D 85 -9.69 9.21 -4.97
CA ILE D 85 -8.98 9.66 -3.79
C ILE D 85 -8.51 8.45 -3.00
N TYR D 86 -7.27 8.50 -2.52
CA TYR D 86 -6.68 7.46 -1.71
C TYR D 86 -6.46 8.01 -0.30
N ILE D 87 -6.93 7.26 0.70
CA ILE D 87 -6.84 7.68 2.08
C ILE D 87 -6.14 6.59 2.89
N LEU D 88 -5.08 6.98 3.58
CA LEU D 88 -4.34 6.06 4.45
C LEU D 88 -4.65 6.41 5.90
N LEU D 89 -5.18 5.43 6.64
CA LEU D 89 -5.37 5.56 8.07
C LEU D 89 -4.14 5.01 8.79
N SER D 90 -3.64 5.77 9.76
CA SER D 90 -2.45 5.38 10.50
C SER D 90 -2.69 5.66 11.98
N GLY D 91 -1.64 5.51 12.78
CA GLY D 91 -1.78 5.59 14.22
C GLY D 91 -1.56 4.25 14.88
N ARG D 92 -2.23 4.05 16.02
CA ARG D 92 -2.06 2.84 16.81
C ARG D 92 -3.34 2.54 17.56
N ALA D 93 -3.62 1.26 17.73
CA ALA D 93 -4.79 0.85 18.51
C ALA D 93 -4.56 -0.55 19.06
N VAL D 94 -5.20 -0.84 20.19
CA VAL D 94 -5.14 -2.18 20.75
C VAL D 94 -5.92 -3.13 19.85
N GLU D 95 -5.25 -4.20 19.42
CA GLU D 95 -5.84 -5.20 18.56
C GLU D 95 -5.97 -6.57 19.21
N LEU D 96 -5.08 -6.90 20.15
CA LEU D 96 -5.12 -8.14 20.91
C LEU D 96 -5.56 -7.84 22.34
N VAL D 97 -6.72 -8.34 22.73
CA VAL D 97 -7.29 -8.15 24.06
C VAL D 97 -7.39 -9.53 24.69
N ASP D 98 -6.45 -9.85 25.58
CA ASP D 98 -6.38 -11.18 26.19
C ASP D 98 -6.39 -12.27 25.12
N GLN D 99 -5.49 -12.13 24.16
CA GLN D 99 -5.26 -13.11 23.10
C GLN D 99 -6.43 -13.17 22.10
N GLU D 100 -7.51 -12.43 22.33
CA GLU D 100 -8.60 -12.36 21.37
C GLU D 100 -8.39 -11.12 20.50
N LEU D 101 -8.94 -11.16 19.29
CA LEU D 101 -8.64 -10.14 18.29
C LEU D 101 -9.76 -9.11 18.23
N PHE D 102 -9.40 -7.84 18.35
CA PHE D 102 -10.35 -6.73 18.26
C PHE D 102 -10.31 -6.15 16.85
N PRO D 103 -11.47 -5.87 16.22
CA PRO D 103 -11.50 -5.51 14.77
C PRO D 103 -11.13 -4.05 14.49
N VAL D 104 -9.88 -3.69 14.83
CA VAL D 104 -9.41 -2.32 14.63
C VAL D 104 -9.67 -1.83 13.22
N HIS D 105 -9.17 -2.57 12.22
CA HIS D 105 -9.19 -2.06 10.86
C HIS D 105 -10.61 -1.99 10.30
N GLU D 106 -11.46 -2.96 10.64
CA GLU D 106 -12.86 -2.91 10.22
C GLU D 106 -13.57 -1.69 10.78
N VAL D 107 -13.41 -1.45 12.09
CA VAL D 107 -14.02 -0.28 12.73
C VAL D 107 -13.51 1.00 12.10
N ALA D 108 -12.20 1.10 11.87
CA ALA D 108 -11.62 2.34 11.38
C ALA D 108 -12.12 2.66 9.98
N ILE D 109 -12.08 1.66 9.08
CA ILE D 109 -12.46 1.91 7.69
C ILE D 109 -13.94 2.23 7.58
N LYS D 110 -14.78 1.51 8.33
CA LYS D 110 -16.21 1.82 8.38
C LYS D 110 -16.45 3.23 8.91
N ALA D 111 -15.71 3.63 9.95
CA ALA D 111 -15.90 4.97 10.50
C ALA D 111 -15.49 6.04 9.50
N ALA D 112 -14.39 5.81 8.77
CA ALA D 112 -13.93 6.77 7.78
C ALA D 112 -14.93 6.89 6.63
N LYS D 113 -15.41 5.76 6.12
CA LYS D 113 -16.38 5.81 5.04
C LYS D 113 -17.68 6.48 5.50
N ASN D 114 -18.14 6.15 6.71
CA ASN D 114 -19.37 6.76 7.20
C ASN D 114 -19.20 8.26 7.40
N TYR D 115 -18.04 8.71 7.88
CA TYR D 115 -17.80 10.14 8.01
C TYR D 115 -17.89 10.83 6.66
N LEU D 116 -17.22 10.27 5.66
CA LEU D 116 -17.23 10.86 4.32
C LEU D 116 -18.63 10.89 3.73
N LYS D 117 -19.38 9.80 3.87
CA LYS D 117 -20.74 9.77 3.31
C LYS D 117 -21.60 10.88 3.91
N ASN D 118 -21.49 11.10 5.21
CA ASN D 118 -22.30 12.10 5.88
C ASN D 118 -21.76 13.51 5.68
N ALA D 119 -20.45 13.66 5.44
CA ALA D 119 -19.83 14.97 5.37
C ALA D 119 -19.85 15.58 3.97
N ILE D 120 -19.65 14.77 2.93
CA ILE D 120 -19.49 15.26 1.57
C ILE D 120 -20.60 14.62 0.72
N ARG D 121 -21.67 15.39 0.46
CA ARG D 121 -22.91 14.82 -0.05
C ARG D 121 -22.76 14.23 -1.45
N HIS D 122 -21.97 14.88 -2.31
CA HIS D 122 -21.85 14.46 -3.70
C HIS D 122 -20.65 13.56 -3.95
N LEU D 123 -19.99 13.05 -2.90
CA LEU D 123 -18.88 12.13 -3.06
C LEU D 123 -19.38 10.70 -3.06
N ASP D 124 -19.01 9.94 -4.08
CA ASP D 124 -19.36 8.52 -4.20
C ASP D 124 -18.26 7.73 -3.52
N VAL D 125 -18.48 7.41 -2.25
CA VAL D 125 -17.40 6.85 -1.44
C VAL D 125 -17.01 5.48 -1.96
N GLU D 126 -17.97 4.70 -2.46
CA GLU D 126 -17.68 3.36 -2.93
C GLU D 126 -16.76 3.36 -4.13
N ASN D 127 -16.88 4.37 -5.01
CA ASN D 127 -16.13 4.40 -6.25
C ASN D 127 -15.10 5.51 -6.36
N HIS D 128 -15.28 6.61 -5.63
CA HIS D 128 -14.37 7.73 -5.70
C HIS D 128 -13.26 7.67 -4.66
N VAL D 129 -13.31 6.74 -3.73
CA VAL D 129 -12.39 6.72 -2.60
C VAL D 129 -11.86 5.29 -2.39
N ILE D 130 -10.55 5.19 -2.16
CA ILE D 130 -9.92 3.99 -1.63
C ILE D 130 -9.44 4.30 -0.22
N ILE D 131 -9.84 3.49 0.74
CA ILE D 131 -9.39 3.64 2.13
C ILE D 131 -8.62 2.40 2.52
N ASP D 132 -7.36 2.59 2.92
CA ASP D 132 -6.53 1.52 3.46
C ASP D 132 -6.09 1.89 4.87
N SER D 133 -5.76 0.87 5.65
CA SER D 133 -5.38 1.07 7.04
C SER D 133 -4.04 0.41 7.32
N ARG D 134 -3.11 1.20 7.87
CA ARG D 134 -1.86 0.68 8.42
CA ARG D 134 -1.86 0.69 8.42
C ARG D 134 -1.77 0.97 9.91
N ILE D 135 -2.93 1.04 10.58
CA ILE D 135 -2.95 1.35 12.01
C ILE D 135 -2.16 0.29 12.77
N GLY D 136 -1.25 0.75 13.62
CA GLY D 136 -0.38 -0.17 14.34
C GLY D 136 -1.14 -1.03 15.32
N GLN D 137 -0.57 -2.20 15.61
CA GLN D 137 -1.24 -3.23 16.41
C GLN D 137 -0.72 -3.17 17.84
N GLY D 138 -1.63 -2.99 18.80
CA GLY D 138 -1.30 -3.05 20.21
C GLY D 138 -1.99 -4.24 20.86
N SER D 139 -1.56 -4.52 22.08
CA SER D 139 -2.07 -5.66 22.82
C SER D 139 -2.14 -5.28 24.30
N VAL D 140 -3.09 -5.90 25.01
CA VAL D 140 -3.27 -5.62 26.43
C VAL D 140 -3.92 -6.83 27.09
N ASP D 141 -3.78 -6.89 28.40
CA ASP D 141 -4.50 -7.82 29.26
C ASP D 141 -5.45 -7.01 30.13
N LEU D 142 -6.74 -7.39 30.12
CA LEU D 142 -7.75 -6.58 30.79
C LEU D 142 -7.54 -6.52 32.31
N VAL D 143 -6.86 -7.51 32.89
CA VAL D 143 -6.51 -7.41 34.30
C VAL D 143 -5.70 -6.14 34.56
N SER D 144 -4.69 -5.90 33.72
CA SER D 144 -3.87 -4.70 33.87
C SER D 144 -4.70 -3.44 33.60
N VAL D 145 -5.50 -3.45 32.54
CA VAL D 145 -6.30 -2.27 32.21
C VAL D 145 -7.15 -1.86 33.39
N PHE D 146 -7.89 -2.81 33.97
CA PHE D 146 -8.80 -2.48 35.05
C PHE D 146 -8.04 -2.05 36.30
N ASN D 147 -6.91 -2.70 36.60
CA ASN D 147 -6.14 -2.30 37.76
C ASN D 147 -5.49 -0.93 37.57
N LYS D 148 -5.01 -0.65 36.35
CA LYS D 148 -4.46 0.68 36.08
C LYS D 148 -5.52 1.77 36.23
N ALA D 149 -6.76 1.46 35.84
CA ALA D 149 -7.84 2.44 35.98
C ALA D 149 -8.20 2.64 37.45
N ARG D 150 -8.24 1.55 38.23
CA ARG D 150 -8.51 1.69 39.66
C ARG D 150 -7.38 2.38 40.39
N GLU D 151 -6.14 2.16 39.94
CA GLU D 151 -4.97 2.74 40.56
C GLU D 151 -4.81 4.22 40.23
N ASN D 152 -5.34 4.66 39.09
CA ASN D 152 -5.22 6.04 38.63
C ASN D 152 -6.59 6.48 38.11
N PRO D 153 -7.54 6.72 39.01
CA PRO D 153 -8.87 7.14 38.54
C PRO D 153 -8.81 8.29 37.55
N ILE D 154 -7.88 9.22 37.72
CA ILE D 154 -7.57 10.22 36.71
C ILE D 154 -6.35 9.73 35.95
N PRO D 155 -6.43 9.62 34.62
CA PRO D 155 -5.32 8.98 33.88
C PRO D 155 -4.01 9.73 34.04
N LEU D 156 -2.92 8.97 33.94
CA LEU D 156 -1.59 9.56 33.94
C LEU D 156 -1.27 10.09 32.55
N ALA D 157 -0.48 11.15 32.52
CA ALA D 157 -0.06 11.73 31.24
C ALA D 157 1.04 10.87 30.63
N ASN D 158 0.95 10.68 29.32
CA ASN D 158 1.89 9.85 28.58
C ASN D 158 2.82 10.66 27.70
N ASP D 159 2.63 11.98 27.61
CA ASP D 159 3.47 12.83 26.79
C ASP D 159 3.81 14.09 27.59
N THR D 160 4.84 14.81 27.13
CA THR D 160 5.14 16.17 27.59
C THR D 160 4.65 17.10 26.50
N SER D 161 3.47 17.68 26.72
CA SER D 161 2.83 18.49 25.69
C SER D 161 2.01 19.59 26.34
N PHE D 162 1.69 20.61 25.55
CA PHE D 162 0.90 21.73 26.02
C PHE D 162 -0.26 21.97 25.07
N GLY D 163 -1.34 22.48 25.64
CA GLY D 163 -2.46 22.98 24.87
C GLY D 163 -2.67 24.45 25.18
N VAL D 164 -3.27 25.16 24.23
CA VAL D 164 -3.41 26.61 24.28
C VAL D 164 -4.81 26.99 23.83
N GLY D 165 -5.43 27.91 24.58
CA GLY D 165 -6.74 28.42 24.22
C GLY D 165 -6.87 29.86 24.66
N TYR D 166 -7.94 30.51 24.21
CA TYR D 166 -8.13 31.92 24.52
C TYR D 166 -9.61 32.27 24.37
N ALA D 167 -9.96 33.45 24.89
CA ALA D 167 -11.32 33.98 24.79
C ALA D 167 -11.28 35.46 25.17
N PRO D 168 -12.28 36.24 24.73
CA PRO D 168 -13.38 35.86 23.84
C PRO D 168 -12.99 35.99 22.38
N LEU D 169 -13.86 35.57 21.47
CA LEU D 169 -13.62 35.75 20.04
C LEU D 169 -13.88 37.18 19.61
N SER D 170 -13.08 37.67 18.68
CA SER D 170 -13.32 38.97 18.07
C SER D 170 -14.45 38.89 17.05
N GLU D 171 -14.87 40.06 16.57
CA GLU D 171 -15.87 40.11 15.52
C GLU D 171 -15.40 39.42 14.26
N THR D 172 -14.14 39.65 13.86
CA THR D 172 -13.63 39.03 12.64
C THR D 172 -13.53 37.52 12.81
N GLU D 173 -13.13 37.06 14.00
CA GLU D 173 -13.08 35.64 14.27
C GLU D 173 -14.47 35.02 14.18
N ARG D 174 -15.47 35.66 14.80
CA ARG D 174 -16.83 35.14 14.75
C ARG D 174 -17.36 35.15 13.32
N LEU D 175 -17.04 36.20 12.56
CA LEU D 175 -17.51 36.28 11.17
C LEU D 175 -16.96 35.13 10.34
N VAL D 176 -15.66 34.85 10.47
CA VAL D 176 -15.05 33.76 9.70
C VAL D 176 -15.65 32.42 10.13
N LEU D 177 -15.75 32.18 11.43
CA LEU D 177 -16.30 30.93 11.93
C LEU D 177 -17.73 30.74 11.43
N GLU D 178 -18.58 31.75 11.61
CA GLU D 178 -20.00 31.62 11.30
C GLU D 178 -20.27 31.64 9.81
N THR D 179 -19.39 32.25 9.01
CA THR D 179 -19.54 32.18 7.56
C THR D 179 -19.44 30.74 7.06
N GLU D 180 -18.42 30.01 7.49
CA GLU D 180 -18.28 28.62 7.07
C GLU D 180 -19.41 27.77 7.62
N LYS D 181 -19.77 27.99 8.90
CA LYS D 181 -20.85 27.20 9.50
C LYS D 181 -22.16 27.42 8.76
N LEU D 182 -22.44 28.65 8.33
CA LEU D 182 -23.65 28.93 7.57
C LEU D 182 -23.65 28.20 6.24
N LEU D 183 -22.57 28.37 5.46
CA LEU D 183 -22.53 27.81 4.11
C LEU D 183 -22.52 26.29 4.11
N ASN D 184 -22.07 25.65 5.19
CA ASN D 184 -22.09 24.21 5.32
C ASN D 184 -23.20 23.72 6.25
N SER D 185 -24.11 24.61 6.65
CA SER D 185 -25.25 24.21 7.46
C SER D 185 -26.20 23.36 6.64
N GLU D 186 -26.94 22.50 7.32
CA GLU D 186 -27.88 21.63 6.62
C GLU D 186 -28.92 22.46 5.87
N LYS D 187 -29.39 23.54 6.51
CA LYS D 187 -30.43 24.37 5.90
C LYS D 187 -29.94 25.04 4.63
N PHE D 188 -28.72 25.59 4.66
CA PHE D 188 -28.19 26.27 3.49
C PHE D 188 -27.92 25.28 2.37
N LYS D 189 -27.37 24.12 2.71
CA LYS D 189 -27.11 23.10 1.70
C LYS D 189 -28.40 22.63 1.03
N LYS D 190 -29.48 22.52 1.81
CA LYS D 190 -30.77 22.13 1.23
C LYS D 190 -31.28 23.19 0.25
N GLU D 191 -31.06 24.47 0.57
CA GLU D 191 -31.51 25.53 -0.31
C GLU D 191 -30.64 25.68 -1.55
N TYR D 192 -29.33 25.44 -1.44
CA TYR D 192 -28.39 25.65 -2.54
C TYR D 192 -27.51 24.42 -2.69
N PRO D 193 -28.05 23.34 -3.25
CA PRO D 193 -27.24 22.10 -3.39
C PRO D 193 -25.99 22.28 -4.22
N ALA D 194 -25.88 23.38 -4.97
CA ALA D 194 -24.68 23.59 -5.78
C ALA D 194 -23.45 23.91 -4.94
N VAL D 195 -23.63 24.33 -3.68
CA VAL D 195 -22.50 24.76 -2.86
C VAL D 195 -21.91 23.52 -2.20
N GLY D 196 -20.71 23.15 -2.61
CA GLY D 196 -20.03 22.02 -2.02
C GLY D 196 -19.56 22.33 -0.60
N GLU D 197 -18.91 21.34 0.00
CA GLU D 197 -18.48 21.44 1.39
C GLU D 197 -17.06 21.95 1.53
N ASP D 198 -16.27 21.94 0.47
CA ASP D 198 -14.89 22.43 0.53
C ASP D 198 -14.94 23.94 0.48
N ILE D 199 -14.99 24.55 1.66
CA ILE D 199 -15.16 25.99 1.81
C ILE D 199 -14.03 26.49 2.70
N LYS D 200 -13.23 27.41 2.18
CA LYS D 200 -12.18 28.06 2.94
C LYS D 200 -12.55 29.54 3.07
N VAL D 201 -12.50 30.05 4.29
CA VAL D 201 -12.91 31.42 4.59
C VAL D 201 -11.73 32.15 5.20
N MET D 202 -11.43 33.33 4.65
CA MET D 202 -10.39 34.22 5.15
C MET D 202 -10.99 35.57 5.48
N GLY D 203 -10.75 36.04 6.69
CA GLY D 203 -11.11 37.40 7.04
C GLY D 203 -9.85 38.20 7.29
N LEU D 204 -9.67 39.29 6.57
CA LEU D 204 -8.56 40.20 6.79
C LEU D 204 -9.15 41.56 7.17
N ARG D 205 -8.91 41.97 8.40
CA ARG D 205 -9.36 43.27 8.87
C ARG D 205 -8.19 44.24 8.86
N ARG D 206 -8.42 45.41 8.26
CA ARG D 206 -7.50 46.54 8.33
C ARG D 206 -8.32 47.70 8.87
N GLY D 207 -8.05 48.10 10.11
CA GLY D 207 -8.85 49.13 10.74
C GLY D 207 -10.28 48.65 10.93
N ASN D 208 -11.24 49.40 10.38
CA ASN D 208 -12.65 49.07 10.51
C ASN D 208 -13.24 48.61 9.19
N GLU D 209 -12.43 47.94 8.37
CA GLU D 209 -12.89 47.36 7.12
C GLU D 209 -12.36 45.93 7.04
N ILE D 210 -13.25 45.00 6.70
CA ILE D 210 -12.92 43.58 6.63
C ILE D 210 -13.09 43.12 5.20
N ASP D 211 -12.07 42.46 4.65
CA ASP D 211 -12.18 41.74 3.40
C ASP D 211 -12.40 40.29 3.75
N LEU D 212 -13.53 39.75 3.31
CA LEU D 212 -13.96 38.39 3.63
C LEU D 212 -13.94 37.61 2.33
N THR D 213 -13.00 36.68 2.21
CA THR D 213 -12.81 35.91 1.00
C THR D 213 -13.24 34.48 1.22
N ILE D 214 -14.05 33.97 0.31
CA ILE D 214 -14.66 32.66 0.39
C ILE D 214 -14.23 31.89 -0.84
N ALA D 215 -13.59 30.74 -0.64
CA ALA D 215 -13.30 29.81 -1.72
C ALA D 215 -14.23 28.62 -1.51
N ALA D 216 -15.27 28.51 -2.34
CA ALA D 216 -16.30 27.49 -2.18
C ALA D 216 -16.39 26.64 -3.44
N ALA D 217 -16.09 25.35 -3.29
CA ALA D 217 -16.22 24.43 -4.43
C ALA D 217 -17.68 24.28 -4.80
N ILE D 218 -17.98 24.53 -6.07
CA ILE D 218 -19.34 24.39 -6.59
C ILE D 218 -19.46 23.05 -7.30
N VAL D 219 -20.61 22.40 -7.13
CA VAL D 219 -20.83 21.05 -7.63
C VAL D 219 -21.39 21.13 -9.04
N ASP D 220 -20.65 20.56 -10.00
CA ASP D 220 -20.95 20.84 -11.41
C ASP D 220 -22.23 20.17 -11.88
N SER D 221 -22.71 19.13 -11.20
CA SER D 221 -24.00 18.54 -11.59
C SER D 221 -25.18 19.43 -11.23
N GLU D 222 -24.95 20.48 -10.44
CA GLU D 222 -26.00 21.38 -10.00
C GLU D 222 -25.99 22.72 -10.73
N VAL D 223 -25.00 22.97 -11.60
CA VAL D 223 -24.93 24.21 -12.37
C VAL D 223 -24.74 23.84 -13.84
N ALA D 224 -25.73 24.15 -14.67
CA ALA D 224 -25.70 23.78 -16.08
C ALA D 224 -24.89 24.75 -16.93
N THR D 225 -24.67 25.97 -16.47
CA THR D 225 -24.02 26.99 -17.29
C THR D 225 -23.18 27.88 -16.41
N PRO D 226 -22.22 28.61 -16.99
CA PRO D 226 -21.57 29.68 -16.21
C PRO D 226 -22.53 30.66 -15.57
N LYS D 227 -23.63 31.00 -16.24
CA LYS D 227 -24.58 31.93 -15.65
C LYS D 227 -25.17 31.38 -14.37
N GLU D 228 -25.56 30.10 -14.36
CA GLU D 228 -26.05 29.50 -13.12
C GLU D 228 -24.96 29.49 -12.06
N TYR D 229 -23.71 29.23 -12.47
CA TYR D 229 -22.59 29.26 -11.54
C TYR D 229 -22.44 30.65 -10.92
N LEU D 230 -22.48 31.69 -11.76
CA LEU D 230 -22.37 33.04 -11.24
C LEU D 230 -23.55 33.40 -10.36
N GLU D 231 -24.74 32.86 -10.68
CA GLU D 231 -25.90 33.08 -9.82
C GLU D 231 -25.71 32.42 -8.44
N VAL D 232 -25.03 31.28 -8.38
CA VAL D 232 -24.78 30.64 -7.09
C VAL D 232 -23.83 31.48 -6.26
N LYS D 233 -22.78 32.02 -6.88
CA LYS D 233 -21.84 32.87 -6.15
C LYS D 233 -22.54 34.07 -5.56
N ASP D 234 -23.49 34.66 -6.30
CA ASP D 234 -24.23 35.80 -5.77
C ASP D 234 -25.08 35.41 -4.58
N LYS D 235 -25.66 34.21 -4.60
CA LYS D 235 -26.46 33.77 -3.47
C LYS D 235 -25.59 33.49 -2.26
N ILE D 236 -24.36 33.00 -2.46
CA ILE D 236 -23.42 32.90 -1.35
C ILE D 236 -23.17 34.29 -0.76
N LYS D 237 -22.83 35.25 -1.63
CA LYS D 237 -22.50 36.60 -1.18
C LYS D 237 -23.67 37.24 -0.44
N GLU D 238 -24.88 37.11 -1.00
CA GLU D 238 -26.06 37.70 -0.36
C GLU D 238 -26.28 37.12 1.03
N ALA D 239 -26.12 35.80 1.18
CA ALA D 239 -26.34 35.17 2.47
C ALA D 239 -25.30 35.63 3.49
N VAL D 240 -24.05 35.78 3.06
CA VAL D 240 -23.00 36.18 3.99
C VAL D 240 -23.12 37.66 4.33
N GLU D 241 -23.61 38.47 3.39
CA GLU D 241 -23.90 39.87 3.68
C GLU D 241 -24.88 40.00 4.85
N GLU D 242 -25.96 39.21 4.82
CA GLU D 242 -26.92 39.23 5.91
C GLU D 242 -26.28 38.82 7.22
N LEU D 243 -25.46 37.76 7.19
CA LEU D 243 -24.76 37.32 8.40
C LEU D 243 -23.83 38.40 8.93
N ALA D 244 -23.10 39.07 8.04
CA ALA D 244 -22.11 40.06 8.48
C ALA D 244 -22.77 41.21 9.23
N LYS D 245 -23.97 41.60 8.82
CA LYS D 245 -24.69 42.69 9.48
C LYS D 245 -25.06 42.35 10.92
N GLU D 246 -25.21 41.06 11.23
CA GLU D 246 -25.54 40.63 12.59
C GLU D 246 -24.32 40.50 13.50
N ILE D 247 -23.12 40.45 12.94
CA ILE D 247 -21.93 40.15 13.73
C ILE D 247 -21.11 41.40 13.97
N THR D 248 -21.10 42.33 13.02
CA THR D 248 -20.22 43.49 13.10
C THR D 248 -20.85 44.69 12.41
N SER D 249 -20.53 45.88 12.94
CA SER D 249 -20.93 47.14 12.30
CA SER D 249 -20.93 47.13 12.31
C SER D 249 -19.83 47.68 11.39
N ARG D 250 -18.73 46.97 11.24
CA ARG D 250 -17.67 47.37 10.32
C ARG D 250 -18.10 47.11 8.88
N LYS D 251 -17.43 47.81 7.96
CA LYS D 251 -17.64 47.57 6.53
C LYS D 251 -17.04 46.23 6.15
N VAL D 252 -17.82 45.41 5.44
CA VAL D 252 -17.40 44.07 5.05
C VAL D 252 -17.48 43.95 3.54
N ASN D 253 -16.36 43.64 2.91
CA ASN D 253 -16.30 43.36 1.50
C ASN D 253 -16.19 41.86 1.32
N ILE D 254 -17.06 41.28 0.51
CA ILE D 254 -17.14 39.83 0.37
C ILE D 254 -16.74 39.47 -1.06
N TYR D 255 -15.84 38.50 -1.16
CA TYR D 255 -15.34 38.02 -2.44
C TYR D 255 -15.47 36.51 -2.45
N VAL D 256 -15.98 35.96 -3.55
CA VAL D 256 -16.21 34.52 -3.69
C VAL D 256 -15.43 34.02 -4.89
N ASN D 257 -14.60 33.01 -4.67
CA ASN D 257 -13.87 32.30 -5.73
C ASN D 257 -13.10 33.28 -6.64
N THR D 258 -12.08 33.90 -6.01
CA THR D 258 -11.35 35.00 -6.64
C THR D 258 -10.47 34.55 -7.81
N ALA D 259 -10.14 33.27 -7.91
CA ALA D 259 -9.38 32.78 -9.05
C ALA D 259 -10.24 32.58 -10.30
N ASP D 260 -11.55 32.76 -10.21
CA ASP D 260 -12.40 32.61 -11.39
C ASP D 260 -11.98 33.60 -12.47
N ASP D 261 -12.00 33.14 -13.71
CA ASP D 261 -11.75 34.00 -14.87
C ASP D 261 -12.65 33.54 -16.02
N PRO D 262 -13.86 34.11 -16.13
CA PRO D 262 -14.79 33.62 -17.15
C PRO D 262 -14.26 33.64 -18.59
N GLU D 263 -13.62 34.73 -19.01
CA GLU D 263 -13.16 34.83 -20.40
C GLU D 263 -12.24 33.67 -20.76
N ARG D 264 -11.39 33.24 -19.83
CA ARG D 264 -10.57 32.06 -20.04
C ARG D 264 -11.30 30.79 -19.62
N GLY D 265 -12.59 30.90 -19.31
CA GLY D 265 -13.39 29.73 -18.96
C GLY D 265 -12.99 29.06 -17.68
N ILE D 266 -12.54 29.82 -16.69
CA ILE D 266 -12.02 29.25 -15.44
C ILE D 266 -13.07 29.48 -14.35
N TYR D 267 -13.57 28.38 -13.78
CA TYR D 267 -14.54 28.42 -12.69
C TYR D 267 -14.21 27.34 -11.68
N TYR D 268 -14.48 27.63 -10.41
CA TYR D 268 -14.25 26.68 -9.32
C TYR D 268 -15.41 25.69 -9.23
N ILE D 269 -15.51 24.81 -10.23
CA ILE D 269 -16.50 23.75 -10.26
C ILE D 269 -15.81 22.41 -10.01
N THR D 270 -16.50 21.53 -9.31
CA THR D 270 -16.00 20.20 -8.97
C THR D 270 -17.11 19.19 -9.20
N VAL D 271 -16.71 17.92 -9.31
CA VAL D 271 -17.67 16.83 -9.43
C VAL D 271 -18.30 16.51 -8.09
N THR D 272 -17.51 16.53 -7.02
CA THR D 272 -17.93 15.98 -5.74
C THR D 272 -18.14 17.05 -4.66
N GLY D 273 -17.69 18.27 -4.86
CA GLY D 273 -17.74 19.29 -3.84
C GLY D 273 -16.48 19.43 -3.00
N THR D 274 -15.44 18.66 -3.28
CA THR D 274 -14.15 18.80 -2.60
C THR D 274 -12.99 18.77 -3.57
N SER D 275 -12.04 19.68 -3.38
CA SER D 275 -10.84 19.76 -4.20
CA SER D 275 -10.84 19.76 -4.20
C SER D 275 -9.93 18.55 -4.02
N ALA D 276 -10.18 17.71 -3.02
CA ALA D 276 -9.41 16.46 -2.92
C ALA D 276 -9.58 15.60 -4.17
N GLU D 277 -10.65 15.82 -4.93
CA GLU D 277 -10.88 15.05 -6.15
C GLU D 277 -9.88 15.39 -7.25
N ALA D 278 -9.29 16.60 -7.20
CA ALA D 278 -8.46 17.11 -8.29
C ALA D 278 -6.98 17.01 -8.00
N GLY D 279 -6.57 16.39 -6.90
CA GLY D 279 -5.18 16.19 -6.58
C GLY D 279 -4.69 16.93 -5.35
N ASP D 280 -5.54 17.73 -4.70
CA ASP D 280 -5.14 18.38 -3.46
C ASP D 280 -5.10 17.34 -2.33
N ASP D 281 -4.17 17.53 -1.41
CA ASP D 281 -3.87 16.58 -0.35
C ASP D 281 -4.23 17.16 1.01
N GLY D 282 -4.40 16.25 1.98
CA GLY D 282 -4.61 16.68 3.35
C GLY D 282 -3.97 15.72 4.32
N SER D 283 -3.68 16.24 5.52
CA SER D 283 -3.24 15.40 6.63
C SER D 283 -3.69 16.06 7.93
N VAL D 284 -3.45 15.36 9.04
CA VAL D 284 -4.02 15.76 10.31
C VAL D 284 -3.22 16.91 10.90
N GLY D 285 -3.92 17.82 11.56
CA GLY D 285 -3.29 18.89 12.30
C GLY D 285 -2.73 20.01 11.45
N ARG D 286 -3.19 20.12 10.20
CA ARG D 286 -2.72 21.13 9.28
C ARG D 286 -3.69 22.29 9.14
N GLY D 287 -4.76 22.32 9.93
CA GLY D 287 -5.80 23.30 9.75
C GLY D 287 -6.24 23.92 11.05
N ASN D 288 -7.54 23.92 11.29
CA ASN D 288 -8.10 24.68 12.39
C ASN D 288 -7.66 24.09 13.73
N ARG D 289 -7.50 24.98 14.71
CA ARG D 289 -7.34 24.58 16.09
C ARG D 289 -8.70 24.17 16.65
N VAL D 290 -8.74 23.80 17.94
CA VAL D 290 -9.96 23.26 18.53
CA VAL D 290 -9.96 23.25 18.52
C VAL D 290 -11.08 24.29 18.53
N ASN D 291 -10.75 25.58 18.60
CA ASN D 291 -11.82 26.57 18.56
C ASN D 291 -12.38 26.74 17.14
N GLY D 292 -11.85 25.99 16.18
CA GLY D 292 -12.36 26.00 14.82
C GLY D 292 -11.68 26.99 13.90
N LEU D 293 -10.62 27.66 14.35
CA LEU D 293 -10.04 28.76 13.60
C LEU D 293 -8.53 28.65 13.52
N ILE D 294 -7.98 29.38 12.55
CA ILE D 294 -6.54 29.63 12.40
C ILE D 294 -6.33 31.11 12.64
N THR D 295 -5.56 31.47 13.68
CA THR D 295 -5.56 32.82 14.24
C THR D 295 -4.17 33.33 14.62
N PRO D 296 -3.42 33.85 13.65
CA PRO D 296 -2.05 34.33 13.95
C PRO D 296 -1.99 35.54 14.89
N ASN D 297 -3.08 36.29 15.07
CA ASN D 297 -3.08 37.35 16.07
C ASN D 297 -3.20 36.80 17.48
N ARG D 298 -3.43 35.50 17.62
CA ARG D 298 -3.61 34.82 18.88
C ARG D 298 -2.42 33.87 19.10
N HIS D 299 -2.62 32.89 19.98
CA HIS D 299 -1.63 31.87 20.31
C HIS D 299 -2.23 30.49 20.16
N MET D 300 -1.40 29.55 19.74
CA MET D 300 -1.88 28.20 19.51
C MET D 300 -0.87 27.16 19.98
N SER D 301 -1.39 25.95 20.17
CA SER D 301 -0.59 24.74 20.27
C SER D 301 -0.47 24.08 18.89
N MET D 302 0.66 23.41 18.66
CA MET D 302 0.85 22.63 17.45
C MET D 302 0.32 21.21 17.59
N GLU D 303 -0.15 20.82 18.78
CA GLU D 303 -0.69 19.48 18.94
C GLU D 303 -1.97 19.34 18.13
N ALA D 304 -2.11 18.22 17.44
CA ALA D 304 -3.31 17.94 16.64
C ALA D 304 -4.32 17.21 17.51
N ALA D 305 -5.42 17.88 17.86
CA ALA D 305 -6.41 17.24 18.72
C ALA D 305 -7.12 16.08 18.01
N ALA D 306 -7.37 16.19 16.71
CA ALA D 306 -8.20 15.22 16.01
C ALA D 306 -7.55 13.84 15.99
N GLY D 307 -8.29 12.84 16.47
CA GLY D 307 -7.82 11.47 16.47
C GLY D 307 -7.08 11.04 17.72
N LYS D 308 -6.71 11.97 18.60
CA LYS D 308 -5.98 11.62 19.81
C LYS D 308 -6.91 11.04 20.86
N ASN D 309 -6.37 10.12 21.65
CA ASN D 309 -7.15 9.43 22.68
C ASN D 309 -7.80 10.44 23.62
N PRO D 310 -9.12 10.45 23.76
CA PRO D 310 -9.78 11.42 24.65
C PRO D 310 -9.66 11.09 26.13
N VAL D 311 -9.01 9.97 26.47
CA VAL D 311 -8.89 9.56 27.86
C VAL D 311 -7.62 10.11 28.49
N SER D 312 -6.49 10.02 27.79
CA SER D 312 -5.19 10.28 28.39
C SER D 312 -4.30 11.21 27.60
N HIS D 313 -4.59 11.52 26.35
CA HIS D 313 -3.67 12.29 25.54
C HIS D 313 -3.95 13.77 25.73
N VAL D 314 -3.01 14.47 26.37
CA VAL D 314 -3.19 15.88 26.70
C VAL D 314 -3.23 16.74 25.45
N GLY D 315 -2.61 16.28 24.36
CA GLY D 315 -2.67 17.02 23.12
C GLY D 315 -4.08 17.34 22.70
N LYS D 316 -5.02 16.46 23.00
CA LYS D 316 -6.43 16.77 22.81
C LYS D 316 -7.03 17.43 24.04
N ILE D 317 -6.85 16.82 25.20
CA ILE D 317 -7.58 17.23 26.39
C ILE D 317 -7.21 18.65 26.81
N TYR D 318 -5.92 18.98 26.80
CA TYR D 318 -5.49 20.29 27.28
C TYR D 318 -5.87 21.39 26.31
N ASN D 319 -5.89 21.11 25.01
CA ASN D 319 -6.34 22.13 24.06
C ASN D 319 -7.83 22.43 24.24
N ILE D 320 -8.64 21.41 24.50
CA ILE D 320 -10.05 21.66 24.79
C ILE D 320 -10.21 22.37 26.14
N LEU D 321 -9.55 21.85 27.18
CA LEU D 321 -9.69 22.43 28.51
C LEU D 321 -9.23 23.88 28.55
N ALA D 322 -8.14 24.21 27.85
CA ALA D 322 -7.66 25.58 27.86
C ALA D 322 -8.70 26.52 27.25
N MET D 323 -9.35 26.08 26.19
CA MET D 323 -10.43 26.86 25.59
C MET D 323 -11.60 27.03 26.56
N LEU D 324 -11.99 25.97 27.24
CA LEU D 324 -13.14 26.06 28.15
C LEU D 324 -12.83 26.96 29.33
N ILE D 325 -11.63 26.84 29.91
CA ILE D 325 -11.22 27.72 31.00
C ILE D 325 -11.22 29.17 30.54
N ALA D 326 -10.62 29.43 29.38
CA ALA D 326 -10.59 30.78 28.84
C ALA D 326 -12.00 31.33 28.66
N GLU D 327 -12.90 30.52 28.10
CA GLU D 327 -14.27 30.96 27.87
C GLU D 327 -14.97 31.29 29.17
N ASP D 328 -14.78 30.45 30.20
CA ASP D 328 -15.44 30.71 31.48
CA ASP D 328 -15.44 30.71 31.48
C ASP D 328 -14.91 31.99 32.12
N ILE D 329 -13.59 32.16 32.13
CA ILE D 329 -13.00 33.38 32.68
C ILE D 329 -13.53 34.61 31.95
N ALA D 330 -13.55 34.57 30.62
CA ALA D 330 -13.98 35.74 29.88
C ALA D 330 -15.46 36.05 30.11
N LYS D 331 -16.29 35.03 30.31
CA LYS D 331 -17.71 35.29 30.51
C LYS D 331 -18.03 35.76 31.93
N THR D 332 -17.20 35.43 32.93
CA THR D 332 -17.54 35.66 34.33
C THR D 332 -16.77 36.79 35.00
N LEU D 333 -15.62 37.18 34.48
CA LEU D 333 -14.76 38.16 35.12
C LEU D 333 -14.55 39.36 34.21
N PRO D 334 -14.15 40.53 34.77
CA PRO D 334 -13.97 41.76 33.96
C PRO D 334 -12.68 41.68 33.17
N VAL D 335 -12.74 40.87 32.12
CA VAL D 335 -11.60 40.50 31.29
C VAL D 335 -11.81 41.05 29.89
N GLU D 336 -10.74 41.62 29.32
CA GLU D 336 -10.73 41.96 27.91
C GLU D 336 -10.36 40.74 27.07
N GLU D 337 -9.28 40.05 27.47
CA GLU D 337 -8.80 38.86 26.78
C GLU D 337 -8.13 37.96 27.82
N VAL D 338 -8.19 36.65 27.58
CA VAL D 338 -7.51 35.69 28.43
C VAL D 338 -6.93 34.57 27.57
N TYR D 339 -5.67 34.24 27.83
CA TYR D 339 -4.93 33.19 27.14
C TYR D 339 -4.54 32.14 28.19
N VAL D 340 -4.82 30.87 27.89
CA VAL D 340 -4.57 29.78 28.84
C VAL D 340 -3.61 28.79 28.19
N ARG D 341 -2.54 28.44 28.91
CA ARG D 341 -1.58 27.45 28.42
C ARG D 341 -1.38 26.41 29.51
N ILE D 342 -1.47 25.14 29.14
CA ILE D 342 -1.40 24.03 30.09
C ILE D 342 -0.37 23.03 29.61
N LEU D 343 0.57 22.66 30.48
CA LEU D 343 1.66 21.76 30.15
C LEU D 343 1.60 20.53 31.04
N SER D 344 1.62 19.34 30.43
CA SER D 344 1.56 18.09 31.16
C SER D 344 2.90 17.75 31.78
N GLN D 345 2.86 16.88 32.81
CA GLN D 345 4.05 16.25 33.38
C GLN D 345 3.95 14.74 33.24
N ILE D 346 4.94 14.15 32.57
CA ILE D 346 4.95 12.71 32.34
C ILE D 346 4.82 11.98 33.67
N GLY D 347 3.92 11.00 33.74
CA GLY D 347 3.79 10.21 34.96
C GLY D 347 2.95 10.84 36.05
N LYS D 348 2.43 12.03 35.85
CA LYS D 348 1.51 12.62 36.81
C LYS D 348 0.11 12.60 36.23
N PRO D 349 -0.92 12.52 37.06
CA PRO D 349 -2.28 12.58 36.53
C PRO D 349 -2.51 13.85 35.73
N ILE D 350 -3.37 13.75 34.71
CA ILE D 350 -3.55 14.85 33.80
C ILE D 350 -4.23 16.05 34.46
N ASP D 351 -4.80 15.89 35.64
CA ASP D 351 -5.29 17.04 36.40
C ASP D 351 -4.20 17.70 37.25
N GLN D 352 -2.96 17.23 37.15
CA GLN D 352 -1.82 17.84 37.84
C GLN D 352 -0.77 18.27 36.82
N PRO D 353 -1.07 19.28 36.00
CA PRO D 353 -0.12 19.71 34.99
C PRO D 353 1.11 20.35 35.62
N LEU D 354 2.22 20.34 34.88
CA LEU D 354 3.40 21.05 35.36
C LEU D 354 3.10 22.53 35.55
N VAL D 355 2.29 23.11 34.66
CA VAL D 355 1.77 24.45 34.88
C VAL D 355 0.45 24.61 34.13
N ALA D 356 -0.45 25.40 34.73
CA ALA D 356 -1.64 25.90 34.05
C ALA D 356 -1.52 27.42 34.11
N SER D 357 -1.09 28.02 33.00
CA SER D 357 -0.78 29.45 32.94
C SER D 357 -1.95 30.23 32.38
N ILE D 358 -2.38 31.25 33.12
CA ILE D 358 -3.48 32.12 32.74
C ILE D 358 -2.94 33.55 32.60
N GLN D 359 -2.95 34.09 31.38
CA GLN D 359 -2.52 35.46 31.13
C GLN D 359 -3.73 36.30 30.75
N VAL D 360 -3.94 37.41 31.45
CA VAL D 360 -5.17 38.19 31.31
C VAL D 360 -4.84 39.65 31.01
N ILE D 361 -5.57 40.20 30.04
CA ILE D 361 -5.69 41.65 29.87
C ILE D 361 -7.00 42.08 30.53
N PRO D 362 -6.96 42.85 31.62
CA PRO D 362 -8.20 43.29 32.27
C PRO D 362 -8.89 44.38 31.46
N LYS D 363 -10.21 44.49 31.66
CA LYS D 363 -10.88 45.68 31.12
C LYS D 363 -10.37 46.93 31.82
N PRO D 364 -10.34 48.07 31.12
CA PRO D 364 -9.93 49.31 31.77
C PRO D 364 -10.75 49.59 33.03
N GLY D 365 -10.05 50.06 34.06
CA GLY D 365 -10.63 50.28 35.37
C GLY D 365 -10.54 49.09 36.29
N HIS D 366 -9.99 47.97 35.81
CA HIS D 366 -9.84 46.76 36.60
C HIS D 366 -8.38 46.30 36.55
N SER D 367 -8.00 45.49 37.53
CA SER D 367 -6.71 44.82 37.52
C SER D 367 -6.91 43.33 37.72
N VAL D 368 -5.96 42.52 37.23
CA VAL D 368 -6.10 41.08 37.39
C VAL D 368 -5.99 40.70 38.86
N LYS D 369 -5.19 41.45 39.63
CA LYS D 369 -5.05 41.17 41.05
C LYS D 369 -6.42 41.12 41.74
N GLU D 370 -7.35 41.99 41.32
CA GLU D 370 -8.64 42.04 41.99
C GLU D 370 -9.45 40.75 41.79
N PHE D 371 -9.21 40.01 40.71
CA PHE D 371 -9.97 38.80 40.47
C PHE D 371 -9.09 37.58 40.23
N GLU D 372 -7.80 37.64 40.61
CA GLU D 372 -6.90 36.54 40.34
C GLU D 372 -7.31 35.26 41.06
N LYS D 373 -7.86 35.36 42.28
CA LYS D 373 -8.24 34.13 42.98
C LYS D 373 -9.44 33.46 42.32
N ASP D 374 -10.39 34.25 41.80
CA ASP D 374 -11.51 33.65 41.10
C ASP D 374 -11.06 33.03 39.78
N ALA D 375 -10.10 33.67 39.09
CA ALA D 375 -9.58 33.08 37.86
C ALA D 375 -8.90 31.75 38.15
N TYR D 376 -8.12 31.70 39.22
CA TYR D 376 -7.50 30.46 39.69
C TYR D 376 -8.56 29.39 39.94
N SER D 377 -9.65 29.77 40.62
CA SER D 377 -10.68 28.81 41.00
C SER D 377 -11.37 28.23 39.77
N ILE D 378 -11.58 29.05 38.73
CA ILE D 378 -12.18 28.54 37.50
C ILE D 378 -11.27 27.50 36.88
N ALA D 379 -9.97 27.79 36.81
CA ALA D 379 -9.03 26.82 36.26
C ALA D 379 -8.94 25.58 37.13
N ASP D 380 -8.94 25.76 38.44
CA ASP D 380 -8.82 24.63 39.35
C ASP D 380 -10.03 23.70 39.23
N GLU D 381 -11.22 24.28 39.09
CA GLU D 381 -12.43 23.44 39.03
C GLU D 381 -12.50 22.68 37.71
N TRP D 382 -12.05 23.29 36.62
CA TRP D 382 -12.01 22.59 35.34
C TRP D 382 -11.00 21.45 35.36
N LEU D 383 -9.82 21.68 35.95
CA LEU D 383 -8.83 20.62 36.04
C LEU D 383 -9.32 19.50 36.94
N ALA D 384 -10.02 19.85 38.02
CA ALA D 384 -10.58 18.83 38.90
C ALA D 384 -11.68 18.03 38.21
N ASN D 385 -12.27 18.58 37.15
CA ASN D 385 -13.34 17.91 36.40
C ASN D 385 -12.88 17.54 34.99
N ILE D 386 -11.58 17.30 34.83
CA ILE D 386 -11.00 17.08 33.51
C ILE D 386 -11.59 15.86 32.83
N THR D 387 -11.94 14.81 33.58
CA THR D 387 -12.50 13.62 32.95
C THR D 387 -13.84 13.91 32.28
N LYS D 388 -14.50 15.00 32.65
CA LYS D 388 -15.75 15.37 32.00
C LYS D 388 -15.52 15.63 30.51
N VAL D 389 -14.31 16.05 30.12
CA VAL D 389 -14.03 16.30 28.71
C VAL D 389 -14.12 15.00 27.92
N GLN D 390 -13.62 13.90 28.47
CA GLN D 390 -13.79 12.62 27.81
C GLN D 390 -15.25 12.39 27.48
N LYS D 391 -16.14 12.69 28.44
CA LYS D 391 -17.57 12.46 28.24
C LYS D 391 -18.12 13.36 27.15
N MET D 392 -17.70 14.64 27.15
CA MET D 392 -18.21 15.59 26.16
C MET D 392 -17.78 15.19 24.75
N ILE D 393 -16.60 14.57 24.61
CA ILE D 393 -16.12 14.15 23.30
C ILE D 393 -17.01 13.05 22.74
N LEU D 394 -17.29 12.03 23.57
CA LEU D 394 -18.05 10.87 23.11
C LEU D 394 -19.53 11.18 22.94
N GLU D 395 -20.05 12.19 23.63
CA GLU D 395 -21.41 12.64 23.41
C GLU D 395 -21.51 13.62 22.25
N ASP D 396 -20.44 13.77 21.45
CA ASP D 396 -20.45 14.65 20.28
C ASP D 396 -20.87 16.07 20.65
N LYS D 397 -20.43 16.55 21.81
CA LYS D 397 -20.80 17.87 22.27
C LYS D 397 -19.74 18.94 22.01
N ILE D 398 -18.51 18.58 21.62
CA ILE D 398 -17.47 19.56 21.37
C ILE D 398 -16.67 19.15 20.13
N SER D 399 -16.49 20.10 19.22
CA SER D 399 -15.67 19.92 18.03
C SER D 399 -14.19 20.10 18.36
N VAL D 400 -13.33 19.49 17.54
CA VAL D 400 -11.89 19.55 17.73
C VAL D 400 -11.19 20.17 16.53
N PHE D 401 -11.95 20.68 15.57
CA PHE D 401 -11.42 21.46 14.46
C PHE D 401 -12.55 22.24 13.83
#